data_4L0R
# 
_entry.id   4L0R 
# 
_audit_conform.dict_name       mmcif_pdbx.dic 
_audit_conform.dict_version    5.387 
_audit_conform.dict_location   http://mmcif.pdb.org/dictionaries/ascii/mmcif_pdbx.dic 
# 
loop_
_database_2.database_id 
_database_2.database_code 
_database_2.pdbx_database_accession 
_database_2.pdbx_DOI 
PDB   4L0R         pdb_00004l0r 10.2210/pdb4l0r/pdb 
RCSB  RCSB080035   ?            ?                   
WWPDB D_1000080035 ?            ?                   
# 
loop_
_pdbx_audit_revision_history.ordinal 
_pdbx_audit_revision_history.data_content_type 
_pdbx_audit_revision_history.major_revision 
_pdbx_audit_revision_history.minor_revision 
_pdbx_audit_revision_history.revision_date 
1 'Structure model' 1 0 2013-09-04 
2 'Structure model' 1 1 2024-02-28 
# 
_pdbx_audit_revision_details.ordinal             1 
_pdbx_audit_revision_details.revision_ordinal    1 
_pdbx_audit_revision_details.data_content_type   'Structure model' 
_pdbx_audit_revision_details.provider            repository 
_pdbx_audit_revision_details.type                'Initial release' 
_pdbx_audit_revision_details.description         ? 
_pdbx_audit_revision_details.details             ? 
# 
loop_
_pdbx_audit_revision_group.ordinal 
_pdbx_audit_revision_group.revision_ordinal 
_pdbx_audit_revision_group.data_content_type 
_pdbx_audit_revision_group.group 
1 2 'Structure model' 'Data collection'        
2 2 'Structure model' 'Database references'    
3 2 'Structure model' 'Refinement description' 
# 
loop_
_pdbx_audit_revision_category.ordinal 
_pdbx_audit_revision_category.revision_ordinal 
_pdbx_audit_revision_category.data_content_type 
_pdbx_audit_revision_category.category 
1 2 'Structure model' chem_comp_atom     
2 2 'Structure model' chem_comp_bond     
3 2 'Structure model' database_2         
4 2 'Structure model' struct_ncs_dom_lim 
5 2 'Structure model' struct_ref_seq_dif 
# 
loop_
_pdbx_audit_revision_item.ordinal 
_pdbx_audit_revision_item.revision_ordinal 
_pdbx_audit_revision_item.data_content_type 
_pdbx_audit_revision_item.item 
1  2 'Structure model' '_database_2.pdbx_DOI'                  
2  2 'Structure model' '_database_2.pdbx_database_accession'   
3  2 'Structure model' '_struct_ncs_dom_lim.beg_auth_comp_id'  
4  2 'Structure model' '_struct_ncs_dom_lim.beg_label_asym_id' 
5  2 'Structure model' '_struct_ncs_dom_lim.beg_label_comp_id' 
6  2 'Structure model' '_struct_ncs_dom_lim.beg_label_seq_id'  
7  2 'Structure model' '_struct_ncs_dom_lim.end_auth_comp_id'  
8  2 'Structure model' '_struct_ncs_dom_lim.end_label_asym_id' 
9  2 'Structure model' '_struct_ncs_dom_lim.end_label_comp_id' 
10 2 'Structure model' '_struct_ncs_dom_lim.end_label_seq_id'  
11 2 'Structure model' '_struct_ref_seq_dif.details'           
# 
_pdbx_database_status.status_code                     REL 
_pdbx_database_status.entry_id                        4L0R 
_pdbx_database_status.recvd_initial_deposition_date   2013-05-31 
_pdbx_database_status.deposit_site                    RCSB 
_pdbx_database_status.process_site                    RCSB 
_pdbx_database_status.status_code_sf                  REL 
_pdbx_database_status.status_code_mr                  ? 
_pdbx_database_status.SG_entry                        Y 
_pdbx_database_status.status_code_cs                  ? 
_pdbx_database_status.methods_development_category    ? 
_pdbx_database_status.pdb_format_compatible           Y 
_pdbx_database_status.status_code_nmr_data            ? 
# 
_pdbx_database_related.db_name        TargetTrack 
_pdbx_database_related.db_id          NESG-HR9027A 
_pdbx_database_related.details        . 
_pdbx_database_related.content_type   unspecified 
# 
loop_
_audit_author.name 
_audit_author.pdbx_ordinal 
'Seetharaman, J.'                                 1  
'Lew, S.'                                         2  
'Su, M.'                                          3  
'Ciccosanti, C.'                                  4  
'Sahdev, S.'                                      5  
'Acton, T.B.'                                     6  
'Xiao, R.'                                        7  
'Everett, J.K.'                                   8  
'Montelione, G.T.'                                9  
'Hunt, J.F.'                                      10 
'Tong, L.'                                        11 
'Northeast Structural Genomics Consortium (NESG)' 12 
# 
_citation.id                        primary 
_citation.title                     
'Crystal structure of FGF2-interacting protein from Homo sapiens. Northeast Structural Genomics consortium id HR9027A' 
_citation.journal_abbrev            'To be Published' 
_citation.journal_volume            ? 
_citation.page_first                ? 
_citation.page_last                 ? 
_citation.year                      ? 
_citation.journal_id_ASTM           ? 
_citation.country                   ? 
_citation.journal_id_ISSN           ? 
_citation.journal_id_CSD            0353 
_citation.book_publisher            ? 
_citation.pdbx_database_id_PubMed   ? 
_citation.pdbx_database_id_DOI      ? 
# 
loop_
_citation_author.citation_id 
_citation_author.name 
_citation_author.ordinal 
_citation_author.identifier_ORCID 
primary 'Seetharaman, J.'                                 1  ? 
primary 'Lew, S.'                                         2  ? 
primary 'Su, M.'                                          3  ? 
primary 'Ciccosanti, C.'                                  4  ? 
primary 'Sahdev, S.'                                      5  ? 
primary 'Acton, T.B.'                                     6  ? 
primary 'Xiao, R.'                                        7  ? 
primary 'Everett, J.K.'                                   8  ? 
primary 'Montelione, G.T.'                                9  ? 
primary 'Hunt, J.F.'                                      10 ? 
primary 'Tong, L.'                                        11 ? 
primary 'Northeast Structural Genomics Consortium (NESG)' 12 ? 
# 
loop_
_entity.id 
_entity.type 
_entity.src_method 
_entity.pdbx_description 
_entity.formula_weight 
_entity.pdbx_number_of_molecules 
_entity.pdbx_ec 
_entity.pdbx_mutation 
_entity.pdbx_fragment 
_entity.details 
1 polymer man 'Centrosomal protein of 57 kDa' 12690.426 2  ? ? 'UNP residues 334-433' ? 
2 water   nat water                           18.015    59 ? ? ?                      ? 
# 
_entity_name_com.entity_id   1 
_entity_name_com.name        'Cep57, FGF2-interacting protein, Testis-specific protein 57, Translokin' 
# 
_entity_poly.entity_id                      1 
_entity_poly.type                           'polypeptide(L)' 
_entity_poly.nstd_linkage                   no 
_entity_poly.nstd_monomer                   no 
_entity_poly.pdbx_seq_one_letter_code       
;MGHHHHHHSHMKQVSSRGGKSKKLSVTPPSSNGINEELSEVLQTLQDEFGQMSFDHQQLAKLIQESPTVELKDKLECELE
ALVGRMEAKANQITKVRKYQAQLEKQKLEKQ
;
_entity_poly.pdbx_seq_one_letter_code_can   
;MGHHHHHHSHMKQVSSRGGKSKKLSVTPPSSNGINEELSEVLQTLQDEFGQMSFDHQQLAKLIQESPTVELKDKLECELE
ALVGRMEAKANQITKVRKYQAQLEKQKLEKQ
;
_entity_poly.pdbx_strand_id                 A,B 
_entity_poly.pdbx_target_identifier         NESG-HR9027A 
# 
_pdbx_entity_nonpoly.entity_id   2 
_pdbx_entity_nonpoly.name        water 
_pdbx_entity_nonpoly.comp_id     HOH 
# 
loop_
_entity_poly_seq.entity_id 
_entity_poly_seq.num 
_entity_poly_seq.mon_id 
_entity_poly_seq.hetero 
1 1   MET n 
1 2   GLY n 
1 3   HIS n 
1 4   HIS n 
1 5   HIS n 
1 6   HIS n 
1 7   HIS n 
1 8   HIS n 
1 9   SER n 
1 10  HIS n 
1 11  MET n 
1 12  LYS n 
1 13  GLN n 
1 14  VAL n 
1 15  SER n 
1 16  SER n 
1 17  ARG n 
1 18  GLY n 
1 19  GLY n 
1 20  LYS n 
1 21  SER n 
1 22  LYS n 
1 23  LYS n 
1 24  LEU n 
1 25  SER n 
1 26  VAL n 
1 27  THR n 
1 28  PRO n 
1 29  PRO n 
1 30  SER n 
1 31  SER n 
1 32  ASN n 
1 33  GLY n 
1 34  ILE n 
1 35  ASN n 
1 36  GLU n 
1 37  GLU n 
1 38  LEU n 
1 39  SER n 
1 40  GLU n 
1 41  VAL n 
1 42  LEU n 
1 43  GLN n 
1 44  THR n 
1 45  LEU n 
1 46  GLN n 
1 47  ASP n 
1 48  GLU n 
1 49  PHE n 
1 50  GLY n 
1 51  GLN n 
1 52  MET n 
1 53  SER n 
1 54  PHE n 
1 55  ASP n 
1 56  HIS n 
1 57  GLN n 
1 58  GLN n 
1 59  LEU n 
1 60  ALA n 
1 61  LYS n 
1 62  LEU n 
1 63  ILE n 
1 64  GLN n 
1 65  GLU n 
1 66  SER n 
1 67  PRO n 
1 68  THR n 
1 69  VAL n 
1 70  GLU n 
1 71  LEU n 
1 72  LYS n 
1 73  ASP n 
1 74  LYS n 
1 75  LEU n 
1 76  GLU n 
1 77  CYS n 
1 78  GLU n 
1 79  LEU n 
1 80  GLU n 
1 81  ALA n 
1 82  LEU n 
1 83  VAL n 
1 84  GLY n 
1 85  ARG n 
1 86  MET n 
1 87  GLU n 
1 88  ALA n 
1 89  LYS n 
1 90  ALA n 
1 91  ASN n 
1 92  GLN n 
1 93  ILE n 
1 94  THR n 
1 95  LYS n 
1 96  VAL n 
1 97  ARG n 
1 98  LYS n 
1 99  TYR n 
1 100 GLN n 
1 101 ALA n 
1 102 GLN n 
1 103 LEU n 
1 104 GLU n 
1 105 LYS n 
1 106 GLN n 
1 107 LYS n 
1 108 LEU n 
1 109 GLU n 
1 110 LYS n 
1 111 GLN n 
# 
_entity_src_gen.entity_id                          1 
_entity_src_gen.pdbx_src_id                        1 
_entity_src_gen.pdbx_alt_source_flag               sample 
_entity_src_gen.pdbx_seq_type                      ? 
_entity_src_gen.pdbx_beg_seq_num                   ? 
_entity_src_gen.pdbx_end_seq_num                   ? 
_entity_src_gen.gene_src_common_name               human 
_entity_src_gen.gene_src_genus                     ? 
_entity_src_gen.pdbx_gene_src_gene                 'CEP57, KIAA0092, TSP57' 
_entity_src_gen.gene_src_species                   ? 
_entity_src_gen.gene_src_strain                    ? 
_entity_src_gen.gene_src_tissue                    ? 
_entity_src_gen.gene_src_tissue_fraction           ? 
_entity_src_gen.gene_src_details                   ? 
_entity_src_gen.pdbx_gene_src_fragment             ? 
_entity_src_gen.pdbx_gene_src_scientific_name      'Homo sapiens' 
_entity_src_gen.pdbx_gene_src_ncbi_taxonomy_id     9606 
_entity_src_gen.pdbx_gene_src_variant              ? 
_entity_src_gen.pdbx_gene_src_cell_line            ? 
_entity_src_gen.pdbx_gene_src_atcc                 ? 
_entity_src_gen.pdbx_gene_src_organ                ? 
_entity_src_gen.pdbx_gene_src_organelle            ? 
_entity_src_gen.pdbx_gene_src_cell                 ? 
_entity_src_gen.pdbx_gene_src_cellular_location    ? 
_entity_src_gen.host_org_common_name               ? 
_entity_src_gen.pdbx_host_org_scientific_name      'Escherichia coli' 
_entity_src_gen.pdbx_host_org_ncbi_taxonomy_id     562 
_entity_src_gen.host_org_genus                     ? 
_entity_src_gen.pdbx_host_org_gene                 ? 
_entity_src_gen.pdbx_host_org_organ                ? 
_entity_src_gen.host_org_species                   ? 
_entity_src_gen.pdbx_host_org_tissue               ? 
_entity_src_gen.pdbx_host_org_tissue_fraction      ? 
_entity_src_gen.pdbx_host_org_strain               ? 
_entity_src_gen.pdbx_host_org_variant              ? 
_entity_src_gen.pdbx_host_org_cell_line            ? 
_entity_src_gen.pdbx_host_org_atcc                 ? 
_entity_src_gen.pdbx_host_org_culture_collection   ? 
_entity_src_gen.pdbx_host_org_cell                 ? 
_entity_src_gen.pdbx_host_org_organelle            ? 
_entity_src_gen.pdbx_host_org_cellular_location    ? 
_entity_src_gen.pdbx_host_org_vector_type          ? 
_entity_src_gen.pdbx_host_org_vector               ? 
_entity_src_gen.host_org_details                   ? 
_entity_src_gen.expression_system_id               ? 
_entity_src_gen.plasmid_name                       ? 
_entity_src_gen.plasmid_details                    ? 
_entity_src_gen.pdbx_description                   ? 
# 
loop_
_chem_comp.id 
_chem_comp.type 
_chem_comp.mon_nstd_flag 
_chem_comp.name 
_chem_comp.pdbx_synonyms 
_chem_comp.formula 
_chem_comp.formula_weight 
ALA 'L-peptide linking' y ALANINE         ? 'C3 H7 N O2'     89.093  
ARG 'L-peptide linking' y ARGININE        ? 'C6 H15 N4 O2 1' 175.209 
ASN 'L-peptide linking' y ASPARAGINE      ? 'C4 H8 N2 O3'    132.118 
ASP 'L-peptide linking' y 'ASPARTIC ACID' ? 'C4 H7 N O4'     133.103 
CYS 'L-peptide linking' y CYSTEINE        ? 'C3 H7 N O2 S'   121.158 
GLN 'L-peptide linking' y GLUTAMINE       ? 'C5 H10 N2 O3'   146.144 
GLU 'L-peptide linking' y 'GLUTAMIC ACID' ? 'C5 H9 N O4'     147.129 
GLY 'peptide linking'   y GLYCINE         ? 'C2 H5 N O2'     75.067  
HIS 'L-peptide linking' y HISTIDINE       ? 'C6 H10 N3 O2 1' 156.162 
HOH non-polymer         . WATER           ? 'H2 O'           18.015  
ILE 'L-peptide linking' y ISOLEUCINE      ? 'C6 H13 N O2'    131.173 
LEU 'L-peptide linking' y LEUCINE         ? 'C6 H13 N O2'    131.173 
LYS 'L-peptide linking' y LYSINE          ? 'C6 H15 N2 O2 1' 147.195 
MET 'L-peptide linking' y METHIONINE      ? 'C5 H11 N O2 S'  149.211 
PHE 'L-peptide linking' y PHENYLALANINE   ? 'C9 H11 N O2'    165.189 
PRO 'L-peptide linking' y PROLINE         ? 'C5 H9 N O2'     115.130 
SER 'L-peptide linking' y SERINE          ? 'C3 H7 N O3'     105.093 
THR 'L-peptide linking' y THREONINE       ? 'C4 H9 N O3'     119.119 
TYR 'L-peptide linking' y TYROSINE        ? 'C9 H11 N O3'    181.189 
VAL 'L-peptide linking' y VALINE          ? 'C5 H11 N O2'    117.146 
# 
loop_
_pdbx_poly_seq_scheme.asym_id 
_pdbx_poly_seq_scheme.entity_id 
_pdbx_poly_seq_scheme.seq_id 
_pdbx_poly_seq_scheme.mon_id 
_pdbx_poly_seq_scheme.ndb_seq_num 
_pdbx_poly_seq_scheme.pdb_seq_num 
_pdbx_poly_seq_scheme.auth_seq_num 
_pdbx_poly_seq_scheme.pdb_mon_id 
_pdbx_poly_seq_scheme.auth_mon_id 
_pdbx_poly_seq_scheme.pdb_strand_id 
_pdbx_poly_seq_scheme.pdb_ins_code 
_pdbx_poly_seq_scheme.hetero 
A 1 1   MET 1   1   ?   ?   ?   A . n 
A 1 2   GLY 2   2   ?   ?   ?   A . n 
A 1 3   HIS 3   3   ?   ?   ?   A . n 
A 1 4   HIS 4   4   ?   ?   ?   A . n 
A 1 5   HIS 5   5   ?   ?   ?   A . n 
A 1 6   HIS 6   6   ?   ?   ?   A . n 
A 1 7   HIS 7   7   ?   ?   ?   A . n 
A 1 8   HIS 8   8   ?   ?   ?   A . n 
A 1 9   SER 9   9   ?   ?   ?   A . n 
A 1 10  HIS 10  10  ?   ?   ?   A . n 
A 1 11  MET 11  11  ?   ?   ?   A . n 
A 1 12  LYS 12  12  ?   ?   ?   A . n 
A 1 13  GLN 13  13  ?   ?   ?   A . n 
A 1 14  VAL 14  14  ?   ?   ?   A . n 
A 1 15  SER 15  15  ?   ?   ?   A . n 
A 1 16  SER 16  16  ?   ?   ?   A . n 
A 1 17  ARG 17  17  ?   ?   ?   A . n 
A 1 18  GLY 18  18  ?   ?   ?   A . n 
A 1 19  GLY 19  19  ?   ?   ?   A . n 
A 1 20  LYS 20  20  ?   ?   ?   A . n 
A 1 21  SER 21  21  ?   ?   ?   A . n 
A 1 22  LYS 22  22  ?   ?   ?   A . n 
A 1 23  LYS 23  23  ?   ?   ?   A . n 
A 1 24  LEU 24  24  ?   ?   ?   A . n 
A 1 25  SER 25  25  ?   ?   ?   A . n 
A 1 26  VAL 26  26  ?   ?   ?   A . n 
A 1 27  THR 27  27  ?   ?   ?   A . n 
A 1 28  PRO 28  28  ?   ?   ?   A . n 
A 1 29  PRO 29  29  ?   ?   ?   A . n 
A 1 30  SER 30  30  ?   ?   ?   A . n 
A 1 31  SER 31  31  ?   ?   ?   A . n 
A 1 32  ASN 32  32  ?   ?   ?   A . n 
A 1 33  GLY 33  33  33  GLY GLY A . n 
A 1 34  ILE 34  34  34  ILE ILE A . n 
A 1 35  ASN 35  35  35  ASN ASN A . n 
A 1 36  GLU 36  36  36  GLU GLU A . n 
A 1 37  GLU 37  37  37  GLU GLU A . n 
A 1 38  LEU 38  38  38  LEU LEU A . n 
A 1 39  SER 39  39  39  SER SER A . n 
A 1 40  GLU 40  40  40  GLU GLU A . n 
A 1 41  VAL 41  41  41  VAL VAL A . n 
A 1 42  LEU 42  42  42  LEU LEU A . n 
A 1 43  GLN 43  43  43  GLN GLN A . n 
A 1 44  THR 44  44  44  THR THR A . n 
A 1 45  LEU 45  45  45  LEU LEU A . n 
A 1 46  GLN 46  46  46  GLN GLN A . n 
A 1 47  ASP 47  47  47  ASP ASP A . n 
A 1 48  GLU 48  48  48  GLU GLU A . n 
A 1 49  PHE 49  49  49  PHE PHE A . n 
A 1 50  GLY 50  50  50  GLY GLY A . n 
A 1 51  GLN 51  51  51  GLN GLN A . n 
A 1 52  MET 52  52  52  MET MET A . n 
A 1 53  SER 53  53  53  SER SER A . n 
A 1 54  PHE 54  54  54  PHE PHE A . n 
A 1 55  ASP 55  55  55  ASP ASP A . n 
A 1 56  HIS 56  56  56  HIS HIS A . n 
A 1 57  GLN 57  57  57  GLN GLN A . n 
A 1 58  GLN 58  58  58  GLN GLN A . n 
A 1 59  LEU 59  59  59  LEU LEU A . n 
A 1 60  ALA 60  60  60  ALA ALA A . n 
A 1 61  LYS 61  61  61  LYS LYS A . n 
A 1 62  LEU 62  62  62  LEU LEU A . n 
A 1 63  ILE 63  63  63  ILE ILE A . n 
A 1 64  GLN 64  64  64  GLN GLN A . n 
A 1 65  GLU 65  65  65  GLU GLU A . n 
A 1 66  SER 66  66  66  SER SER A . n 
A 1 67  PRO 67  67  67  PRO PRO A . n 
A 1 68  THR 68  68  68  THR THR A . n 
A 1 69  VAL 69  69  69  VAL VAL A . n 
A 1 70  GLU 70  70  70  GLU GLU A . n 
A 1 71  LEU 71  71  71  LEU LEU A . n 
A 1 72  LYS 72  72  72  LYS LYS A . n 
A 1 73  ASP 73  73  73  ASP ASP A . n 
A 1 74  LYS 74  74  74  LYS LYS A . n 
A 1 75  LEU 75  75  75  LEU LEU A . n 
A 1 76  GLU 76  76  76  GLU GLU A . n 
A 1 77  CYS 77  77  77  CYS CYS A . n 
A 1 78  GLU 78  78  78  GLU GLU A . n 
A 1 79  LEU 79  79  79  LEU LEU A . n 
A 1 80  GLU 80  80  80  GLU GLU A . n 
A 1 81  ALA 81  81  81  ALA ALA A . n 
A 1 82  LEU 82  82  82  LEU LEU A . n 
A 1 83  VAL 83  83  83  VAL VAL A . n 
A 1 84  GLY 84  84  84  GLY GLY A . n 
A 1 85  ARG 85  85  85  ARG ARG A . n 
A 1 86  MET 86  86  86  MET MET A . n 
A 1 87  GLU 87  87  87  GLU GLU A . n 
A 1 88  ALA 88  88  88  ALA ALA A . n 
A 1 89  LYS 89  89  89  LYS LYS A . n 
A 1 90  ALA 90  90  90  ALA ALA A . n 
A 1 91  ASN 91  91  91  ASN ASN A . n 
A 1 92  GLN 92  92  92  GLN GLN A . n 
A 1 93  ILE 93  93  93  ILE ILE A . n 
A 1 94  THR 94  94  94  THR THR A . n 
A 1 95  LYS 95  95  95  LYS LYS A . n 
A 1 96  VAL 96  96  96  VAL VAL A . n 
A 1 97  ARG 97  97  97  ARG ARG A . n 
A 1 98  LYS 98  98  98  LYS LYS A . n 
A 1 99  TYR 99  99  99  TYR TYR A . n 
A 1 100 GLN 100 100 100 GLN GLN A . n 
A 1 101 ALA 101 101 101 ALA ALA A . n 
A 1 102 GLN 102 102 102 GLN GLN A . n 
A 1 103 LEU 103 103 103 LEU LEU A . n 
A 1 104 GLU 104 104 104 GLU GLU A . n 
A 1 105 LYS 105 105 105 LYS LYS A . n 
A 1 106 GLN 106 106 106 GLN GLN A . n 
A 1 107 LYS 107 107 ?   ?   ?   A . n 
A 1 108 LEU 108 108 ?   ?   ?   A . n 
A 1 109 GLU 109 109 ?   ?   ?   A . n 
A 1 110 LYS 110 110 ?   ?   ?   A . n 
A 1 111 GLN 111 111 ?   ?   ?   A . n 
B 1 1   MET 1   1   ?   ?   ?   B . n 
B 1 2   GLY 2   2   ?   ?   ?   B . n 
B 1 3   HIS 3   3   ?   ?   ?   B . n 
B 1 4   HIS 4   4   ?   ?   ?   B . n 
B 1 5   HIS 5   5   ?   ?   ?   B . n 
B 1 6   HIS 6   6   ?   ?   ?   B . n 
B 1 7   HIS 7   7   ?   ?   ?   B . n 
B 1 8   HIS 8   8   ?   ?   ?   B . n 
B 1 9   SER 9   9   ?   ?   ?   B . n 
B 1 10  HIS 10  10  ?   ?   ?   B . n 
B 1 11  MET 11  11  ?   ?   ?   B . n 
B 1 12  LYS 12  12  ?   ?   ?   B . n 
B 1 13  GLN 13  13  ?   ?   ?   B . n 
B 1 14  VAL 14  14  ?   ?   ?   B . n 
B 1 15  SER 15  15  ?   ?   ?   B . n 
B 1 16  SER 16  16  ?   ?   ?   B . n 
B 1 17  ARG 17  17  ?   ?   ?   B . n 
B 1 18  GLY 18  18  ?   ?   ?   B . n 
B 1 19  GLY 19  19  ?   ?   ?   B . n 
B 1 20  LYS 20  20  ?   ?   ?   B . n 
B 1 21  SER 21  21  ?   ?   ?   B . n 
B 1 22  LYS 22  22  ?   ?   ?   B . n 
B 1 23  LYS 23  23  ?   ?   ?   B . n 
B 1 24  LEU 24  24  ?   ?   ?   B . n 
B 1 25  SER 25  25  ?   ?   ?   B . n 
B 1 26  VAL 26  26  ?   ?   ?   B . n 
B 1 27  THR 27  27  ?   ?   ?   B . n 
B 1 28  PRO 28  28  ?   ?   ?   B . n 
B 1 29  PRO 29  29  ?   ?   ?   B . n 
B 1 30  SER 30  30  ?   ?   ?   B . n 
B 1 31  SER 31  31  ?   ?   ?   B . n 
B 1 32  ASN 32  32  ?   ?   ?   B . n 
B 1 33  GLY 33  33  33  GLY GLY B . n 
B 1 34  ILE 34  34  34  ILE ILE B . n 
B 1 35  ASN 35  35  35  ASN ASN B . n 
B 1 36  GLU 36  36  36  GLU GLU B . n 
B 1 37  GLU 37  37  37  GLU GLU B . n 
B 1 38  LEU 38  38  38  LEU LEU B . n 
B 1 39  SER 39  39  39  SER SER B . n 
B 1 40  GLU 40  40  40  GLU GLU B . n 
B 1 41  VAL 41  41  41  VAL VAL B . n 
B 1 42  LEU 42  42  42  LEU LEU B . n 
B 1 43  GLN 43  43  43  GLN GLN B . n 
B 1 44  THR 44  44  44  THR THR B . n 
B 1 45  LEU 45  45  45  LEU LEU B . n 
B 1 46  GLN 46  46  46  GLN GLN B . n 
B 1 47  ASP 47  47  47  ASP ASP B . n 
B 1 48  GLU 48  48  48  GLU GLU B . n 
B 1 49  PHE 49  49  49  PHE PHE B . n 
B 1 50  GLY 50  50  50  GLY GLY B . n 
B 1 51  GLN 51  51  51  GLN GLN B . n 
B 1 52  MET 52  52  52  MET MET B . n 
B 1 53  SER 53  53  53  SER SER B . n 
B 1 54  PHE 54  54  54  PHE PHE B . n 
B 1 55  ASP 55  55  55  ASP ASP B . n 
B 1 56  HIS 56  56  56  HIS HIS B . n 
B 1 57  GLN 57  57  57  GLN GLN B . n 
B 1 58  GLN 58  58  58  GLN GLN B . n 
B 1 59  LEU 59  59  59  LEU LEU B . n 
B 1 60  ALA 60  60  60  ALA ALA B . n 
B 1 61  LYS 61  61  61  LYS LYS B . n 
B 1 62  LEU 62  62  62  LEU LEU B . n 
B 1 63  ILE 63  63  63  ILE ILE B . n 
B 1 64  GLN 64  64  64  GLN GLN B . n 
B 1 65  GLU 65  65  65  GLU GLU B . n 
B 1 66  SER 66  66  66  SER SER B . n 
B 1 67  PRO 67  67  67  PRO PRO B . n 
B 1 68  THR 68  68  68  THR THR B . n 
B 1 69  VAL 69  69  69  VAL VAL B . n 
B 1 70  GLU 70  70  70  GLU GLU B . n 
B 1 71  LEU 71  71  71  LEU LEU B . n 
B 1 72  LYS 72  72  72  LYS LYS B . n 
B 1 73  ASP 73  73  73  ASP ASP B . n 
B 1 74  LYS 74  74  74  LYS LYS B . n 
B 1 75  LEU 75  75  75  LEU LEU B . n 
B 1 76  GLU 76  76  76  GLU GLU B . n 
B 1 77  CYS 77  77  77  CYS CYS B . n 
B 1 78  GLU 78  78  78  GLU GLU B . n 
B 1 79  LEU 79  79  79  LEU LEU B . n 
B 1 80  GLU 80  80  80  GLU GLU B . n 
B 1 81  ALA 81  81  81  ALA ALA B . n 
B 1 82  LEU 82  82  82  LEU LEU B . n 
B 1 83  VAL 83  83  83  VAL VAL B . n 
B 1 84  GLY 84  84  84  GLY GLY B . n 
B 1 85  ARG 85  85  85  ARG ARG B . n 
B 1 86  MET 86  86  86  MET MET B . n 
B 1 87  GLU 87  87  87  GLU GLU B . n 
B 1 88  ALA 88  88  88  ALA ALA B . n 
B 1 89  LYS 89  89  89  LYS LYS B . n 
B 1 90  ALA 90  90  90  ALA ALA B . n 
B 1 91  ASN 91  91  91  ASN ASN B . n 
B 1 92  GLN 92  92  92  GLN GLN B . n 
B 1 93  ILE 93  93  93  ILE ILE B . n 
B 1 94  THR 94  94  94  THR THR B . n 
B 1 95  LYS 95  95  95  LYS LYS B . n 
B 1 96  VAL 96  96  96  VAL VAL B . n 
B 1 97  ARG 97  97  97  ARG ARG B . n 
B 1 98  LYS 98  98  98  LYS LYS B . n 
B 1 99  TYR 99  99  99  TYR TYR B . n 
B 1 100 GLN 100 100 100 GLN GLN B . n 
B 1 101 ALA 101 101 101 ALA ALA B . n 
B 1 102 GLN 102 102 102 GLN GLN B . n 
B 1 103 LEU 103 103 103 LEU LEU B . n 
B 1 104 GLU 104 104 104 GLU GLU B . n 
B 1 105 LYS 105 105 105 LYS LYS B . n 
B 1 106 GLN 106 106 ?   ?   ?   B . n 
B 1 107 LYS 107 107 ?   ?   ?   B . n 
B 1 108 LEU 108 108 ?   ?   ?   B . n 
B 1 109 GLU 109 109 ?   ?   ?   B . n 
B 1 110 LYS 110 110 ?   ?   ?   B . n 
B 1 111 GLN 111 111 ?   ?   ?   B . n 
# 
loop_
_pdbx_nonpoly_scheme.asym_id 
_pdbx_nonpoly_scheme.entity_id 
_pdbx_nonpoly_scheme.mon_id 
_pdbx_nonpoly_scheme.ndb_seq_num 
_pdbx_nonpoly_scheme.pdb_seq_num 
_pdbx_nonpoly_scheme.auth_seq_num 
_pdbx_nonpoly_scheme.pdb_mon_id 
_pdbx_nonpoly_scheme.auth_mon_id 
_pdbx_nonpoly_scheme.pdb_strand_id 
_pdbx_nonpoly_scheme.pdb_ins_code 
C 2 HOH 1  201 6  HOH HOH A . 
C 2 HOH 2  202 9  HOH HOH A . 
C 2 HOH 3  203 12 HOH HOH A . 
C 2 HOH 4  204 13 HOH HOH A . 
C 2 HOH 5  205 15 HOH HOH A . 
C 2 HOH 6  206 16 HOH HOH A . 
C 2 HOH 7  207 20 HOH HOH A . 
C 2 HOH 8  208 23 HOH HOH A . 
C 2 HOH 9  209 25 HOH HOH A . 
C 2 HOH 10 210 27 HOH HOH A . 
C 2 HOH 11 211 29 HOH HOH A . 
C 2 HOH 12 212 3  HOH HOH A . 
C 2 HOH 13 213 4  HOH HOH A . 
C 2 HOH 14 214 5  HOH HOH A . 
C 2 HOH 15 215 6  HOH HOH A . 
C 2 HOH 16 216 7  HOH HOH A . 
C 2 HOH 17 217 25 HOH HOH A . 
C 2 HOH 18 218 68 HOH HOH A . 
C 2 HOH 19 219 4  HOH HOH A . 
C 2 HOH 20 220 16 HOH HOH A . 
C 2 HOH 21 221 49 HOH HOH A . 
C 2 HOH 22 222 71 HOH HOH A . 
C 2 HOH 23 223 3  HOH HOH A . 
C 2 HOH 24 224 6  HOH HOH A . 
C 2 HOH 25 225 8  HOH HOH A . 
C 2 HOH 26 226 2  HOH HOH A . 
C 2 HOH 27 227 14 HOH HOH A . 
C 2 HOH 28 228 18 HOH HOH A . 
C 2 HOH 29 229 1  HOH HOH A . 
C 2 HOH 30 230 4  HOH HOH A . 
C 2 HOH 31 231 29 HOH HOH A . 
D 2 HOH 1  201 1  HOH HOH B . 
D 2 HOH 2  202 2  HOH HOH B . 
D 2 HOH 3  203 5  HOH HOH B . 
D 2 HOH 4  204 7  HOH HOH B . 
D 2 HOH 5  205 8  HOH HOH B . 
D 2 HOH 6  206 11 HOH HOH B . 
D 2 HOH 7  207 14 HOH HOH B . 
D 2 HOH 8  208 18 HOH HOH B . 
D 2 HOH 9  209 19 HOH HOH B . 
D 2 HOH 10 210 22 HOH HOH B . 
D 2 HOH 11 211 24 HOH HOH B . 
D 2 HOH 12 212 26 HOH HOH B . 
D 2 HOH 13 213 15 HOH HOH B . 
D 2 HOH 14 214 45 HOH HOH B . 
D 2 HOH 15 215 51 HOH HOH B . 
D 2 HOH 16 216 66 HOH HOH B . 
D 2 HOH 17 217 67 HOH HOH B . 
D 2 HOH 18 218 1  HOH HOH B . 
D 2 HOH 19 219 3  HOH HOH B . 
D 2 HOH 20 220 9  HOH HOH B . 
D 2 HOH 21 221 10 HOH HOH B . 
D 2 HOH 22 222 21 HOH HOH B . 
D 2 HOH 23 223 9  HOH HOH B . 
D 2 HOH 24 224 11 HOH HOH B . 
D 2 HOH 25 225 23 HOH HOH B . 
D 2 HOH 26 226 6  HOH HOH B . 
D 2 HOH 27 227 34 HOH HOH B . 
D 2 HOH 28 228 54 HOH HOH B . 
# 
loop_
_software.name 
_software.classification 
_software.version 
_software.citation_id 
_software.pdbx_ordinal 
ADSC     'data collection' Quantum  ? 1 
SHELXS   phasing           .        ? 2 
REFMAC   refinement        5.7.0029 ? 3 
HKL-2000 'data reduction'  .        ? 4 
HKL-2000 'data scaling'    .        ? 5 
# 
_cell.entry_id           4L0R 
_cell.length_a           117.121 
_cell.length_b           70.097 
_cell.length_c           31.331 
_cell.angle_alpha        90.00 
_cell.angle_beta         94.81 
_cell.angle_gamma        90.00 
_cell.Z_PDB              8 
_cell.pdbx_unique_axis   ? 
_cell.length_a_esd       ? 
_cell.length_b_esd       ? 
_cell.length_c_esd       ? 
_cell.angle_alpha_esd    ? 
_cell.angle_beta_esd     ? 
_cell.angle_gamma_esd    ? 
# 
_symmetry.entry_id                         4L0R 
_symmetry.space_group_name_H-M             'C 1 2 1' 
_symmetry.pdbx_full_space_group_name_H-M   ? 
_symmetry.cell_setting                     ? 
_symmetry.Int_Tables_number                5 
_symmetry.space_group_name_Hall            ? 
# 
_exptl.entry_id          4L0R 
_exptl.method            'X-RAY DIFFRACTION' 
_exptl.crystals_number   1 
# 
_exptl_crystal.id                    1 
_exptl_crystal.density_meas          ? 
_exptl_crystal.density_Matthews      2.52 
_exptl_crystal.density_percent_sol   51.28 
_exptl_crystal.description           ? 
_exptl_crystal.F_000                 ? 
_exptl_crystal.preparation           ? 
# 
_exptl_crystal_grow.crystal_id      1 
_exptl_crystal_grow.method          'Microbatch under oil' 
_exptl_crystal_grow.temp            293 
_exptl_crystal_grow.temp_details    ? 
_exptl_crystal_grow.pH              6 
_exptl_crystal_grow.pdbx_pH_range   ? 
_exptl_crystal_grow.pdbx_details    '0.1 M KAcetate, 0.1 M MES, PEG 1000 40% (w/v), pH 6, Microbatch under oil, temperature 293K' 
# 
_diffrn.id                     1 
_diffrn.ambient_temp           100 
_diffrn.ambient_temp_details   ? 
_diffrn.crystal_id             1 
# 
_diffrn_detector.diffrn_id              1 
_diffrn_detector.detector               CCD 
_diffrn_detector.type                   'ADSC QUANTUM 4r' 
_diffrn_detector.pdbx_collection_date   2013-04-12 
_diffrn_detector.details                ? 
# 
_diffrn_radiation.diffrn_id                        1 
_diffrn_radiation.wavelength_id                    1 
_diffrn_radiation.pdbx_monochromatic_or_laue_m_l   M 
_diffrn_radiation.monochromator                    ? 
_diffrn_radiation.pdbx_diffrn_protocol             'SINGLE WAVELENGTH' 
_diffrn_radiation.pdbx_scattering_type             x-ray 
# 
_diffrn_radiation_wavelength.id           1 
_diffrn_radiation_wavelength.wavelength   0.979 
_diffrn_radiation_wavelength.wt           1.0 
# 
_diffrn_source.diffrn_id                   1 
_diffrn_source.source                      SYNCHROTRON 
_diffrn_source.type                        'NSLS BEAMLINE X4A' 
_diffrn_source.pdbx_synchrotron_site       NSLS 
_diffrn_source.pdbx_synchrotron_beamline   X4A 
_diffrn_source.pdbx_wavelength             ? 
_diffrn_source.pdbx_wavelength_list        0.979 
# 
_reflns.pdbx_diffrn_id               1 
_reflns.pdbx_ordinal                 1 
_reflns.entry_id                     4L0R 
_reflns.observed_criterion_sigma_I   0 
_reflns.observed_criterion_sigma_F   0 
_reflns.d_resolution_low             50 
_reflns.d_resolution_high            2.5 
_reflns.number_obs                   8351 
_reflns.number_all                   8715 
_reflns.percent_possible_obs         95.9 
_reflns.pdbx_Rmerge_I_obs            0.095 
_reflns.pdbx_Rsym_value              0.079 
_reflns.pdbx_netI_over_sigmaI        11.1 
_reflns.B_iso_Wilson_estimate        ? 
_reflns.pdbx_redundancy              5.3 
_reflns.R_free_details               ? 
_reflns.limit_h_max                  ? 
_reflns.limit_h_min                  ? 
_reflns.limit_k_max                  ? 
_reflns.limit_k_min                  ? 
_reflns.limit_l_max                  ? 
_reflns.limit_l_min                  ? 
_reflns.observed_criterion_F_max     ? 
_reflns.observed_criterion_F_min     ? 
_reflns.pdbx_chi_squared             ? 
_reflns.pdbx_scaling_rejects         ? 
# 
_reflns_shell.pdbx_diffrn_id         1 
_reflns_shell.pdbx_ordinal           1 
_reflns_shell.d_res_high             2.5 
_reflns_shell.d_res_low              2.59 
_reflns_shell.percent_possible_all   79.3 
_reflns_shell.Rmerge_I_obs           0.290 
_reflns_shell.pdbx_Rsym_value        ? 
_reflns_shell.meanI_over_sigI_obs    ? 
_reflns_shell.pdbx_redundancy        3.4 
_reflns_shell.percent_possible_obs   ? 
_reflns_shell.number_unique_all      ? 
_reflns_shell.number_measured_all    ? 
_reflns_shell.number_measured_obs    ? 
_reflns_shell.number_unique_obs      ? 
_reflns_shell.pdbx_chi_squared       ? 
# 
_refine.pdbx_refine_id                           'X-RAY DIFFRACTION' 
_refine.entry_id                                 4L0R 
_refine.pdbx_diffrn_id                           1 
_refine.pdbx_TLS_residual_ADP_flag               ? 
_refine.ls_number_reflns_obs                     7133 
_refine.ls_number_reflns_all                     ? 
_refine.pdbx_ls_sigma_I                          ? 
_refine.pdbx_ls_sigma_F                          . 
_refine.pdbx_data_cutoff_high_absF               ? 
_refine.pdbx_data_cutoff_low_absF                ? 
_refine.pdbx_data_cutoff_high_rms_absF           ? 
_refine.ls_d_res_low                             34.04 
_refine.ls_d_res_high                            2.49 
_refine.ls_percent_reflns_obs                    83.16 
_refine.ls_R_factor_obs                          0.22441 
_refine.ls_R_factor_all                          ? 
_refine.ls_R_factor_R_work                       0.22224 
_refine.ls_R_factor_R_free                       0.26660 
_refine.ls_R_factor_R_free_error                 ? 
_refine.ls_R_factor_R_free_error_details         ? 
_refine.ls_percent_reflns_R_free                 4.6 
_refine.ls_number_reflns_R_free                  346 
_refine.ls_number_parameters                     ? 
_refine.ls_number_restraints                     ? 
_refine.occupancy_min                            ? 
_refine.occupancy_max                            ? 
_refine.correlation_coeff_Fo_to_Fc               0.908 
_refine.correlation_coeff_Fo_to_Fc_free          0.841 
_refine.B_iso_mean                               35.411 
_refine.aniso_B[1][1]                            1.07 
_refine.aniso_B[2][2]                            -0.71 
_refine.aniso_B[3][3]                            -0.34 
_refine.aniso_B[1][2]                            -0.00 
_refine.aniso_B[1][3]                            -0.28 
_refine.aniso_B[2][3]                            -0.00 
_refine.solvent_model_details                    MASK 
_refine.solvent_model_param_ksol                 ? 
_refine.solvent_model_param_bsol                 ? 
_refine.pdbx_solvent_vdw_probe_radii             1.20 
_refine.pdbx_solvent_ion_probe_radii             0.80 
_refine.pdbx_solvent_shrinkage_radii             0.80 
_refine.pdbx_ls_cross_valid_method               THROUGHOUT 
_refine.details                                  'HYDROGENS HAVE BEEN ADDED IN THE RIDING POSITIONS' 
_refine.pdbx_starting_model                      ? 
_refine.pdbx_method_to_determine_struct          SAD 
_refine.pdbx_isotropic_thermal_model             ? 
_refine.pdbx_stereochemistry_target_values       'MAXIMUM LIKELIHOOD' 
_refine.pdbx_stereochem_target_val_spec_case     ? 
_refine.pdbx_R_Free_selection_details            RANDOM 
_refine.pdbx_overall_ESU_R                       0.451 
_refine.pdbx_overall_ESU_R_Free                  0.299 
_refine.overall_SU_ML                            0.191 
_refine.pdbx_overall_phase_error                 ? 
_refine.overall_SU_B                             8.508 
_refine.overall_SU_R_Cruickshank_DPI             ? 
_refine.pdbx_overall_SU_R_free_Cruickshank_DPI   ? 
_refine.pdbx_overall_SU_R_Blow_DPI               ? 
_refine.pdbx_overall_SU_R_free_Blow_DPI          ? 
_refine.ls_redundancy_reflns_obs                 ? 
_refine.B_iso_min                                ? 
_refine.B_iso_max                                ? 
_refine.overall_SU_R_free                        ? 
_refine.ls_wR_factor_R_free                      ? 
_refine.ls_wR_factor_R_work                      ? 
_refine.overall_FOM_free_R_set                   ? 
_refine.overall_FOM_work_R_set                   ? 
# 
_refine_hist.pdbx_refine_id                   'X-RAY DIFFRACTION' 
_refine_hist.cycle_id                         LAST 
_refine_hist.pdbx_number_atoms_protein        1181 
_refine_hist.pdbx_number_atoms_nucleic_acid   0 
_refine_hist.pdbx_number_atoms_ligand         0 
_refine_hist.number_atoms_solvent             59 
_refine_hist.number_atoms_total               1240 
_refine_hist.d_res_high                       2.49 
_refine_hist.d_res_low                        34.04 
# 
loop_
_refine_ls_restr.type 
_refine_ls_restr.dev_ideal 
_refine_ls_restr.dev_ideal_target 
_refine_ls_restr.weight 
_refine_ls_restr.number 
_refine_ls_restr.pdbx_refine_id 
_refine_ls_restr.pdbx_restraint_function 
r_bond_refined_d             0.010  0.019  ? 1189 'X-RAY DIFFRACTION' ? 
r_bond_other_d               0.004  0.020  ? 1182 'X-RAY DIFFRACTION' ? 
r_angle_refined_deg          1.286  1.987  ? 1590 'X-RAY DIFFRACTION' ? 
r_angle_other_deg            1.108  3.000  ? 2736 'X-RAY DIFFRACTION' ? 
r_dihedral_angle_1_deg       4.766  5.000  ? 145  'X-RAY DIFFRACTION' ? 
r_dihedral_angle_2_deg       36.225 27.460 ? 63   'X-RAY DIFFRACTION' ? 
r_dihedral_angle_3_deg       19.520 15.000 ? 254  'X-RAY DIFFRACTION' ? 
r_dihedral_angle_4_deg       19.941 15.000 ? 4    'X-RAY DIFFRACTION' ? 
r_chiral_restr               0.065  0.200  ? 181  'X-RAY DIFFRACTION' ? 
r_gen_planes_refined         0.004  0.020  ? 1343 'X-RAY DIFFRACTION' ? 
r_gen_planes_other           0.003  0.020  ? 241  'X-RAY DIFFRACTION' ? 
r_nbd_refined                ?      ?      ? ?    'X-RAY DIFFRACTION' ? 
r_nbd_other                  ?      ?      ? ?    'X-RAY DIFFRACTION' ? 
r_nbtor_refined              ?      ?      ? ?    'X-RAY DIFFRACTION' ? 
r_nbtor_other                ?      ?      ? ?    'X-RAY DIFFRACTION' ? 
r_xyhbond_nbd_refined        ?      ?      ? ?    'X-RAY DIFFRACTION' ? 
r_xyhbond_nbd_other          ?      ?      ? ?    'X-RAY DIFFRACTION' ? 
r_metal_ion_refined          ?      ?      ? ?    'X-RAY DIFFRACTION' ? 
r_metal_ion_other            ?      ?      ? ?    'X-RAY DIFFRACTION' ? 
r_symmetry_vdw_refined       ?      ?      ? ?    'X-RAY DIFFRACTION' ? 
r_symmetry_vdw_other         ?      ?      ? ?    'X-RAY DIFFRACTION' ? 
r_symmetry_hbond_refined     ?      ?      ? ?    'X-RAY DIFFRACTION' ? 
r_symmetry_hbond_other       ?      ?      ? ?    'X-RAY DIFFRACTION' ? 
r_symmetry_metal_ion_refined ?      ?      ? ?    'X-RAY DIFFRACTION' ? 
r_symmetry_metal_ion_other   ?      ?      ? ?    'X-RAY DIFFRACTION' ? 
r_mcbond_it                  ?      ?      ? ?    'X-RAY DIFFRACTION' ? 
r_mcbond_other               ?      ?      ? ?    'X-RAY DIFFRACTION' ? 
r_mcangle_it                 ?      ?      ? ?    'X-RAY DIFFRACTION' ? 
r_mcangle_other              ?      ?      ? ?    'X-RAY DIFFRACTION' ? 
r_scbond_it                  ?      ?      ? ?    'X-RAY DIFFRACTION' ? 
r_scbond_other               ?      ?      ? ?    'X-RAY DIFFRACTION' ? 
r_scangle_it                 ?      ?      ? ?    'X-RAY DIFFRACTION' ? 
r_scangle_other              ?      ?      ? ?    'X-RAY DIFFRACTION' ? 
r_long_range_B_refined       ?      ?      ? ?    'X-RAY DIFFRACTION' ? 
r_long_range_B_other         ?      ?      ? ?    'X-RAY DIFFRACTION' ? 
r_rigid_bond_restr           ?      ?      ? ?    'X-RAY DIFFRACTION' ? 
r_sphericity_free            ?      ?      ? ?    'X-RAY DIFFRACTION' ? 
r_sphericity_bonded          ?      ?      ? ?    'X-RAY DIFFRACTION' ? 
# 
loop_
_refine_ls_restr_ncs.dom_id 
_refine_ls_restr_ncs.pdbx_auth_asym_id 
_refine_ls_restr_ncs.pdbx_number 
_refine_ls_restr_ncs.rms_dev_position 
_refine_ls_restr_ncs.weight_position 
_refine_ls_restr_ncs.pdbx_type 
_refine_ls_restr_ncs.pdbx_ens_id 
_refine_ls_restr_ncs.pdbx_ordinal 
_refine_ls_restr_ncs.pdbx_refine_id 
_refine_ls_restr_ncs.ncs_model_details 
_refine_ls_restr_ncs.rms_dev_B_iso 
_refine_ls_restr_ncs.weight_B_iso 
_refine_ls_restr_ncs.pdbx_asym_id 
_refine_ls_restr_ncs.pdbx_rms 
_refine_ls_restr_ncs.pdbx_weight 
1 A 3787 0.18 0.05 'interatomic distance' 1 1 'X-RAY DIFFRACTION' ? ? ? ? ? ? 
2 B 3787 0.18 0.05 'interatomic distance' 1 2 'X-RAY DIFFRACTION' ? ? ? ? ? ? 
# 
_refine_ls_shell.pdbx_refine_id                   'X-RAY DIFFRACTION' 
_refine_ls_shell.pdbx_total_number_of_bins_used   20 
_refine_ls_shell.d_res_high                       2.486 
_refine_ls_shell.d_res_low                        2.550 
_refine_ls_shell.number_reflns_R_work             214 
_refine_ls_shell.R_factor_R_work                  0.202 
_refine_ls_shell.percent_reflns_obs               33.09 
_refine_ls_shell.R_factor_R_free                  0.326 
_refine_ls_shell.R_factor_R_free_error            ? 
_refine_ls_shell.percent_reflns_R_free            ? 
_refine_ls_shell.number_reflns_R_free             9 
_refine_ls_shell.number_reflns_all                ? 
_refine_ls_shell.R_factor_all                     ? 
_refine_ls_shell.redundancy_reflns_obs            ? 
_refine_ls_shell.number_reflns_obs                ? 
# 
loop_
_struct_ncs_dom.id 
_struct_ncs_dom.details 
_struct_ncs_dom.pdbx_ens_id 
1 A 1 
2 B 1 
# 
loop_
_struct_ncs_dom_lim.pdbx_ens_id 
_struct_ncs_dom_lim.dom_id 
_struct_ncs_dom_lim.pdbx_component_id 
_struct_ncs_dom_lim.beg_label_asym_id 
_struct_ncs_dom_lim.beg_label_comp_id 
_struct_ncs_dom_lim.beg_label_seq_id 
_struct_ncs_dom_lim.beg_label_alt_id 
_struct_ncs_dom_lim.end_label_asym_id 
_struct_ncs_dom_lim.end_label_comp_id 
_struct_ncs_dom_lim.end_label_seq_id 
_struct_ncs_dom_lim.end_label_alt_id 
_struct_ncs_dom_lim.beg_auth_asym_id 
_struct_ncs_dom_lim.beg_auth_comp_id 
_struct_ncs_dom_lim.beg_auth_seq_id 
_struct_ncs_dom_lim.end_auth_asym_id 
_struct_ncs_dom_lim.end_auth_comp_id 
_struct_ncs_dom_lim.end_auth_seq_id 
_struct_ncs_dom_lim.pdbx_refine_code 
_struct_ncs_dom_lim.selection_details 
1 1 0 A GLY 33 . A GLU 104 . A GLY 33 A GLU 104 0 ? 
1 2 0 B GLY 33 . B GLU 104 . B GLY 33 B GLU 104 0 ? 
# 
_struct_ncs_ens.id        1 
_struct_ncs_ens.details   ? 
# 
_struct.entry_id                  4L0R 
_struct.title                     
'Crystal structure of FGF2-interacting protein from Homo sapiens. Northeast Structural Genomics Consortium Target HR9027A.' 
_struct.pdbx_model_details        ? 
_struct.pdbx_CASP_flag            ? 
_struct.pdbx_model_type_details   ? 
# 
_struct_keywords.entry_id        4L0R 
_struct_keywords.pdbx_keywords   'CELL CYCLE' 
_struct_keywords.text            
'Structural Genomics, PSI-Biology, Northeast Structural Genomics Consortium, NESG, Cep57, Centrosomal protein, CELL CYCLE' 
# 
loop_
_struct_asym.id 
_struct_asym.pdbx_blank_PDB_chainid_flag 
_struct_asym.pdbx_modified 
_struct_asym.entity_id 
_struct_asym.details 
A N N 1 ? 
B N N 1 ? 
C N N 2 ? 
D N N 2 ? 
# 
_struct_ref.id                         1 
_struct_ref.db_name                    UNP 
_struct_ref.db_code                    CEP57_HUMAN 
_struct_ref.pdbx_db_accession          Q86XR8 
_struct_ref.entity_id                  1 
_struct_ref.pdbx_seq_one_letter_code   
;KQVSSRGGKSKKLSVTPPSSNGINEELSEVLQTLQDEFGQMSFDHQQLAKLIQESPTVELKDKLECELEALVGRMEAKAN
QITKVRKYQAQLEKQKLEKQ
;
_struct_ref.pdbx_align_begin           334 
_struct_ref.pdbx_db_isoform            ? 
# 
loop_
_struct_ref_seq.align_id 
_struct_ref_seq.ref_id 
_struct_ref_seq.pdbx_PDB_id_code 
_struct_ref_seq.pdbx_strand_id 
_struct_ref_seq.seq_align_beg 
_struct_ref_seq.pdbx_seq_align_beg_ins_code 
_struct_ref_seq.seq_align_end 
_struct_ref_seq.pdbx_seq_align_end_ins_code 
_struct_ref_seq.pdbx_db_accession 
_struct_ref_seq.db_align_beg 
_struct_ref_seq.pdbx_db_align_beg_ins_code 
_struct_ref_seq.db_align_end 
_struct_ref_seq.pdbx_db_align_end_ins_code 
_struct_ref_seq.pdbx_auth_seq_align_beg 
_struct_ref_seq.pdbx_auth_seq_align_end 
1 1 4L0R A 12 ? 111 ? Q86XR8 334 ? 433 ? 12 111 
2 1 4L0R B 12 ? 111 ? Q86XR8 334 ? 433 ? 12 111 
# 
loop_
_struct_ref_seq_dif.align_id 
_struct_ref_seq_dif.pdbx_pdb_id_code 
_struct_ref_seq_dif.mon_id 
_struct_ref_seq_dif.pdbx_pdb_strand_id 
_struct_ref_seq_dif.seq_num 
_struct_ref_seq_dif.pdbx_pdb_ins_code 
_struct_ref_seq_dif.pdbx_seq_db_name 
_struct_ref_seq_dif.pdbx_seq_db_accession_code 
_struct_ref_seq_dif.db_mon_id 
_struct_ref_seq_dif.pdbx_seq_db_seq_num 
_struct_ref_seq_dif.details 
_struct_ref_seq_dif.pdbx_auth_seq_num 
_struct_ref_seq_dif.pdbx_ordinal 
1 4L0R MET A 1  ? UNP Q86XR8 ? ? 'expression tag' 1  1  
1 4L0R GLY A 2  ? UNP Q86XR8 ? ? 'expression tag' 2  2  
1 4L0R HIS A 3  ? UNP Q86XR8 ? ? 'expression tag' 3  3  
1 4L0R HIS A 4  ? UNP Q86XR8 ? ? 'expression tag' 4  4  
1 4L0R HIS A 5  ? UNP Q86XR8 ? ? 'expression tag' 5  5  
1 4L0R HIS A 6  ? UNP Q86XR8 ? ? 'expression tag' 6  6  
1 4L0R HIS A 7  ? UNP Q86XR8 ? ? 'expression tag' 7  7  
1 4L0R HIS A 8  ? UNP Q86XR8 ? ? 'expression tag' 8  8  
1 4L0R SER A 9  ? UNP Q86XR8 ? ? 'expression tag' 9  9  
1 4L0R HIS A 10 ? UNP Q86XR8 ? ? 'expression tag' 10 10 
1 4L0R MET A 11 ? UNP Q86XR8 ? ? 'expression tag' 11 11 
2 4L0R MET B 1  ? UNP Q86XR8 ? ? 'expression tag' 1  12 
2 4L0R GLY B 2  ? UNP Q86XR8 ? ? 'expression tag' 2  13 
2 4L0R HIS B 3  ? UNP Q86XR8 ? ? 'expression tag' 3  14 
2 4L0R HIS B 4  ? UNP Q86XR8 ? ? 'expression tag' 4  15 
2 4L0R HIS B 5  ? UNP Q86XR8 ? ? 'expression tag' 5  16 
2 4L0R HIS B 6  ? UNP Q86XR8 ? ? 'expression tag' 6  17 
2 4L0R HIS B 7  ? UNP Q86XR8 ? ? 'expression tag' 7  18 
2 4L0R HIS B 8  ? UNP Q86XR8 ? ? 'expression tag' 8  19 
2 4L0R SER B 9  ? UNP Q86XR8 ? ? 'expression tag' 9  20 
2 4L0R HIS B 10 ? UNP Q86XR8 ? ? 'expression tag' 10 21 
2 4L0R MET B 11 ? UNP Q86XR8 ? ? 'expression tag' 11 22 
# 
_pdbx_struct_assembly.id                   1 
_pdbx_struct_assembly.details              author_defined_assembly 
_pdbx_struct_assembly.method_details       ? 
_pdbx_struct_assembly.oligomeric_details   dimeric 
_pdbx_struct_assembly.oligomeric_count     2 
# 
_pdbx_struct_assembly_gen.assembly_id       1 
_pdbx_struct_assembly_gen.oper_expression   1 
_pdbx_struct_assembly_gen.asym_id_list      A,B,C,D 
# 
_pdbx_struct_oper_list.id                   1 
_pdbx_struct_oper_list.type                 'identity operation' 
_pdbx_struct_oper_list.name                 1_555 
_pdbx_struct_oper_list.symmetry_operation   x,y,z 
_pdbx_struct_oper_list.matrix[1][1]         1.0000000000 
_pdbx_struct_oper_list.matrix[1][2]         0.0000000000 
_pdbx_struct_oper_list.matrix[1][3]         0.0000000000 
_pdbx_struct_oper_list.vector[1]            0.0000000000 
_pdbx_struct_oper_list.matrix[2][1]         0.0000000000 
_pdbx_struct_oper_list.matrix[2][2]         1.0000000000 
_pdbx_struct_oper_list.matrix[2][3]         0.0000000000 
_pdbx_struct_oper_list.vector[2]            0.0000000000 
_pdbx_struct_oper_list.matrix[3][1]         0.0000000000 
_pdbx_struct_oper_list.matrix[3][2]         0.0000000000 
_pdbx_struct_oper_list.matrix[3][3]         1.0000000000 
_pdbx_struct_oper_list.vector[3]            0.0000000000 
# 
_struct_biol.id        1 
_struct_biol.details   ? 
# 
loop_
_struct_conf.conf_type_id 
_struct_conf.id 
_struct_conf.pdbx_PDB_helix_id 
_struct_conf.beg_label_comp_id 
_struct_conf.beg_label_asym_id 
_struct_conf.beg_label_seq_id 
_struct_conf.pdbx_beg_PDB_ins_code 
_struct_conf.end_label_comp_id 
_struct_conf.end_label_asym_id 
_struct_conf.end_label_seq_id 
_struct_conf.pdbx_end_PDB_ins_code 
_struct_conf.beg_auth_comp_id 
_struct_conf.beg_auth_asym_id 
_struct_conf.beg_auth_seq_id 
_struct_conf.end_auth_comp_id 
_struct_conf.end_auth_asym_id 
_struct_conf.end_auth_seq_id 
_struct_conf.pdbx_PDB_helix_class 
_struct_conf.details 
_struct_conf.pdbx_PDB_helix_length 
HELX_P HELX_P1 1 GLY A 33 ? GLU A 65  ? GLY A 33 GLU A 65  1 ? 33 
HELX_P HELX_P2 2 THR A 68 ? LYS A 105 ? THR A 68 LYS A 105 1 ? 38 
HELX_P HELX_P3 3 ILE B 34 ? GLU B 65  ? ILE B 34 GLU B 65  1 ? 32 
HELX_P HELX_P4 4 THR B 68 ? GLN B 102 ? THR B 68 GLN B 102 1 ? 35 
# 
_struct_conf_type.id          HELX_P 
_struct_conf_type.criteria    ? 
_struct_conf_type.reference   ? 
# 
loop_
_pdbx_validate_torsion.id 
_pdbx_validate_torsion.PDB_model_num 
_pdbx_validate_torsion.auth_comp_id 
_pdbx_validate_torsion.auth_asym_id 
_pdbx_validate_torsion.auth_seq_id 
_pdbx_validate_torsion.PDB_ins_code 
_pdbx_validate_torsion.label_alt_id 
_pdbx_validate_torsion.phi 
_pdbx_validate_torsion.psi 
1 1 LYS A 105 ? ? -76.54  38.92  
2 1 LEU B 103 ? ? -170.94 -59.91 
# 
_pdbx_SG_project.id                    1 
_pdbx_SG_project.project_name          PSI:Biology 
_pdbx_SG_project.full_name_of_center   'Northeast Structural Genomics Consortium' 
_pdbx_SG_project.initial_of_center     NESG 
# 
loop_
_pdbx_unobs_or_zero_occ_residues.id 
_pdbx_unobs_or_zero_occ_residues.PDB_model_num 
_pdbx_unobs_or_zero_occ_residues.polymer_flag 
_pdbx_unobs_or_zero_occ_residues.occupancy_flag 
_pdbx_unobs_or_zero_occ_residues.auth_asym_id 
_pdbx_unobs_or_zero_occ_residues.auth_comp_id 
_pdbx_unobs_or_zero_occ_residues.auth_seq_id 
_pdbx_unobs_or_zero_occ_residues.PDB_ins_code 
_pdbx_unobs_or_zero_occ_residues.label_asym_id 
_pdbx_unobs_or_zero_occ_residues.label_comp_id 
_pdbx_unobs_or_zero_occ_residues.label_seq_id 
1  1 Y 1 A MET 1   ? A MET 1   
2  1 Y 1 A GLY 2   ? A GLY 2   
3  1 Y 1 A HIS 3   ? A HIS 3   
4  1 Y 1 A HIS 4   ? A HIS 4   
5  1 Y 1 A HIS 5   ? A HIS 5   
6  1 Y 1 A HIS 6   ? A HIS 6   
7  1 Y 1 A HIS 7   ? A HIS 7   
8  1 Y 1 A HIS 8   ? A HIS 8   
9  1 Y 1 A SER 9   ? A SER 9   
10 1 Y 1 A HIS 10  ? A HIS 10  
11 1 Y 1 A MET 11  ? A MET 11  
12 1 Y 1 A LYS 12  ? A LYS 12  
13 1 Y 1 A GLN 13  ? A GLN 13  
14 1 Y 1 A VAL 14  ? A VAL 14  
15 1 Y 1 A SER 15  ? A SER 15  
16 1 Y 1 A SER 16  ? A SER 16  
17 1 Y 1 A ARG 17  ? A ARG 17  
18 1 Y 1 A GLY 18  ? A GLY 18  
19 1 Y 1 A GLY 19  ? A GLY 19  
20 1 Y 1 A LYS 20  ? A LYS 20  
21 1 Y 1 A SER 21  ? A SER 21  
22 1 Y 1 A LYS 22  ? A LYS 22  
23 1 Y 1 A LYS 23  ? A LYS 23  
24 1 Y 1 A LEU 24  ? A LEU 24  
25 1 Y 1 A SER 25  ? A SER 25  
26 1 Y 1 A VAL 26  ? A VAL 26  
27 1 Y 1 A THR 27  ? A THR 27  
28 1 Y 1 A PRO 28  ? A PRO 28  
29 1 Y 1 A PRO 29  ? A PRO 29  
30 1 Y 1 A SER 30  ? A SER 30  
31 1 Y 1 A SER 31  ? A SER 31  
32 1 Y 1 A ASN 32  ? A ASN 32  
33 1 Y 1 A LYS 107 ? A LYS 107 
34 1 Y 1 A LEU 108 ? A LEU 108 
35 1 Y 1 A GLU 109 ? A GLU 109 
36 1 Y 1 A LYS 110 ? A LYS 110 
37 1 Y 1 A GLN 111 ? A GLN 111 
38 1 Y 1 B MET 1   ? B MET 1   
39 1 Y 1 B GLY 2   ? B GLY 2   
40 1 Y 1 B HIS 3   ? B HIS 3   
41 1 Y 1 B HIS 4   ? B HIS 4   
42 1 Y 1 B HIS 5   ? B HIS 5   
43 1 Y 1 B HIS 6   ? B HIS 6   
44 1 Y 1 B HIS 7   ? B HIS 7   
45 1 Y 1 B HIS 8   ? B HIS 8   
46 1 Y 1 B SER 9   ? B SER 9   
47 1 Y 1 B HIS 10  ? B HIS 10  
48 1 Y 1 B MET 11  ? B MET 11  
49 1 Y 1 B LYS 12  ? B LYS 12  
50 1 Y 1 B GLN 13  ? B GLN 13  
51 1 Y 1 B VAL 14  ? B VAL 14  
52 1 Y 1 B SER 15  ? B SER 15  
53 1 Y 1 B SER 16  ? B SER 16  
54 1 Y 1 B ARG 17  ? B ARG 17  
55 1 Y 1 B GLY 18  ? B GLY 18  
56 1 Y 1 B GLY 19  ? B GLY 19  
57 1 Y 1 B LYS 20  ? B LYS 20  
58 1 Y 1 B SER 21  ? B SER 21  
59 1 Y 1 B LYS 22  ? B LYS 22  
60 1 Y 1 B LYS 23  ? B LYS 23  
61 1 Y 1 B LEU 24  ? B LEU 24  
62 1 Y 1 B SER 25  ? B SER 25  
63 1 Y 1 B VAL 26  ? B VAL 26  
64 1 Y 1 B THR 27  ? B THR 27  
65 1 Y 1 B PRO 28  ? B PRO 28  
66 1 Y 1 B PRO 29  ? B PRO 29  
67 1 Y 1 B SER 30  ? B SER 30  
68 1 Y 1 B SER 31  ? B SER 31  
69 1 Y 1 B ASN 32  ? B ASN 32  
70 1 Y 1 B GLN 106 ? B GLN 106 
71 1 Y 1 B LYS 107 ? B LYS 107 
72 1 Y 1 B LEU 108 ? B LEU 108 
73 1 Y 1 B GLU 109 ? B GLU 109 
74 1 Y 1 B LYS 110 ? B LYS 110 
75 1 Y 1 B GLN 111 ? B GLN 111 
# 
loop_
_chem_comp_atom.comp_id 
_chem_comp_atom.atom_id 
_chem_comp_atom.type_symbol 
_chem_comp_atom.pdbx_aromatic_flag 
_chem_comp_atom.pdbx_stereo_config 
_chem_comp_atom.pdbx_ordinal 
ALA N    N N N 1   
ALA CA   C N S 2   
ALA C    C N N 3   
ALA O    O N N 4   
ALA CB   C N N 5   
ALA OXT  O N N 6   
ALA H    H N N 7   
ALA H2   H N N 8   
ALA HA   H N N 9   
ALA HB1  H N N 10  
ALA HB2  H N N 11  
ALA HB3  H N N 12  
ALA HXT  H N N 13  
ARG N    N N N 14  
ARG CA   C N S 15  
ARG C    C N N 16  
ARG O    O N N 17  
ARG CB   C N N 18  
ARG CG   C N N 19  
ARG CD   C N N 20  
ARG NE   N N N 21  
ARG CZ   C N N 22  
ARG NH1  N N N 23  
ARG NH2  N N N 24  
ARG OXT  O N N 25  
ARG H    H N N 26  
ARG H2   H N N 27  
ARG HA   H N N 28  
ARG HB2  H N N 29  
ARG HB3  H N N 30  
ARG HG2  H N N 31  
ARG HG3  H N N 32  
ARG HD2  H N N 33  
ARG HD3  H N N 34  
ARG HE   H N N 35  
ARG HH11 H N N 36  
ARG HH12 H N N 37  
ARG HH21 H N N 38  
ARG HH22 H N N 39  
ARG HXT  H N N 40  
ASN N    N N N 41  
ASN CA   C N S 42  
ASN C    C N N 43  
ASN O    O N N 44  
ASN CB   C N N 45  
ASN CG   C N N 46  
ASN OD1  O N N 47  
ASN ND2  N N N 48  
ASN OXT  O N N 49  
ASN H    H N N 50  
ASN H2   H N N 51  
ASN HA   H N N 52  
ASN HB2  H N N 53  
ASN HB3  H N N 54  
ASN HD21 H N N 55  
ASN HD22 H N N 56  
ASN HXT  H N N 57  
ASP N    N N N 58  
ASP CA   C N S 59  
ASP C    C N N 60  
ASP O    O N N 61  
ASP CB   C N N 62  
ASP CG   C N N 63  
ASP OD1  O N N 64  
ASP OD2  O N N 65  
ASP OXT  O N N 66  
ASP H    H N N 67  
ASP H2   H N N 68  
ASP HA   H N N 69  
ASP HB2  H N N 70  
ASP HB3  H N N 71  
ASP HD2  H N N 72  
ASP HXT  H N N 73  
CYS N    N N N 74  
CYS CA   C N R 75  
CYS C    C N N 76  
CYS O    O N N 77  
CYS CB   C N N 78  
CYS SG   S N N 79  
CYS OXT  O N N 80  
CYS H    H N N 81  
CYS H2   H N N 82  
CYS HA   H N N 83  
CYS HB2  H N N 84  
CYS HB3  H N N 85  
CYS HG   H N N 86  
CYS HXT  H N N 87  
GLN N    N N N 88  
GLN CA   C N S 89  
GLN C    C N N 90  
GLN O    O N N 91  
GLN CB   C N N 92  
GLN CG   C N N 93  
GLN CD   C N N 94  
GLN OE1  O N N 95  
GLN NE2  N N N 96  
GLN OXT  O N N 97  
GLN H    H N N 98  
GLN H2   H N N 99  
GLN HA   H N N 100 
GLN HB2  H N N 101 
GLN HB3  H N N 102 
GLN HG2  H N N 103 
GLN HG3  H N N 104 
GLN HE21 H N N 105 
GLN HE22 H N N 106 
GLN HXT  H N N 107 
GLU N    N N N 108 
GLU CA   C N S 109 
GLU C    C N N 110 
GLU O    O N N 111 
GLU CB   C N N 112 
GLU CG   C N N 113 
GLU CD   C N N 114 
GLU OE1  O N N 115 
GLU OE2  O N N 116 
GLU OXT  O N N 117 
GLU H    H N N 118 
GLU H2   H N N 119 
GLU HA   H N N 120 
GLU HB2  H N N 121 
GLU HB3  H N N 122 
GLU HG2  H N N 123 
GLU HG3  H N N 124 
GLU HE2  H N N 125 
GLU HXT  H N N 126 
GLY N    N N N 127 
GLY CA   C N N 128 
GLY C    C N N 129 
GLY O    O N N 130 
GLY OXT  O N N 131 
GLY H    H N N 132 
GLY H2   H N N 133 
GLY HA2  H N N 134 
GLY HA3  H N N 135 
GLY HXT  H N N 136 
HIS N    N N N 137 
HIS CA   C N S 138 
HIS C    C N N 139 
HIS O    O N N 140 
HIS CB   C N N 141 
HIS CG   C Y N 142 
HIS ND1  N Y N 143 
HIS CD2  C Y N 144 
HIS CE1  C Y N 145 
HIS NE2  N Y N 146 
HIS OXT  O N N 147 
HIS H    H N N 148 
HIS H2   H N N 149 
HIS HA   H N N 150 
HIS HB2  H N N 151 
HIS HB3  H N N 152 
HIS HD1  H N N 153 
HIS HD2  H N N 154 
HIS HE1  H N N 155 
HIS HE2  H N N 156 
HIS HXT  H N N 157 
HOH O    O N N 158 
HOH H1   H N N 159 
HOH H2   H N N 160 
ILE N    N N N 161 
ILE CA   C N S 162 
ILE C    C N N 163 
ILE O    O N N 164 
ILE CB   C N S 165 
ILE CG1  C N N 166 
ILE CG2  C N N 167 
ILE CD1  C N N 168 
ILE OXT  O N N 169 
ILE H    H N N 170 
ILE H2   H N N 171 
ILE HA   H N N 172 
ILE HB   H N N 173 
ILE HG12 H N N 174 
ILE HG13 H N N 175 
ILE HG21 H N N 176 
ILE HG22 H N N 177 
ILE HG23 H N N 178 
ILE HD11 H N N 179 
ILE HD12 H N N 180 
ILE HD13 H N N 181 
ILE HXT  H N N 182 
LEU N    N N N 183 
LEU CA   C N S 184 
LEU C    C N N 185 
LEU O    O N N 186 
LEU CB   C N N 187 
LEU CG   C N N 188 
LEU CD1  C N N 189 
LEU CD2  C N N 190 
LEU OXT  O N N 191 
LEU H    H N N 192 
LEU H2   H N N 193 
LEU HA   H N N 194 
LEU HB2  H N N 195 
LEU HB3  H N N 196 
LEU HG   H N N 197 
LEU HD11 H N N 198 
LEU HD12 H N N 199 
LEU HD13 H N N 200 
LEU HD21 H N N 201 
LEU HD22 H N N 202 
LEU HD23 H N N 203 
LEU HXT  H N N 204 
LYS N    N N N 205 
LYS CA   C N S 206 
LYS C    C N N 207 
LYS O    O N N 208 
LYS CB   C N N 209 
LYS CG   C N N 210 
LYS CD   C N N 211 
LYS CE   C N N 212 
LYS NZ   N N N 213 
LYS OXT  O N N 214 
LYS H    H N N 215 
LYS H2   H N N 216 
LYS HA   H N N 217 
LYS HB2  H N N 218 
LYS HB3  H N N 219 
LYS HG2  H N N 220 
LYS HG3  H N N 221 
LYS HD2  H N N 222 
LYS HD3  H N N 223 
LYS HE2  H N N 224 
LYS HE3  H N N 225 
LYS HZ1  H N N 226 
LYS HZ2  H N N 227 
LYS HZ3  H N N 228 
LYS HXT  H N N 229 
MET N    N N N 230 
MET CA   C N S 231 
MET C    C N N 232 
MET O    O N N 233 
MET CB   C N N 234 
MET CG   C N N 235 
MET SD   S N N 236 
MET CE   C N N 237 
MET OXT  O N N 238 
MET H    H N N 239 
MET H2   H N N 240 
MET HA   H N N 241 
MET HB2  H N N 242 
MET HB3  H N N 243 
MET HG2  H N N 244 
MET HG3  H N N 245 
MET HE1  H N N 246 
MET HE2  H N N 247 
MET HE3  H N N 248 
MET HXT  H N N 249 
PHE N    N N N 250 
PHE CA   C N S 251 
PHE C    C N N 252 
PHE O    O N N 253 
PHE CB   C N N 254 
PHE CG   C Y N 255 
PHE CD1  C Y N 256 
PHE CD2  C Y N 257 
PHE CE1  C Y N 258 
PHE CE2  C Y N 259 
PHE CZ   C Y N 260 
PHE OXT  O N N 261 
PHE H    H N N 262 
PHE H2   H N N 263 
PHE HA   H N N 264 
PHE HB2  H N N 265 
PHE HB3  H N N 266 
PHE HD1  H N N 267 
PHE HD2  H N N 268 
PHE HE1  H N N 269 
PHE HE2  H N N 270 
PHE HZ   H N N 271 
PHE HXT  H N N 272 
PRO N    N N N 273 
PRO CA   C N S 274 
PRO C    C N N 275 
PRO O    O N N 276 
PRO CB   C N N 277 
PRO CG   C N N 278 
PRO CD   C N N 279 
PRO OXT  O N N 280 
PRO H    H N N 281 
PRO HA   H N N 282 
PRO HB2  H N N 283 
PRO HB3  H N N 284 
PRO HG2  H N N 285 
PRO HG3  H N N 286 
PRO HD2  H N N 287 
PRO HD3  H N N 288 
PRO HXT  H N N 289 
SER N    N N N 290 
SER CA   C N S 291 
SER C    C N N 292 
SER O    O N N 293 
SER CB   C N N 294 
SER OG   O N N 295 
SER OXT  O N N 296 
SER H    H N N 297 
SER H2   H N N 298 
SER HA   H N N 299 
SER HB2  H N N 300 
SER HB3  H N N 301 
SER HG   H N N 302 
SER HXT  H N N 303 
THR N    N N N 304 
THR CA   C N S 305 
THR C    C N N 306 
THR O    O N N 307 
THR CB   C N R 308 
THR OG1  O N N 309 
THR CG2  C N N 310 
THR OXT  O N N 311 
THR H    H N N 312 
THR H2   H N N 313 
THR HA   H N N 314 
THR HB   H N N 315 
THR HG1  H N N 316 
THR HG21 H N N 317 
THR HG22 H N N 318 
THR HG23 H N N 319 
THR HXT  H N N 320 
TYR N    N N N 321 
TYR CA   C N S 322 
TYR C    C N N 323 
TYR O    O N N 324 
TYR CB   C N N 325 
TYR CG   C Y N 326 
TYR CD1  C Y N 327 
TYR CD2  C Y N 328 
TYR CE1  C Y N 329 
TYR CE2  C Y N 330 
TYR CZ   C Y N 331 
TYR OH   O N N 332 
TYR OXT  O N N 333 
TYR H    H N N 334 
TYR H2   H N N 335 
TYR HA   H N N 336 
TYR HB2  H N N 337 
TYR HB3  H N N 338 
TYR HD1  H N N 339 
TYR HD2  H N N 340 
TYR HE1  H N N 341 
TYR HE2  H N N 342 
TYR HH   H N N 343 
TYR HXT  H N N 344 
VAL N    N N N 345 
VAL CA   C N S 346 
VAL C    C N N 347 
VAL O    O N N 348 
VAL CB   C N N 349 
VAL CG1  C N N 350 
VAL CG2  C N N 351 
VAL OXT  O N N 352 
VAL H    H N N 353 
VAL H2   H N N 354 
VAL HA   H N N 355 
VAL HB   H N N 356 
VAL HG11 H N N 357 
VAL HG12 H N N 358 
VAL HG13 H N N 359 
VAL HG21 H N N 360 
VAL HG22 H N N 361 
VAL HG23 H N N 362 
VAL HXT  H N N 363 
# 
loop_
_chem_comp_bond.comp_id 
_chem_comp_bond.atom_id_1 
_chem_comp_bond.atom_id_2 
_chem_comp_bond.value_order 
_chem_comp_bond.pdbx_aromatic_flag 
_chem_comp_bond.pdbx_stereo_config 
_chem_comp_bond.pdbx_ordinal 
ALA N   CA   sing N N 1   
ALA N   H    sing N N 2   
ALA N   H2   sing N N 3   
ALA CA  C    sing N N 4   
ALA CA  CB   sing N N 5   
ALA CA  HA   sing N N 6   
ALA C   O    doub N N 7   
ALA C   OXT  sing N N 8   
ALA CB  HB1  sing N N 9   
ALA CB  HB2  sing N N 10  
ALA CB  HB3  sing N N 11  
ALA OXT HXT  sing N N 12  
ARG N   CA   sing N N 13  
ARG N   H    sing N N 14  
ARG N   H2   sing N N 15  
ARG CA  C    sing N N 16  
ARG CA  CB   sing N N 17  
ARG CA  HA   sing N N 18  
ARG C   O    doub N N 19  
ARG C   OXT  sing N N 20  
ARG CB  CG   sing N N 21  
ARG CB  HB2  sing N N 22  
ARG CB  HB3  sing N N 23  
ARG CG  CD   sing N N 24  
ARG CG  HG2  sing N N 25  
ARG CG  HG3  sing N N 26  
ARG CD  NE   sing N N 27  
ARG CD  HD2  sing N N 28  
ARG CD  HD3  sing N N 29  
ARG NE  CZ   sing N N 30  
ARG NE  HE   sing N N 31  
ARG CZ  NH1  sing N N 32  
ARG CZ  NH2  doub N N 33  
ARG NH1 HH11 sing N N 34  
ARG NH1 HH12 sing N N 35  
ARG NH2 HH21 sing N N 36  
ARG NH2 HH22 sing N N 37  
ARG OXT HXT  sing N N 38  
ASN N   CA   sing N N 39  
ASN N   H    sing N N 40  
ASN N   H2   sing N N 41  
ASN CA  C    sing N N 42  
ASN CA  CB   sing N N 43  
ASN CA  HA   sing N N 44  
ASN C   O    doub N N 45  
ASN C   OXT  sing N N 46  
ASN CB  CG   sing N N 47  
ASN CB  HB2  sing N N 48  
ASN CB  HB3  sing N N 49  
ASN CG  OD1  doub N N 50  
ASN CG  ND2  sing N N 51  
ASN ND2 HD21 sing N N 52  
ASN ND2 HD22 sing N N 53  
ASN OXT HXT  sing N N 54  
ASP N   CA   sing N N 55  
ASP N   H    sing N N 56  
ASP N   H2   sing N N 57  
ASP CA  C    sing N N 58  
ASP CA  CB   sing N N 59  
ASP CA  HA   sing N N 60  
ASP C   O    doub N N 61  
ASP C   OXT  sing N N 62  
ASP CB  CG   sing N N 63  
ASP CB  HB2  sing N N 64  
ASP CB  HB3  sing N N 65  
ASP CG  OD1  doub N N 66  
ASP CG  OD2  sing N N 67  
ASP OD2 HD2  sing N N 68  
ASP OXT HXT  sing N N 69  
CYS N   CA   sing N N 70  
CYS N   H    sing N N 71  
CYS N   H2   sing N N 72  
CYS CA  C    sing N N 73  
CYS CA  CB   sing N N 74  
CYS CA  HA   sing N N 75  
CYS C   O    doub N N 76  
CYS C   OXT  sing N N 77  
CYS CB  SG   sing N N 78  
CYS CB  HB2  sing N N 79  
CYS CB  HB3  sing N N 80  
CYS SG  HG   sing N N 81  
CYS OXT HXT  sing N N 82  
GLN N   CA   sing N N 83  
GLN N   H    sing N N 84  
GLN N   H2   sing N N 85  
GLN CA  C    sing N N 86  
GLN CA  CB   sing N N 87  
GLN CA  HA   sing N N 88  
GLN C   O    doub N N 89  
GLN C   OXT  sing N N 90  
GLN CB  CG   sing N N 91  
GLN CB  HB2  sing N N 92  
GLN CB  HB3  sing N N 93  
GLN CG  CD   sing N N 94  
GLN CG  HG2  sing N N 95  
GLN CG  HG3  sing N N 96  
GLN CD  OE1  doub N N 97  
GLN CD  NE2  sing N N 98  
GLN NE2 HE21 sing N N 99  
GLN NE2 HE22 sing N N 100 
GLN OXT HXT  sing N N 101 
GLU N   CA   sing N N 102 
GLU N   H    sing N N 103 
GLU N   H2   sing N N 104 
GLU CA  C    sing N N 105 
GLU CA  CB   sing N N 106 
GLU CA  HA   sing N N 107 
GLU C   O    doub N N 108 
GLU C   OXT  sing N N 109 
GLU CB  CG   sing N N 110 
GLU CB  HB2  sing N N 111 
GLU CB  HB3  sing N N 112 
GLU CG  CD   sing N N 113 
GLU CG  HG2  sing N N 114 
GLU CG  HG3  sing N N 115 
GLU CD  OE1  doub N N 116 
GLU CD  OE2  sing N N 117 
GLU OE2 HE2  sing N N 118 
GLU OXT HXT  sing N N 119 
GLY N   CA   sing N N 120 
GLY N   H    sing N N 121 
GLY N   H2   sing N N 122 
GLY CA  C    sing N N 123 
GLY CA  HA2  sing N N 124 
GLY CA  HA3  sing N N 125 
GLY C   O    doub N N 126 
GLY C   OXT  sing N N 127 
GLY OXT HXT  sing N N 128 
HIS N   CA   sing N N 129 
HIS N   H    sing N N 130 
HIS N   H2   sing N N 131 
HIS CA  C    sing N N 132 
HIS CA  CB   sing N N 133 
HIS CA  HA   sing N N 134 
HIS C   O    doub N N 135 
HIS C   OXT  sing N N 136 
HIS CB  CG   sing N N 137 
HIS CB  HB2  sing N N 138 
HIS CB  HB3  sing N N 139 
HIS CG  ND1  sing Y N 140 
HIS CG  CD2  doub Y N 141 
HIS ND1 CE1  doub Y N 142 
HIS ND1 HD1  sing N N 143 
HIS CD2 NE2  sing Y N 144 
HIS CD2 HD2  sing N N 145 
HIS CE1 NE2  sing Y N 146 
HIS CE1 HE1  sing N N 147 
HIS NE2 HE2  sing N N 148 
HIS OXT HXT  sing N N 149 
HOH O   H1   sing N N 150 
HOH O   H2   sing N N 151 
ILE N   CA   sing N N 152 
ILE N   H    sing N N 153 
ILE N   H2   sing N N 154 
ILE CA  C    sing N N 155 
ILE CA  CB   sing N N 156 
ILE CA  HA   sing N N 157 
ILE C   O    doub N N 158 
ILE C   OXT  sing N N 159 
ILE CB  CG1  sing N N 160 
ILE CB  CG2  sing N N 161 
ILE CB  HB   sing N N 162 
ILE CG1 CD1  sing N N 163 
ILE CG1 HG12 sing N N 164 
ILE CG1 HG13 sing N N 165 
ILE CG2 HG21 sing N N 166 
ILE CG2 HG22 sing N N 167 
ILE CG2 HG23 sing N N 168 
ILE CD1 HD11 sing N N 169 
ILE CD1 HD12 sing N N 170 
ILE CD1 HD13 sing N N 171 
ILE OXT HXT  sing N N 172 
LEU N   CA   sing N N 173 
LEU N   H    sing N N 174 
LEU N   H2   sing N N 175 
LEU CA  C    sing N N 176 
LEU CA  CB   sing N N 177 
LEU CA  HA   sing N N 178 
LEU C   O    doub N N 179 
LEU C   OXT  sing N N 180 
LEU CB  CG   sing N N 181 
LEU CB  HB2  sing N N 182 
LEU CB  HB3  sing N N 183 
LEU CG  CD1  sing N N 184 
LEU CG  CD2  sing N N 185 
LEU CG  HG   sing N N 186 
LEU CD1 HD11 sing N N 187 
LEU CD1 HD12 sing N N 188 
LEU CD1 HD13 sing N N 189 
LEU CD2 HD21 sing N N 190 
LEU CD2 HD22 sing N N 191 
LEU CD2 HD23 sing N N 192 
LEU OXT HXT  sing N N 193 
LYS N   CA   sing N N 194 
LYS N   H    sing N N 195 
LYS N   H2   sing N N 196 
LYS CA  C    sing N N 197 
LYS CA  CB   sing N N 198 
LYS CA  HA   sing N N 199 
LYS C   O    doub N N 200 
LYS C   OXT  sing N N 201 
LYS CB  CG   sing N N 202 
LYS CB  HB2  sing N N 203 
LYS CB  HB3  sing N N 204 
LYS CG  CD   sing N N 205 
LYS CG  HG2  sing N N 206 
LYS CG  HG3  sing N N 207 
LYS CD  CE   sing N N 208 
LYS CD  HD2  sing N N 209 
LYS CD  HD3  sing N N 210 
LYS CE  NZ   sing N N 211 
LYS CE  HE2  sing N N 212 
LYS CE  HE3  sing N N 213 
LYS NZ  HZ1  sing N N 214 
LYS NZ  HZ2  sing N N 215 
LYS NZ  HZ3  sing N N 216 
LYS OXT HXT  sing N N 217 
MET N   CA   sing N N 218 
MET N   H    sing N N 219 
MET N   H2   sing N N 220 
MET CA  C    sing N N 221 
MET CA  CB   sing N N 222 
MET CA  HA   sing N N 223 
MET C   O    doub N N 224 
MET C   OXT  sing N N 225 
MET CB  CG   sing N N 226 
MET CB  HB2  sing N N 227 
MET CB  HB3  sing N N 228 
MET CG  SD   sing N N 229 
MET CG  HG2  sing N N 230 
MET CG  HG3  sing N N 231 
MET SD  CE   sing N N 232 
MET CE  HE1  sing N N 233 
MET CE  HE2  sing N N 234 
MET CE  HE3  sing N N 235 
MET OXT HXT  sing N N 236 
PHE N   CA   sing N N 237 
PHE N   H    sing N N 238 
PHE N   H2   sing N N 239 
PHE CA  C    sing N N 240 
PHE CA  CB   sing N N 241 
PHE CA  HA   sing N N 242 
PHE C   O    doub N N 243 
PHE C   OXT  sing N N 244 
PHE CB  CG   sing N N 245 
PHE CB  HB2  sing N N 246 
PHE CB  HB3  sing N N 247 
PHE CG  CD1  doub Y N 248 
PHE CG  CD2  sing Y N 249 
PHE CD1 CE1  sing Y N 250 
PHE CD1 HD1  sing N N 251 
PHE CD2 CE2  doub Y N 252 
PHE CD2 HD2  sing N N 253 
PHE CE1 CZ   doub Y N 254 
PHE CE1 HE1  sing N N 255 
PHE CE2 CZ   sing Y N 256 
PHE CE2 HE2  sing N N 257 
PHE CZ  HZ   sing N N 258 
PHE OXT HXT  sing N N 259 
PRO N   CA   sing N N 260 
PRO N   CD   sing N N 261 
PRO N   H    sing N N 262 
PRO CA  C    sing N N 263 
PRO CA  CB   sing N N 264 
PRO CA  HA   sing N N 265 
PRO C   O    doub N N 266 
PRO C   OXT  sing N N 267 
PRO CB  CG   sing N N 268 
PRO CB  HB2  sing N N 269 
PRO CB  HB3  sing N N 270 
PRO CG  CD   sing N N 271 
PRO CG  HG2  sing N N 272 
PRO CG  HG3  sing N N 273 
PRO CD  HD2  sing N N 274 
PRO CD  HD3  sing N N 275 
PRO OXT HXT  sing N N 276 
SER N   CA   sing N N 277 
SER N   H    sing N N 278 
SER N   H2   sing N N 279 
SER CA  C    sing N N 280 
SER CA  CB   sing N N 281 
SER CA  HA   sing N N 282 
SER C   O    doub N N 283 
SER C   OXT  sing N N 284 
SER CB  OG   sing N N 285 
SER CB  HB2  sing N N 286 
SER CB  HB3  sing N N 287 
SER OG  HG   sing N N 288 
SER OXT HXT  sing N N 289 
THR N   CA   sing N N 290 
THR N   H    sing N N 291 
THR N   H2   sing N N 292 
THR CA  C    sing N N 293 
THR CA  CB   sing N N 294 
THR CA  HA   sing N N 295 
THR C   O    doub N N 296 
THR C   OXT  sing N N 297 
THR CB  OG1  sing N N 298 
THR CB  CG2  sing N N 299 
THR CB  HB   sing N N 300 
THR OG1 HG1  sing N N 301 
THR CG2 HG21 sing N N 302 
THR CG2 HG22 sing N N 303 
THR CG2 HG23 sing N N 304 
THR OXT HXT  sing N N 305 
TYR N   CA   sing N N 306 
TYR N   H    sing N N 307 
TYR N   H2   sing N N 308 
TYR CA  C    sing N N 309 
TYR CA  CB   sing N N 310 
TYR CA  HA   sing N N 311 
TYR C   O    doub N N 312 
TYR C   OXT  sing N N 313 
TYR CB  CG   sing N N 314 
TYR CB  HB2  sing N N 315 
TYR CB  HB3  sing N N 316 
TYR CG  CD1  doub Y N 317 
TYR CG  CD2  sing Y N 318 
TYR CD1 CE1  sing Y N 319 
TYR CD1 HD1  sing N N 320 
TYR CD2 CE2  doub Y N 321 
TYR CD2 HD2  sing N N 322 
TYR CE1 CZ   doub Y N 323 
TYR CE1 HE1  sing N N 324 
TYR CE2 CZ   sing Y N 325 
TYR CE2 HE2  sing N N 326 
TYR CZ  OH   sing N N 327 
TYR OH  HH   sing N N 328 
TYR OXT HXT  sing N N 329 
VAL N   CA   sing N N 330 
VAL N   H    sing N N 331 
VAL N   H2   sing N N 332 
VAL CA  C    sing N N 333 
VAL CA  CB   sing N N 334 
VAL CA  HA   sing N N 335 
VAL C   O    doub N N 336 
VAL C   OXT  sing N N 337 
VAL CB  CG1  sing N N 338 
VAL CB  CG2  sing N N 339 
VAL CB  HB   sing N N 340 
VAL CG1 HG11 sing N N 341 
VAL CG1 HG12 sing N N 342 
VAL CG1 HG13 sing N N 343 
VAL CG2 HG21 sing N N 344 
VAL CG2 HG22 sing N N 345 
VAL CG2 HG23 sing N N 346 
VAL OXT HXT  sing N N 347 
# 
_atom_sites.entry_id                    4L0R 
_atom_sites.fract_transf_matrix[1][1]   0.00586597 
_atom_sites.fract_transf_matrix[1][2]   0.00567428 
_atom_sites.fract_transf_matrix[1][3]   0.00260880 
_atom_sites.fract_transf_matrix[2][1]   0.00374765 
_atom_sites.fract_transf_matrix[2][2]   -0.00875699 
_atom_sites.fract_transf_matrix[2][3]   0.01062022 
_atom_sites.fract_transf_matrix[3][1]   0.02353848 
_atom_sites.fract_transf_matrix[3][2]   -0.01193669 
_atom_sites.fract_transf_matrix[3][3]   -0.01814872 
_atom_sites.fract_transf_vector[1]      0.173566 
_atom_sites.fract_transf_vector[2]      0.127931 
_atom_sites.fract_transf_vector[3]      0.373283 
# 
loop_
_atom_type.symbol 
C 
N 
O 
S 
# 
loop_
_atom_site.group_PDB 
_atom_site.id 
_atom_site.type_symbol 
_atom_site.label_atom_id 
_atom_site.label_alt_id 
_atom_site.label_comp_id 
_atom_site.label_asym_id 
_atom_site.label_entity_id 
_atom_site.label_seq_id 
_atom_site.pdbx_PDB_ins_code 
_atom_site.Cartn_x 
_atom_site.Cartn_y 
_atom_site.Cartn_z 
_atom_site.occupancy 
_atom_site.B_iso_or_equiv 
_atom_site.pdbx_formal_charge 
_atom_site.auth_seq_id 
_atom_site.auth_comp_id 
_atom_site.auth_asym_id 
_atom_site.auth_atom_id 
_atom_site.pdbx_PDB_model_num 
ATOM   1    N N   . GLY A 1 33  ? -22.309 -7.367  13.311  1.00 65.72 ? 33  GLY A N   1 
ATOM   2    C CA  . GLY A 1 33  ? -22.776 -5.949  13.248  1.00 65.56 ? 33  GLY A CA  1 
ATOM   3    C C   . GLY A 1 33  ? -21.679 -4.958  13.595  1.00 66.25 ? 33  GLY A C   1 
ATOM   4    O O   . GLY A 1 33  ? -21.463 -3.987  12.872  1.00 67.60 ? 33  GLY A O   1 
ATOM   5    N N   . ILE A 1 34  ? -20.998 -5.207  14.714  1.00 68.14 ? 34  ILE A N   1 
ATOM   6    C CA  . ILE A 1 34  ? -19.869 -4.380  15.162  1.00 68.62 ? 34  ILE A CA  1 
ATOM   7    C C   . ILE A 1 34  ? -18.585 -4.868  14.512  1.00 65.12 ? 34  ILE A C   1 
ATOM   8    O O   . ILE A 1 34  ? -17.705 -4.077  14.206  1.00 61.79 ? 34  ILE A O   1 
ATOM   9    C CB  . ILE A 1 34  ? -19.723 -4.384  16.695  1.00 72.36 ? 34  ILE A CB  1 
ATOM   10   C CG1 . ILE A 1 34  ? -20.944 -3.711  17.322  1.00 77.67 ? 34  ILE A CG1 1 
ATOM   11   C CG2 . ILE A 1 34  ? -18.514 -3.592  17.160  1.00 68.28 ? 34  ILE A CG2 1 
ATOM   12   C CD1 . ILE A 1 34  ? -21.260 -4.196  18.720  1.00 72.91 ? 34  ILE A CD1 1 
ATOM   13   N N   . ASN A 1 35  ? -18.482 -6.177  14.310  1.00 66.19 ? 35  ASN A N   1 
ATOM   14   C CA  . ASN A 1 35  ? -17.359 -6.754  13.578  1.00 68.33 ? 35  ASN A CA  1 
ATOM   15   C C   . ASN A 1 35  ? -17.488 -6.528  12.072  1.00 63.75 ? 35  ASN A C   1 
ATOM   16   O O   . ASN A 1 35  ? -16.499 -6.270  11.401  1.00 62.45 ? 35  ASN A O   1 
ATOM   17   C CB  . ASN A 1 35  ? -17.223 -8.244  13.892  1.00 76.08 ? 35  ASN A CB  1 
ATOM   18   C CG  . ASN A 1 35  ? -16.634 -8.509  15.269  1.00 84.43 ? 35  ASN A CG  1 
ATOM   19   O OD1 . ASN A 1 35  ? -16.376 -7.588  16.054  1.00 80.48 ? 35  ASN A OD1 1 
ATOM   20   N ND2 . ASN A 1 35  ? -16.420 -9.785  15.570  1.00 79.28 ? 35  ASN A ND2 1 
ATOM   21   N N   . GLU A 1 36  ? -18.705 -6.601  11.547  1.00 62.62 ? 36  GLU A N   1 
ATOM   22   C CA  . GLU A 1 36  ? -18.964 -6.217  10.156  1.00 63.97 ? 36  GLU A CA  1 
ATOM   23   C C   . GLU A 1 36  ? -18.498 -4.780  9.875   1.00 57.41 ? 36  GLU A C   1 
ATOM   24   O O   . GLU A 1 36  ? -17.916 -4.497  8.836   1.00 59.03 ? 36  GLU A O   1 
ATOM   25   C CB  . GLU A 1 36  ? -20.455 -6.339  9.828   1.00 72.44 ? 36  GLU A CB  1 
ATOM   26   C CG  . GLU A 1 36  ? -20.775 -6.463  8.332   1.00 81.16 ? 36  GLU A CG  1 
ATOM   27   C CD  . GLU A 1 36  ? -22.184 -6.991  8.024   1.00 85.83 ? 36  GLU A CD  1 
ATOM   28   O OE1 . GLU A 1 36  ? -22.997 -7.187  8.960   1.00 80.02 ? 36  GLU A OE1 1 
ATOM   29   O OE2 . GLU A 1 36  ? -22.482 -7.214  6.826   1.00 85.51 ? 36  GLU A OE2 1 
ATOM   30   N N   . GLU A 1 37  ? -18.752 -3.884  10.822  1.00 50.29 ? 37  GLU A N   1 
ATOM   31   C CA  . GLU A 1 37  ? -18.428 -2.476  10.678  1.00 42.89 ? 37  GLU A CA  1 
ATOM   32   C C   . GLU A 1 37  ? -16.936 -2.191  10.829  1.00 36.56 ? 37  GLU A C   1 
ATOM   33   O O   . GLU A 1 37  ? -16.442 -1.255  10.219  1.00 35.36 ? 37  GLU A O   1 
ATOM   34   C CB  . GLU A 1 37  ? -19.226 -1.651  11.685  1.00 45.90 ? 37  GLU A CB  1 
ATOM   35   C CG  . GLU A 1 37  ? -19.120 -0.148  11.474  1.00 51.39 ? 37  GLU A CG  1 
ATOM   36   C CD  . GLU A 1 37  ? -20.338 0.622   12.013  1.00 56.12 ? 37  GLU A CD  1 
ATOM   37   O OE1 . GLU A 1 37  ? -20.617 1.727   11.486  1.00 57.40 ? 37  GLU A OE1 1 
ATOM   38   O OE2 . GLU A 1 37  ? -21.020 0.142   12.961  1.00 55.82 ? 37  GLU A OE2 1 
ATOM   39   N N   . LEU A 1 38  ? -16.227 -2.970  11.647  1.00 31.70 ? 38  LEU A N   1 
ATOM   40   C CA  . LEU A 1 38  ? -14.776 -2.782  11.815  1.00 29.41 ? 38  LEU A CA  1 
ATOM   41   C C   . LEU A 1 38  ? -13.991 -3.254  10.607  1.00 29.38 ? 38  LEU A C   1 
ATOM   42   O O   . LEU A 1 38  ? -12.877 -2.793  10.378  1.00 29.26 ? 38  LEU A O   1 
ATOM   43   C CB  . LEU A 1 38  ? -14.247 -3.471  13.070  1.00 28.06 ? 38  LEU A CB  1 
ATOM   44   C CG  . LEU A 1 38  ? -14.564 -2.784  14.403  1.00 29.59 ? 38  LEU A CG  1 
ATOM   45   C CD1 . LEU A 1 38  ? -14.015 -3.604  15.562  1.00 29.66 ? 38  LEU A CD1 1 
ATOM   46   C CD2 . LEU A 1 38  ? -14.012 -1.372  14.486  1.00 29.41 ? 38  LEU A CD2 1 
ATOM   47   N N   . SER A 1 39  ? -14.566 -4.175  9.845   1.00 30.22 ? 39  SER A N   1 
ATOM   48   C CA  . SER A 1 39  ? -13.973 -4.636  8.595   1.00 30.47 ? 39  SER A CA  1 
ATOM   49   C C   . SER A 1 39  ? -14.130 -3.615  7.493   1.00 28.79 ? 39  SER A C   1 
ATOM   50   O O   . SER A 1 39  ? -13.232 -3.457  6.690   1.00 29.81 ? 39  SER A O   1 
ATOM   51   C CB  . SER A 1 39  ? -14.615 -5.938  8.159   1.00 31.76 ? 39  SER A CB  1 
ATOM   52   O OG  . SER A 1 39  ? -14.498 -6.884  9.202   1.00 34.30 ? 39  SER A OG  1 
ATOM   53   N N   . GLU A 1 40  ? -15.255 -2.915  7.458   1.00 28.11 ? 40  GLU A N   1 
ATOM   54   C CA  . GLU A 1 40  ? -15.422 -1.786  6.541   1.00 28.50 ? 40  GLU A CA  1 
ATOM   55   C C   . GLU A 1 40  ? -14.388 -0.706  6.817   1.00 25.50 ? 40  GLU A C   1 
ATOM   56   O O   . GLU A 1 40  ? -13.790 -0.155  5.898   1.00 24.01 ? 40  GLU A O   1 
ATOM   57   C CB  . GLU A 1 40  ? -16.789 -1.135  6.721   1.00 34.59 ? 40  GLU A CB  1 
ATOM   58   C CG  . GLU A 1 40  ? -17.939 -1.559  5.834   1.00 39.99 ? 40  GLU A CG  1 
ATOM   59   C CD  . GLU A 1 40  ? -19.225 -0.882  6.300   1.00 45.65 ? 40  GLU A CD  1 
ATOM   60   O OE1 . GLU A 1 40  ? -19.173 0.356   6.571   1.00 46.69 ? 40  GLU A OE1 1 
ATOM   61   O OE2 . GLU A 1 40  ? -20.265 -1.591  6.431   1.00 51.24 ? 40  GLU A OE2 1 
ATOM   62   N N   . VAL A 1 41  ? -14.207 -0.391  8.101   1.00 23.37 ? 41  VAL A N   1 
ATOM   63   C CA  . VAL A 1 41  ? -13.238 0.616   8.564   1.00 21.29 ? 41  VAL A CA  1 
ATOM   64   C C   . VAL A 1 41  ? -11.819 0.248   8.133   1.00 19.99 ? 41  VAL A C   1 
ATOM   65   O O   . VAL A 1 41  ? -11.098 1.098   7.618   1.00 19.21 ? 41  VAL A O   1 
ATOM   66   C CB  . VAL A 1 41  ? -13.302 0.807   10.103  1.00 21.01 ? 41  VAL A CB  1 
ATOM   67   C CG1 . VAL A 1 41  ? -12.111 1.596   10.625  1.00 21.23 ? 41  VAL A CG1 1 
ATOM   68   C CG2 . VAL A 1 41  ? -14.586 1.517   10.490  1.00 21.44 ? 41  VAL A CG2 1 
ATOM   69   N N   . LEU A 1 42  ? -11.426 -1.002  8.357   1.00 19.25 ? 42  LEU A N   1 
ATOM   70   C CA  . LEU A 1 42  ? -10.095 -1.475  7.967   1.00 19.82 ? 42  LEU A CA  1 
ATOM   71   C C   . LEU A 1 42  ? -9.910  -1.491  6.467   1.00 20.29 ? 42  LEU A C   1 
ATOM   72   O O   . LEU A 1 42  ? -8.891  -1.038  5.988   1.00 20.20 ? 42  LEU A O   1 
ATOM   73   C CB  . LEU A 1 42  ? -9.812  -2.870  8.501   1.00 19.97 ? 42  LEU A CB  1 
ATOM   74   C CG  . LEU A 1 42  ? -9.178  -2.920  9.887   1.00 20.75 ? 42  LEU A CG  1 
ATOM   75   C CD1 . LEU A 1 42  ? -9.370  -4.324  10.408  1.00 21.75 ? 42  LEU A CD1 1 
ATOM   76   C CD2 . LEU A 1 42  ? -7.700  -2.596  9.825   1.00 21.26 ? 42  LEU A CD2 1 
ATOM   77   N N   . GLN A 1 43  ? -10.884 -2.020  5.734   1.00 21.60 ? 43  GLN A N   1 
ATOM   78   C CA  . GLN A 1 43  ? -10.862 -1.974  4.280   1.00 24.09 ? 43  GLN A CA  1 
ATOM   79   C C   . GLN A 1 43  ? -10.635 -0.550  3.782   1.00 22.27 ? 43  GLN A C   1 
ATOM   80   O O   . GLN A 1 43  ? -9.816  -0.339  2.916   1.00 21.95 ? 43  GLN A O   1 
ATOM   81   C CB  . GLN A 1 43  ? -12.166 -2.488  3.668   1.00 28.75 ? 43  GLN A CB  1 
ATOM   82   C CG  . GLN A 1 43  ? -12.017 -3.146  2.288   1.00 33.70 ? 43  GLN A CG  1 
ATOM   83   C CD  . GLN A 1 43  ? -13.206 -2.873  1.350   1.00 38.18 ? 43  GLN A CD  1 
ATOM   84   O OE1 . GLN A 1 43  ? -13.998 -3.780  1.016   1.00 40.56 ? 43  GLN A OE1 1 
ATOM   85   N NE2 . GLN A 1 43  ? -13.327 -1.610  0.908   1.00 39.67 ? 43  GLN A NE2 1 
ATOM   86   N N   . THR A 1 44  ? -11.365 0.414   4.341   1.00 21.75 ? 44  THR A N   1 
ATOM   87   C CA  . THR A 1 44  ? -11.232 1.843   3.994   1.00 20.69 ? 44  THR A CA  1 
ATOM   88   C C   . THR A 1 44  ? -9.834  2.398   4.279   1.00 18.91 ? 44  THR A C   1 
ATOM   89   O O   . THR A 1 44  ? -9.271  3.111   3.453   1.00 18.02 ? 44  THR A O   1 
ATOM   90   C CB  . THR A 1 44  ? -12.244 2.694   4.780   1.00 21.42 ? 44  THR A CB  1 
ATOM   91   O OG1 . THR A 1 44  ? -13.570 2.316   4.404   1.00 23.81 ? 44  THR A OG1 1 
ATOM   92   C CG2 . THR A 1 44  ? -12.051 4.184   4.517   1.00 21.13 ? 44  THR A CG2 1 
ATOM   93   N N   . LEU A 1 45  ? -9.290  2.054   5.447   1.00 17.16 ? 45  LEU A N   1 
ATOM   94   C CA  . LEU A 1 45  ? -7.951  2.488   5.850   1.00 15.96 ? 45  LEU A CA  1 
ATOM   95   C C   . LEU A 1 45  ? -6.879  1.916   4.949   1.00 15.60 ? 45  LEU A C   1 
ATOM   96   O O   . LEU A 1 45  ? -5.940  2.620   4.572   1.00 14.85 ? 45  LEU A O   1 
ATOM   97   C CB  . LEU A 1 45  ? -7.649  2.102   7.309   1.00 15.00 ? 45  LEU A CB  1 
ATOM   98   C CG  . LEU A 1 45  ? -8.455  2.851   8.368   1.00 14.57 ? 45  LEU A CG  1 
ATOM   99   C CD1 . LEU A 1 45  ? -8.148  2.351   9.759   1.00 14.25 ? 45  LEU A CD1 1 
ATOM   100  C CD2 . LEU A 1 45  ? -8.182  4.338   8.299   1.00 14.42 ? 45  LEU A CD2 1 
ATOM   101  N N   . GLN A 1 46  ? -7.005  0.638   4.621   1.00 16.35 ? 46  GLN A N   1 
ATOM   102  C CA  . GLN A 1 46  ? -6.001  -0.036  3.804   1.00 17.40 ? 46  GLN A CA  1 
ATOM   103  C C   . GLN A 1 46  ? -6.025  0.386   2.367   1.00 18.79 ? 46  GLN A C   1 
ATOM   104  O O   . GLN A 1 46  ? -4.989  0.325   1.731   1.00 19.93 ? 46  GLN A O   1 
ATOM   105  C CB  . GLN A 1 46  ? -6.130  -1.545  3.903   1.00 17.23 ? 46  GLN A CB  1 
ATOM   106  C CG  . GLN A 1 46  ? -5.743  -2.009  5.294   1.00 17.14 ? 46  GLN A CG  1 
ATOM   107  C CD  . GLN A 1 46  ? -5.730  -3.485  5.479   1.00 17.41 ? 46  GLN A CD  1 
ATOM   108  O OE1 . GLN A 1 46  ? -6.047  -4.246  4.569   1.00 18.05 ? 46  GLN A OE1 1 
ATOM   109  N NE2 . GLN A 1 46  ? -5.364  -3.905  6.669   1.00 18.04 ? 46  GLN A NE2 1 
ATOM   110  N N   . ASP A 1 47  ? -7.185  0.802   1.850   1.00 21.04 ? 47  ASP A N   1 
ATOM   111  C CA  . ASP A 1 47  ? -7.271  1.383   0.486   1.00 22.75 ? 47  ASP A CA  1 
ATOM   112  C C   . ASP A 1 47  ? -6.570  2.731   0.399   1.00 21.02 ? 47  ASP A C   1 
ATOM   113  O O   . ASP A 1 47  ? -5.961  3.038   -0.608  1.00 22.36 ? 47  ASP A O   1 
ATOM   114  C CB  . ASP A 1 47  ? -8.716  1.572   0.027   1.00 26.14 ? 47  ASP A CB  1 
ATOM   115  C CG  . ASP A 1 47  ? -9.500  0.257   -0.029  1.00 31.80 ? 47  ASP A CG  1 
ATOM   116  O OD1 . ASP A 1 47  ? -8.867  -0.842  -0.171  1.00 35.01 ? 47  ASP A OD1 1 
ATOM   117  O OD2 . ASP A 1 47  ? -10.766 0.335   0.094   1.00 36.70 ? 47  ASP A OD2 1 
ATOM   118  N N   . GLU A 1 48  ? -6.658  3.532   1.450   1.00 19.04 ? 48  GLU A N   1 
ATOM   119  C CA  . GLU A 1 48  ? -5.957  4.806   1.501   1.00 17.97 ? 48  GLU A CA  1 
ATOM   120  C C   . GLU A 1 48  ? -4.454  4.553   1.573   1.00 16.22 ? 48  GLU A C   1 
ATOM   121  O O   . GLU A 1 48  ? -3.661  5.183   0.888   1.00 15.58 ? 48  GLU A O   1 
ATOM   122  C CB  . GLU A 1 48  ? -6.436  5.624   2.722   1.00 18.90 ? 48  GLU A CB  1 
ATOM   123  C CG  . GLU A 1 48  ? -7.932  5.966   2.689   1.00 19.41 ? 48  GLU A CG  1 
ATOM   124  C CD  . GLU A 1 48  ? -8.502  6.534   3.990   1.00 20.02 ? 48  GLU A CD  1 
ATOM   125  O OE1 . GLU A 1 48  ? -8.066  6.181   5.109   1.00 18.93 ? 48  GLU A OE1 1 
ATOM   126  O OE2 . GLU A 1 48  ? -9.447  7.348   3.882   1.00 22.43 ? 48  GLU A OE2 1 
ATOM   127  N N   . PHE A 1 49  ? -4.070  3.605   2.407   1.00 14.75 ? 49  PHE A N   1 
ATOM   128  C CA  . PHE A 1 49  ? -2.677  3.252   2.542   1.00 14.07 ? 49  PHE A CA  1 
ATOM   129  C C   . PHE A 1 49  ? -2.092  2.682   1.266   1.00 13.53 ? 49  PHE A C   1 
ATOM   130  O O   . PHE A 1 49  ? -0.936  2.957   0.934   1.00 13.52 ? 49  PHE A O   1 
ATOM   131  C CB  . PHE A 1 49  ? -2.491  2.240   3.651   1.00 14.45 ? 49  PHE A CB  1 
ATOM   132  C CG  . PHE A 1 49  ? -1.065  2.082   4.068   1.00 14.39 ? 49  PHE A CG  1 
ATOM   133  C CD1 . PHE A 1 49  ? -0.466  3.026   4.887   1.00 14.13 ? 49  PHE A CD1 1 
ATOM   134  C CD2 . PHE A 1 49  ? -0.308  1.011   3.605   1.00 14.32 ? 49  PHE A CD2 1 
ATOM   135  C CE1 . PHE A 1 49  ? 0.863   2.886   5.262   1.00 14.70 ? 49  PHE A CE1 1 
ATOM   136  C CE2 . PHE A 1 49  ? 1.014   0.874   3.982   1.00 14.53 ? 49  PHE A CE2 1 
ATOM   137  C CZ  . PHE A 1 49  ? 1.605   1.812   4.805   1.00 14.36 ? 49  PHE A CZ  1 
ATOM   138  N N   . GLY A 1 50  ? -2.879  1.862   0.566   1.00 13.13 ? 50  GLY A N   1 
ATOM   139  C CA  . GLY A 1 50  ? -2.484  1.295   -0.729  1.00 12.56 ? 50  GLY A CA  1 
ATOM   140  C C   . GLY A 1 50  ? -2.270  2.384   -1.765  1.00 11.98 ? 50  GLY A C   1 
ATOM   141  O O   . GLY A 1 50  ? -1.326  2.325   -2.546  1.00 11.25 ? 50  GLY A O   1 
ATOM   142  N N   . GLN A 1 51  ? -3.137  3.388   -1.742  1.00 11.76 ? 51  GLN A N   1 
ATOM   143  C CA  . GLN A 1 51  ? -3.031  4.519   -2.649  1.00 12.04 ? 51  GLN A CA  1 
ATOM   144  C C   . GLN A 1 51  ? -1.785  5.366   -2.345  1.00 11.54 ? 51  GLN A C   1 
ATOM   145  O O   . GLN A 1 51  ? -1.019  5.668   -3.254  1.00 11.21 ? 51  GLN A O   1 
ATOM   146  C CB  . GLN A 1 51  ? -4.291  5.378   -2.584  1.00 12.76 ? 51  GLN A CB  1 
ATOM   147  C CG  . GLN A 1 51  ? -4.308  6.487   -3.620  1.00 14.02 ? 51  GLN A CG  1 
ATOM   148  C CD  . GLN A 1 51  ? -4.329  5.934   -5.050  1.00 15.23 ? 51  GLN A CD  1 
ATOM   149  O OE1 . GLN A 1 51  ? -5.260  5.188   -5.425  1.00 16.85 ? 51  GLN A OE1 1 
ATOM   150  N NE2 . GLN A 1 51  ? -3.302  6.272   -5.852  1.00 15.04 ? 51  GLN A NE2 1 
ATOM   151  N N   . MET A 1 52  ? -1.608  5.751   -1.077  1.00 11.00 ? 52  MET A N   1 
ATOM   152  C CA  . MET A 1 52  ? -0.401  6.418   -0.620  1.00 10.94 ? 52  MET A CA  1 
ATOM   153  C C   . MET A 1 52  ? 0.863   5.642   -1.022  1.00 12.49 ? 52  MET A C   1 
ATOM   154  O O   . MET A 1 52  ? 1.837   6.247   -1.446  1.00 12.84 ? 52  MET A O   1 
ATOM   155  C CB  . MET A 1 52  ? -0.388  6.564   0.909   1.00 10.14 ? 52  MET A CB  1 
ATOM   156  C CG  . MET A 1 52  ? -1.387  7.549   1.561   1.00 19.41 ? 52  MET A CG  1 
ATOM   157  S SD  . MET A 1 52  ? -1.344  7.534   3.374   1.00 17.66 ? 52  MET A SD  1 
ATOM   158  C CE  . MET A 1 52  ? -2.634  8.748   3.681   1.00 18.28 ? 52  MET A CE  1 
ATOM   159  N N   . SER A 1 53  ? 0.875   4.320   -0.842  1.00 14.23 ? 53  SER A N   1 
ATOM   160  C CA  . SER A 1 53  ? 2.057   3.490   -1.188  1.00 16.17 ? 53  SER A CA  1 
ATOM   161  C C   . SER A 1 53  ? 2.382   3.505   -2.682  1.00 17.00 ? 53  SER A C   1 
ATOM   162  O O   . SER A 1 53  ? 3.541   3.629   -3.052  1.00 17.09 ? 53  SER A O   1 
ATOM   163  C CB  . SER A 1 53  ? 1.863   2.034   -0.770  1.00 16.81 ? 53  SER A CB  1 
ATOM   164  O OG  . SER A 1 53  ? 1.842   1.926   0.648   1.00 19.49 ? 53  SER A OG  1 
ATOM   165  N N   . PHE A 1 54  ? 1.353   3.391   -3.518  1.00 18.28 ? 54  PHE A N   1 
ATOM   166  C CA  . PHE A 1 54  ? 1.485   3.505   -4.987  1.00 20.46 ? 54  PHE A CA  1 
ATOM   167  C C   . PHE A 1 54  ? 2.051   4.863   -5.387  1.00 19.87 ? 54  PHE A C   1 
ATOM   168  O O   . PHE A 1 54  ? 3.039   4.936   -6.089  1.00 21.12 ? 54  PHE A O   1 
ATOM   169  C CB  . PHE A 1 54  ? 0.107   3.292   -5.616  1.00 22.98 ? 54  PHE A CB  1 
ATOM   170  C CG  . PHE A 1 54  ? 0.101   2.936   -7.068  1.00 26.14 ? 54  PHE A CG  1 
ATOM   171  C CD1 . PHE A 1 54  ? 0.014   1.596   -7.477  1.00 27.66 ? 54  PHE A CD1 1 
ATOM   172  C CD2 . PHE A 1 54  ? 0.034   3.929   -8.027  1.00 27.72 ? 54  PHE A CD2 1 
ATOM   173  C CE1 . PHE A 1 54  ? -0.052  1.268   -8.830  1.00 29.20 ? 54  PHE A CE1 1 
ATOM   174  C CE2 . PHE A 1 54  ? -0.020  3.608   -9.376  1.00 29.18 ? 54  PHE A CE2 1 
ATOM   175  C CZ  . PHE A 1 54  ? -0.062  2.276   -9.782  1.00 29.01 ? 54  PHE A CZ  1 
ATOM   176  N N   . ASP A 1 55  ? 1.448   5.932   -4.885  1.00 20.29 ? 55  ASP A N   1 
ATOM   177  C CA  . ASP A 1 55  ? 1.925   7.311   -5.089  1.00 20.50 ? 55  ASP A CA  1 
ATOM   178  C C   . ASP A 1 55  ? 3.357   7.532   -4.622  1.00 20.32 ? 55  ASP A C   1 
ATOM   179  O O   . ASP A 1 55  ? 4.088   8.315   -5.216  1.00 21.20 ? 55  ASP A O   1 
ATOM   180  C CB  . ASP A 1 55  ? 1.028   8.317   -4.339  1.00 20.38 ? 55  ASP A CB  1 
ATOM   181  C CG  . ASP A 1 55  ? -0.389  8.327   -4.850  1.00 20.43 ? 55  ASP A CG  1 
ATOM   182  O OD1 . ASP A 1 55  ? -0.673  7.711   -5.909  1.00 20.87 ? 55  ASP A OD1 1 
ATOM   183  O OD2 . ASP A 1 55  ? -1.230  8.960   -4.190  1.00 22.62 ? 55  ASP A OD2 1 
ATOM   184  N N   . HIS A 1 56  ? 3.734   6.900   -3.528  1.00 20.34 ? 56  HIS A N   1 
ATOM   185  C CA  . HIS A 1 56  ? 5.096   6.979   -3.047  1.00 21.91 ? 56  HIS A CA  1 
ATOM   186  C C   . HIS A 1 56  ? 6.087   6.471   -4.103  1.00 23.30 ? 56  HIS A C   1 
ATOM   187  O O   . HIS A 1 56  ? 7.134   7.077   -4.313  1.00 23.79 ? 56  HIS A O   1 
ATOM   188  C CB  . HIS A 1 56  ? 5.240   6.172   -1.750  1.00 22.32 ? 56  HIS A CB  1 
ATOM   189  C CG  . HIS A 1 56  ? 6.604   6.264   -1.137  1.00 23.10 ? 56  HIS A CG  1 
ATOM   190  N ND1 . HIS A 1 56  ? 7.599   5.338   -1.384  1.00 22.65 ? 56  HIS A ND1 1 
ATOM   191  C CD2 . HIS A 1 56  ? 7.146   7.189   -0.308  1.00 23.77 ? 56  HIS A CD2 1 
ATOM   192  C CE1 . HIS A 1 56  ? 8.691   5.683   -0.726  1.00 22.80 ? 56  HIS A CE1 1 
ATOM   193  N NE2 . HIS A 1 56  ? 8.442   6.798   -0.059  1.00 23.91 ? 56  HIS A NE2 1 
ATOM   194  N N   . GLN A 1 57  ? 5.768   5.365   -4.766  1.00 25.23 ? 57  GLN A N   1 
ATOM   195  C CA  . GLN A 1 57  ? 6.661   4.831   -5.791  1.00 27.25 ? 57  GLN A CA  1 
ATOM   196  C C   . GLN A 1 57  ? 6.725   5.667   -7.053  1.00 28.06 ? 57  GLN A C   1 
ATOM   197  O O   . GLN A 1 57  ? 7.783   5.764   -7.666  1.00 27.30 ? 57  GLN A O   1 
ATOM   198  C CB  . GLN A 1 57  ? 6.246   3.405   -6.140  1.00 28.99 ? 57  GLN A CB  1 
ATOM   199  C CG  . GLN A 1 57  ? 6.524   2.446   -4.987  1.00 30.38 ? 57  GLN A CG  1 
ATOM   200  C CD  . GLN A 1 57  ? 7.984   2.570   -4.533  1.00 33.63 ? 57  GLN A CD  1 
ATOM   201  O OE1 . GLN A 1 57  ? 8.328   3.254   -3.536  1.00 35.60 ? 57  GLN A OE1 1 
ATOM   202  N NE2 . GLN A 1 57  ? 8.866   1.962   -5.318  1.00 34.35 ? 57  GLN A NE2 1 
ATOM   203  N N   . GLN A 1 58  ? 5.602   6.275   -7.431  1.00 30.33 ? 58  GLN A N   1 
ATOM   204  C CA  . GLN A 1 58  ? 5.552   7.201   -8.582  1.00 32.04 ? 58  GLN A CA  1 
ATOM   205  C C   . GLN A 1 58  ? 6.369   8.475   -8.337  1.00 30.44 ? 58  GLN A C   1 
ATOM   206  O O   . GLN A 1 58  ? 7.108   8.909   -9.201  1.00 31.05 ? 58  GLN A O   1 
ATOM   207  C CB  . GLN A 1 58  ? 4.112   7.588   -8.921  1.00 35.44 ? 58  GLN A CB  1 
ATOM   208  C CG  . GLN A 1 58  ? 3.220   6.441   -9.396  1.00 39.71 ? 58  GLN A CG  1 
ATOM   209  C CD  . GLN A 1 58  ? 1.879   6.909   -9.960  1.00 42.86 ? 58  GLN A CD  1 
ATOM   210  O OE1 . GLN A 1 58  ? 1.578   6.719   -11.147 1.00 46.21 ? 58  GLN A OE1 1 
ATOM   211  N NE2 . GLN A 1 58  ? 1.069   7.528   -9.106  1.00 45.82 ? 58  GLN A NE2 1 
ATOM   212  N N   . LEU A 1 59  ? 6.223   9.068   -7.161  1.00 30.40 ? 59  LEU A N   1 
ATOM   213  C CA  . LEU A 1 59  ? 7.054   10.193  -6.731  1.00 29.59 ? 59  LEU A CA  1 
ATOM   214  C C   . LEU A 1 59  ? 8.532   9.854   -6.777  1.00 29.19 ? 59  LEU A C   1 
ATOM   215  O O   . LEU A 1 59  ? 9.340   10.673  -7.203  1.00 29.45 ? 59  LEU A O   1 
ATOM   216  C CB  . LEU A 1 59  ? 6.716   10.598  -5.294  1.00 29.32 ? 59  LEU A CB  1 
ATOM   217  C CG  . LEU A 1 59  ? 5.873   11.840  -5.026  1.00 30.22 ? 59  LEU A CG  1 
ATOM   218  C CD1 . LEU A 1 59  ? 5.419   11.862  -3.576  1.00 29.65 ? 59  LEU A CD1 1 
ATOM   219  C CD2 . LEU A 1 59  ? 6.683   13.090  -5.337  1.00 30.39 ? 59  LEU A CD2 1 
ATOM   220  N N   . ALA A 1 60  ? 8.890   8.671   -6.288  1.00 28.69 ? 60  ALA A N   1 
ATOM   221  C CA  . ALA A 1 60  ? 10.289  8.267   -6.233  1.00 28.95 ? 60  ALA A CA  1 
ATOM   222  C C   . ALA A 1 60  ? 10.903  8.102   -7.623  1.00 30.47 ? 60  ALA A C   1 
ATOM   223  O O   . ALA A 1 60  ? 12.059  8.472   -7.818  1.00 29.41 ? 60  ALA A O   1 
ATOM   224  C CB  . ALA A 1 60  ? 10.430  6.987   -5.446  1.00 29.52 ? 60  ALA A CB  1 
ATOM   225  N N   . LYS A 1 61  ? 10.130  7.595   -8.583  1.00 32.97 ? 61  LYS A N   1 
ATOM   226  C CA  . LYS A 1 61  ? 10.577  7.531   -9.977  1.00 37.48 ? 61  LYS A CA  1 
ATOM   227  C C   . LYS A 1 61  ? 10.676  8.924   -10.595 1.00 37.87 ? 61  LYS A C   1 
ATOM   228  O O   . LYS A 1 61  ? 11.658  9.243   -11.235 1.00 40.13 ? 61  LYS A O   1 
ATOM   229  C CB  . LYS A 1 61  ? 9.666   6.643   -10.842 1.00 42.65 ? 61  LYS A CB  1 
ATOM   230  C CG  . LYS A 1 61  ? 9.556   5.175   -10.415 1.00 51.41 ? 61  LYS A CG  1 
ATOM   231  C CD  . LYS A 1 61  ? 10.850  4.582   -9.826  1.00 59.67 ? 61  LYS A CD  1 
ATOM   232  C CE  . LYS A 1 61  ? 10.598  3.474   -8.793  1.00 65.17 ? 61  LYS A CE  1 
ATOM   233  N NZ  . LYS A 1 61  ? 10.181  2.166   -9.386  1.00 68.57 ? 61  LYS A NZ  1 
ATOM   234  N N   . LEU A 1 62  ? 9.666   9.752   -10.396 1.00 37.05 ? 62  LEU A N   1 
ATOM   235  C CA  . LEU A 1 62  ? 9.696   11.144  -10.864 1.00 36.20 ? 62  LEU A CA  1 
ATOM   236  C C   . LEU A 1 62  ? 10.955  11.875  -10.401 1.00 34.17 ? 62  LEU A C   1 
ATOM   237  O O   . LEU A 1 62  ? 11.549  12.632  -11.159 1.00 31.79 ? 62  LEU A O   1 
ATOM   238  C CB  . LEU A 1 62  ? 8.500   11.904  -10.299 1.00 36.66 ? 62  LEU A CB  1 
ATOM   239  C CG  . LEU A 1 62  ? 7.555   12.687  -11.174 1.00 38.62 ? 62  LEU A CG  1 
ATOM   240  C CD1 . LEU A 1 62  ? 7.130   11.837  -12.362 1.00 40.04 ? 62  LEU A CD1 1 
ATOM   241  C CD2 . LEU A 1 62  ? 6.344   13.125  -10.344 1.00 37.78 ? 62  LEU A CD2 1 
ATOM   242  N N   . ILE A 1 63  ? 11.322  11.657  -9.142  1.00 34.57 ? 63  ILE A N   1 
ATOM   243  C CA  . ILE A 1 63  ? 12.493  12.269  -8.523  1.00 36.42 ? 63  ILE A CA  1 
ATOM   244  C C   . ILE A 1 63  ? 13.777  11.831  -9.221  1.00 41.39 ? 63  ILE A C   1 
ATOM   245  O O   . ILE A 1 63  ? 14.660  12.661  -9.436  1.00 42.48 ? 63  ILE A O   1 
ATOM   246  C CB  . ILE A 1 63  ? 12.554  11.949  -7.003  1.00 34.48 ? 63  ILE A CB  1 
ATOM   247  C CG1 . ILE A 1 63  ? 11.582  12.850  -6.244  1.00 34.91 ? 63  ILE A CG1 1 
ATOM   248  C CG2 . ILE A 1 63  ? 13.951  12.148  -6.422  1.00 33.77 ? 63  ILE A CG2 1 
ATOM   249  C CD1 . ILE A 1 63  ? 11.387  12.458  -4.788  1.00 34.97 ? 63  ILE A CD1 1 
ATOM   250  N N   . GLN A 1 64  ? 13.882  10.553  -9.592  1.00 46.80 ? 64  GLN A N   1 
ATOM   251  C CA  . GLN A 1 64  ? 15.083  10.065  -10.301 1.00 53.33 ? 64  GLN A CA  1 
ATOM   252  C C   . GLN A 1 64  ? 15.199  10.727  -11.698 1.00 54.39 ? 64  GLN A C   1 
ATOM   253  O O   . GLN A 1 64  ? 16.306  10.958  -12.192 1.00 57.23 ? 64  GLN A O   1 
ATOM   254  C CB  . GLN A 1 64  ? 15.090  8.519   -10.423 1.00 58.62 ? 64  GLN A CB  1 
ATOM   255  C CG  . GLN A 1 64  ? 14.518  7.957   -11.729 1.00 65.24 ? 64  GLN A CG  1 
ATOM   256  C CD  . GLN A 1 64  ? 14.307  6.441   -11.738 1.00 71.59 ? 64  GLN A CD  1 
ATOM   257  O OE1 . GLN A 1 64  ? 13.560  5.924   -12.578 1.00 71.79 ? 64  GLN A OE1 1 
ATOM   258  N NE2 . GLN A 1 64  ? 14.944  5.725   -10.803 1.00 73.21 ? 64  GLN A NE2 1 
ATOM   259  N N   . GLU A 1 65  ? 14.046  11.039  -12.294 1.00 53.49 ? 65  GLU A N   1 
ATOM   260  C CA  . GLU A 1 65  ? 13.922  11.538  -13.667 1.00 55.34 ? 65  GLU A CA  1 
ATOM   261  C C   . GLU A 1 65  ? 13.870  13.058  -13.743 1.00 56.90 ? 65  GLU A C   1 
ATOM   262  O O   . GLU A 1 65  ? 13.690  13.612  -14.827 1.00 57.01 ? 65  GLU A O   1 
ATOM   263  C CB  . GLU A 1 65  ? 12.623  11.032  -14.295 1.00 56.59 ? 65  GLU A CB  1 
ATOM   264  C CG  . GLU A 1 65  ? 12.338  9.552   -14.088 1.00 61.41 ? 65  GLU A CG  1 
ATOM   265  C CD  . GLU A 1 65  ? 11.055  9.057   -14.750 1.00 65.50 ? 65  GLU A CD  1 
ATOM   266  O OE1 . GLU A 1 65  ? 10.284  9.880   -15.284 1.00 67.06 ? 65  GLU A OE1 1 
ATOM   267  O OE2 . GLU A 1 65  ? 10.813  7.827   -14.738 1.00 69.75 ? 65  GLU A OE2 1 
ATOM   268  N N   . SER A 1 66  ? 13.980  13.724  -12.598 1.00 59.91 ? 66  SER A N   1 
ATOM   269  C CA  . SER A 1 66  ? 13.919  15.184  -12.551 1.00 62.57 ? 66  SER A CA  1 
ATOM   270  C C   . SER A 1 66  ? 15.226  15.783  -13.041 1.00 66.51 ? 66  SER A C   1 
ATOM   271  O O   . SER A 1 66  ? 16.298  15.362  -12.588 1.00 63.71 ? 66  SER A O   1 
ATOM   272  C CB  . SER A 1 66  ? 13.627  15.688  -11.138 1.00 59.92 ? 66  SER A CB  1 
ATOM   273  O OG  . SER A 1 66  ? 12.232  15.778  -10.934 1.00 62.49 ? 66  SER A OG  1 
ATOM   274  N N   . PRO A 1 67  ? 15.142  16.766  -13.967 1.00 73.49 ? 67  PRO A N   1 
ATOM   275  C CA  . PRO A 1 67  ? 16.347  17.452  -14.433 1.00 77.80 ? 67  PRO A CA  1 
ATOM   276  C C   . PRO A 1 67  ? 16.880  18.446  -13.406 1.00 79.35 ? 67  PRO A C   1 
ATOM   277  O O   . PRO A 1 67  ? 17.995  18.279  -12.893 1.00 82.72 ? 67  PRO A O   1 
ATOM   278  C CB  . PRO A 1 67  ? 15.891  18.170  -15.716 1.00 77.30 ? 67  PRO A CB  1 
ATOM   279  C CG  . PRO A 1 67  ? 14.404  18.228  -15.666 1.00 74.21 ? 67  PRO A CG  1 
ATOM   280  C CD  . PRO A 1 67  ? 13.917  17.243  -14.647 1.00 73.87 ? 67  PRO A CD  1 
ATOM   281  N N   . THR A 1 68  ? 16.065  19.446  -13.092 1.00 80.15 ? 68  THR A N   1 
ATOM   282  C CA  . THR A 1 68  ? 16.486  20.543  -12.229 1.00 81.24 ? 68  THR A CA  1 
ATOM   283  C C   . THR A 1 68  ? 16.526  20.139  -10.738 1.00 78.01 ? 68  THR A C   1 
ATOM   284  O O   . THR A 1 68  ? 15.823  19.223  -10.294 1.00 81.32 ? 68  THR A O   1 
ATOM   285  C CB  . THR A 1 68  ? 15.654  21.832  -12.496 1.00 79.76 ? 68  THR A CB  1 
ATOM   286  O OG1 . THR A 1 68  ? 16.015  22.857  -11.566 1.00 84.22 ? 68  THR A OG1 1 
ATOM   287  C CG2 . THR A 1 68  ? 14.162  21.619  -12.402 1.00 80.09 ? 68  THR A CG2 1 
ATOM   288  N N   . VAL A 1 69  ? 17.398  20.798  -9.982  1.00 78.50 ? 69  VAL A N   1 
ATOM   289  C CA  . VAL A 1 69  ? 17.444  20.620  -8.526  1.00 80.42 ? 69  VAL A CA  1 
ATOM   290  C C   . VAL A 1 69  ? 16.283  21.337  -7.816  1.00 81.60 ? 69  VAL A C   1 
ATOM   291  O O   . VAL A 1 69  ? 15.877  20.913  -6.740  1.00 82.14 ? 69  VAL A O   1 
ATOM   292  C CB  . VAL A 1 69  ? 18.788  21.090  -7.916  1.00 78.67 ? 69  VAL A CB  1 
ATOM   293  C CG1 . VAL A 1 69  ? 18.870  22.615  -7.869  1.00 80.30 ? 69  VAL A CG1 1 
ATOM   294  C CG2 . VAL A 1 69  ? 18.982  20.497  -6.524  1.00 76.63 ? 69  VAL A CG2 1 
ATOM   295  N N   . GLU A 1 70  ? 15.771  22.423  -8.404  1.00 82.37 ? 70  GLU A N   1 
ATOM   296  C CA  . GLU A 1 70  ? 14.584  23.116  -7.859  1.00 84.79 ? 70  GLU A CA  1 
ATOM   297  C C   . GLU A 1 70  ? 13.372  22.160  -7.760  1.00 79.85 ? 70  GLU A C   1 
ATOM   298  O O   . GLU A 1 70  ? 12.712  22.092  -6.720  1.00 79.59 ? 70  GLU A O   1 
ATOM   299  C CB  . GLU A 1 70  ? 14.248  24.410  -8.646  1.00 89.69 ? 70  GLU A CB  1 
ATOM   300  C CG  . GLU A 1 70  ? 13.652  24.200  -10.029 1.00 96.13 ? 70  GLU A CG  1 
ATOM   301  C CD  . GLU A 1 70  ? 13.317  25.493  -10.772 1.00 98.70 ? 70  GLU A CD  1 
ATOM   302  O OE1 . GLU A 1 70  ? 13.426  26.594  -10.183 1.00 93.21 ? 70  GLU A OE1 1 
ATOM   303  O OE2 . GLU A 1 70  ? 12.932  25.402  -11.959 1.00 95.49 ? 70  GLU A OE2 1 
ATOM   304  N N   . LEU A 1 71  ? 13.124  21.392  -8.824  1.00 73.02 ? 71  LEU A N   1 
ATOM   305  C CA  . LEU A 1 71  ? 12.014  20.440  -8.865  1.00 69.73 ? 71  LEU A CA  1 
ATOM   306  C C   . LEU A 1 71  ? 12.287  19.174  -8.039  1.00 70.16 ? 71  LEU A C   1 
ATOM   307  O O   . LEU A 1 71  ? 11.393  18.701  -7.346  1.00 73.79 ? 71  LEU A O   1 
ATOM   308  C CB  . LEU A 1 71  ? 11.625  20.102  -10.308 1.00 71.40 ? 71  LEU A CB  1 
ATOM   309  C CG  . LEU A 1 71  ? 10.993  21.229  -11.157 1.00 76.70 ? 71  LEU A CG  1 
ATOM   310  C CD1 . LEU A 1 71  ? 10.728  20.746  -12.586 1.00 77.14 ? 71  LEU A CD1 1 
ATOM   311  C CD2 . LEU A 1 71  ? 9.714   21.793  -10.527 1.00 76.12 ? 71  LEU A CD2 1 
ATOM   312  N N   . LYS A 1 72  ? 13.506  18.638  -8.084  1.00 68.15 ? 72  LYS A N   1 
ATOM   313  C CA  . LYS A 1 72  ? 13.866  17.514  -7.214  1.00 69.60 ? 72  LYS A CA  1 
ATOM   314  C C   . LYS A 1 72  ? 13.569  17.846  -5.766  1.00 70.25 ? 72  LYS A C   1 
ATOM   315  O O   . LYS A 1 72  ? 13.049  17.008  -5.042  1.00 75.71 ? 72  LYS A O   1 
ATOM   316  C CB  . LYS A 1 72  ? 15.348  17.146  -7.323  1.00 74.08 ? 72  LYS A CB  1 
ATOM   317  C CG  . LYS A 1 72  ? 15.704  16.219  -8.475  1.00 78.66 ? 72  LYS A CG  1 
ATOM   318  C CD  . LYS A 1 72  ? 17.172  15.796  -8.401  1.00 84.54 ? 72  LYS A CD  1 
ATOM   319  C CE  . LYS A 1 72  ? 17.389  14.460  -7.731  1.00 86.60 ? 72  LYS A CE  1 
ATOM   320  N NZ  . LYS A 1 72  ? 17.834  13.440  -8.716  1.00 87.98 ? 72  LYS A NZ  1 
ATOM   321  N N   . ASP A 1 73  ? 13.926  19.055  -5.341  1.00 68.95 ? 73  ASP A N   1 
ATOM   322  C CA  . ASP A 1 73  ? 13.705  19.487  -3.957  1.00 70.38 ? 73  ASP A CA  1 
ATOM   323  C C   . ASP A 1 73  ? 12.216  19.597  -3.618  1.00 63.76 ? 73  ASP A C   1 
ATOM   324  O O   . ASP A 1 73  ? 11.789  19.143  -2.564  1.00 57.21 ? 73  ASP A O   1 
ATOM   325  C CB  . ASP A 1 73  ? 14.460  20.802  -3.665  1.00 76.28 ? 73  ASP A CB  1 
ATOM   326  C CG  . ASP A 1 73  ? 15.989  20.607  -3.615  1.00 84.72 ? 73  ASP A CG  1 
ATOM   327  O OD1 . ASP A 1 73  ? 16.472  19.469  -3.852  1.00 90.80 ? 73  ASP A OD1 1 
ATOM   328  O OD2 . ASP A 1 73  ? 16.714  21.596  -3.343  1.00 90.88 ? 73  ASP A OD2 1 
ATOM   329  N N   . LYS A 1 74  ? 11.426  20.164  -4.524  1.00 62.84 ? 74  LYS A N   1 
ATOM   330  C CA  . LYS A 1 74  ? 9.971   20.230  -4.342  1.00 62.48 ? 74  LYS A CA  1 
ATOM   331  C C   . LYS A 1 74  ? 9.348   18.849  -4.186  1.00 57.34 ? 74  LYS A C   1 
ATOM   332  O O   . LYS A 1 74  ? 8.453   18.671  -3.364  1.00 61.35 ? 74  LYS A O   1 
ATOM   333  C CB  . LYS A 1 74  ? 9.292   20.944  -5.515  1.00 66.45 ? 74  LYS A CB  1 
ATOM   334  C CG  . LYS A 1 74  ? 9.435   22.456  -5.497  1.00 70.17 ? 74  LYS A CG  1 
ATOM   335  C CD  . LYS A 1 74  ? 9.181   23.030  -6.879  1.00 73.39 ? 74  LYS A CD  1 
ATOM   336  C CE  . LYS A 1 74  ? 9.674   24.463  -6.951  1.00 72.38 ? 74  LYS A CE  1 
ATOM   337  N NZ  . LYS A 1 74  ? 9.409   25.073  -8.280  1.00 71.90 ? 74  LYS A NZ  1 
ATOM   338  N N   . LEU A 1 75  ? 9.825   17.886  -4.974  1.00 50.84 ? 75  LEU A N   1 
ATOM   339  C CA  . LEU A 1 75  ? 9.314   16.508  -4.933  1.00 46.18 ? 75  LEU A CA  1 
ATOM   340  C C   . LEU A 1 75  ? 9.786   15.701  -3.711  1.00 42.81 ? 75  LEU A C   1 
ATOM   341  O O   . LEU A 1 75  ? 9.058   14.862  -3.210  1.00 38.97 ? 75  LEU A O   1 
ATOM   342  C CB  . LEU A 1 75  ? 9.696   15.751  -6.205  1.00 43.92 ? 75  LEU A CB  1 
ATOM   343  C CG  . LEU A 1 75  ? 9.102   16.244  -7.526  1.00 42.46 ? 75  LEU A CG  1 
ATOM   344  C CD1 . LEU A 1 75  ? 9.624   15.401  -8.674  1.00 41.60 ? 75  LEU A CD1 1 
ATOM   345  C CD2 . LEU A 1 75  ? 7.587   16.207  -7.503  1.00 42.86 ? 75  LEU A CD2 1 
ATOM   346  N N   . GLU A 1 76  ? 11.002  15.961  -3.251  1.00 42.34 ? 76  GLU A N   1 
ATOM   347  C CA  . GLU A 1 76  ? 11.540  15.320  -2.059  1.00 43.90 ? 76  GLU A CA  1 
ATOM   348  C C   . GLU A 1 76  ? 10.866  15.828  -0.792  1.00 44.96 ? 76  GLU A C   1 
ATOM   349  O O   . GLU A 1 76  ? 10.712  15.091  0.184   1.00 46.36 ? 76  GLU A O   1 
ATOM   350  C CB  . GLU A 1 76  ? 13.052  15.528  -1.989  1.00 47.04 ? 76  GLU A CB  1 
ATOM   351  C CG  . GLU A 1 76  ? 13.792  14.606  -2.946  1.00 51.90 ? 76  GLU A CG  1 
ATOM   352  C CD  . GLU A 1 76  ? 15.261  14.953  -3.166  1.00 57.08 ? 76  GLU A CD  1 
ATOM   353  O OE1 . GLU A 1 76  ? 15.673  16.110  -2.901  1.00 57.93 ? 76  GLU A OE1 1 
ATOM   354  O OE2 . GLU A 1 76  ? 16.007  14.043  -3.627  1.00 60.25 ? 76  GLU A OE2 1 
ATOM   355  N N   . CYS A 1 77  ? 10.467  17.091  -0.808  1.00 46.02 ? 77  CYS A N   1 
ATOM   356  C CA  . CYS A 1 77  ? 9.683   17.671  0.267   1.00 48.87 ? 77  CYS A CA  1 
ATOM   357  C C   . CYS A 1 77  ? 8.351   16.951  0.374   1.00 42.80 ? 77  CYS A C   1 
ATOM   358  O O   . CYS A 1 77  ? 7.941   16.574  1.475   1.00 37.58 ? 77  CYS A O   1 
ATOM   359  C CB  . CYS A 1 77  ? 9.487   19.175  -0.007  1.00 57.04 ? 77  CYS A CB  1 
ATOM   360  S SG  . CYS A 1 77  ? 8.043   20.027  0.703   1.00 72.53 ? 77  CYS A SG  1 
ATOM   361  N N   . GLU A 1 78  ? 7.699   16.756  -0.773  1.00 40.57 ? 78  GLU A N   1 
ATOM   362  C CA  . GLU A 1 78  ? 6.414   16.068  -0.841  1.00 38.78 ? 78  GLU A CA  1 
ATOM   363  C C   . GLU A 1 78  ? 6.515   14.593  -0.465  1.00 35.68 ? 78  GLU A C   1 
ATOM   364  O O   . GLU A 1 78  ? 5.637   14.077  0.205   1.00 35.27 ? 78  GLU A O   1 
ATOM   365  C CB  . GLU A 1 78  ? 5.790   16.209  -2.224  1.00 38.94 ? 78  GLU A CB  1 
ATOM   366  C CG  . GLU A 1 78  ? 4.491   15.423  -2.414  1.00 41.12 ? 78  GLU A CG  1 
ATOM   367  C CD  . GLU A 1 78  ? 3.316   15.931  -1.570  1.00 42.79 ? 78  GLU A CD  1 
ATOM   368  O OE1 . GLU A 1 78  ? 3.431   17.015  -0.945  1.00 46.47 ? 78  GLU A OE1 1 
ATOM   369  O OE2 . GLU A 1 78  ? 2.267   15.249  -1.538  1.00 39.15 ? 78  GLU A OE2 1 
ATOM   370  N N   . LEU A 1 79  ? 7.572   13.924  -0.912  1.00 33.05 ? 79  LEU A N   1 
ATOM   371  C CA  . LEU A 1 79  ? 7.846   12.530  -0.520  1.00 32.97 ? 79  LEU A CA  1 
ATOM   372  C C   . LEU A 1 79  ? 7.972   12.399  1.000   1.00 32.42 ? 79  LEU A C   1 
ATOM   373  O O   . LEU A 1 79  ? 7.432   11.477  1.589   1.00 30.42 ? 79  LEU A O   1 
ATOM   374  C CB  . LEU A 1 79  ? 9.127   12.009  -1.208  1.00 32.67 ? 79  LEU A CB  1 
ATOM   375  C CG  . LEU A 1 79  ? 9.423   10.503  -1.228  1.00 31.96 ? 79  LEU A CG  1 
ATOM   376  C CD1 . LEU A 1 79  ? 8.443   9.764   -2.120  1.00 32.45 ? 79  LEU A CD1 1 
ATOM   377  C CD2 . LEU A 1 79  ? 10.828  10.209  -1.737  1.00 31.67 ? 79  LEU A CD2 1 
ATOM   378  N N   . GLU A 1 80  ? 8.649   13.342  1.640   1.00 34.44 ? 80  GLU A N   1 
ATOM   379  C CA  . GLU A 1 80  ? 8.801   13.298  3.092   1.00 36.88 ? 80  GLU A CA  1 
ATOM   380  C C   . GLU A 1 80  ? 7.476   13.555  3.831   1.00 33.45 ? 80  GLU A C   1 
ATOM   381  O O   . GLU A 1 80  ? 7.216   12.959  4.872   1.00 33.08 ? 80  GLU A O   1 
ATOM   382  C CB  . GLU A 1 80  ? 9.864   14.289  3.560   1.00 43.96 ? 80  GLU A CB  1 
ATOM   383  C CG  . GLU A 1 80  ? 10.490  13.895  4.885   1.00 53.83 ? 80  GLU A CG  1 
ATOM   384  C CD  . GLU A 1 80  ? 11.134  15.055  5.628   1.00 61.56 ? 80  GLU A CD  1 
ATOM   385  O OE1 . GLU A 1 80  ? 10.979  16.233  5.208   1.00 63.91 ? 80  GLU A OE1 1 
ATOM   386  O OE2 . GLU A 1 80  ? 11.791  14.761  6.656   1.00 69.98 ? 80  GLU A OE2 1 
ATOM   387  N N   . ALA A 1 81  ? 6.633   14.424  3.288   1.00 30.14 ? 81  ALA A N   1 
ATOM   388  C CA  . ALA A 1 81  ? 5.302   14.633  3.843   1.00 28.14 ? 81  ALA A CA  1 
ATOM   389  C C   . ALA A 1 81  ? 4.454   13.369  3.676   1.00 27.28 ? 81  ALA A C   1 
ATOM   390  O O   . ALA A 1 81  ? 3.778   12.929  4.621   1.00 28.80 ? 81  ALA A O   1 
ATOM   391  C CB  . ALA A 1 81  ? 4.620   15.811  3.164   1.00 27.66 ? 81  ALA A CB  1 
ATOM   392  N N   . LEU A 1 82  ? 4.483   12.784  2.479   1.00 23.86 ? 82  LEU A N   1 
ATOM   393  C CA  . LEU A 1 82  ? 3.737   11.564  2.203   1.00 21.98 ? 82  LEU A CA  1 
ATOM   394  C C   . LEU A 1 82  ? 4.122   10.452  3.164   1.00 20.83 ? 82  LEU A C   1 
ATOM   395  O O   . LEU A 1 82  ? 3.266   9.732   3.653   1.00 21.07 ? 82  LEU A O   1 
ATOM   396  C CB  . LEU A 1 82  ? 3.969   11.108  0.766   1.00 21.83 ? 82  LEU A CB  1 
ATOM   397  C CG  . LEU A 1 82  ? 3.221   9.854   0.302   1.00 21.85 ? 82  LEU A CG  1 
ATOM   398  C CD1 . LEU A 1 82  ? 1.730   9.955   0.626   1.00 21.58 ? 82  LEU A CD1 1 
ATOM   399  C CD2 . LEU A 1 82  ? 3.446   9.644   -1.186  1.00 21.47 ? 82  LEU A CD2 1 
ATOM   400  N N   . VAL A 1 83  ? 5.413   10.317  3.428   1.00 20.50 ? 83  VAL A N   1 
ATOM   401  C CA  . VAL A 1 83  ? 5.904   9.334   4.389   1.00 20.41 ? 83  VAL A CA  1 
ATOM   402  C C   . VAL A 1 83  ? 5.329   9.585   5.800   1.00 20.30 ? 83  VAL A C   1 
ATOM   403  O O   . VAL A 1 83  ? 5.063   8.642   6.546   1.00 20.97 ? 83  VAL A O   1 
ATOM   404  C CB  . VAL A 1 83  ? 7.453   9.307   4.404   1.00 20.55 ? 83  VAL A CB  1 
ATOM   405  C CG1 . VAL A 1 83  ? 7.981   8.517   5.593   1.00 20.80 ? 83  VAL A CG1 1 
ATOM   406  C CG2 . VAL A 1 83  ? 8.007   8.716   3.113   1.00 19.64 ? 83  VAL A CG2 1 
ATOM   407  N N   . GLY A 1 84  ? 5.119   10.846  6.165   1.00 20.22 ? 84  GLY A N   1 
ATOM   408  C CA  . GLY A 1 84  ? 4.550   11.194  7.478   1.00 19.03 ? 84  GLY A CA  1 
ATOM   409  C C   . GLY A 1 84  ? 3.085   10.788  7.573   1.00 19.14 ? 84  GLY A C   1 
ATOM   410  O O   . GLY A 1 84  ? 2.628   10.269  8.599   1.00 18.17 ? 84  GLY A O   1 
ATOM   411  N N   . ARG A 1 85  ? 2.360   10.989  6.473   1.00 18.93 ? 85  ARG A N   1 
ATOM   412  C CA  . ARG A 1 85  ? 0.968   10.573  6.365   1.00 18.49 ? 85  ARG A CA  1 
ATOM   413  C C   . ARG A 1 85  ? 0.853   9.058   6.337   1.00 17.47 ? 85  ARG A C   1 
ATOM   414  O O   . ARG A 1 85  ? -0.072  8.502   6.920   1.00 19.08 ? 85  ARG A O   1 
ATOM   415  C CB  . ARG A 1 85  ? 0.322   11.198  5.125   1.00 19.86 ? 85  ARG A CB  1 
ATOM   416  C CG  . ARG A 1 85  ? 0.402   12.722  5.120   1.00 20.47 ? 85  ARG A CG  1 
ATOM   417  C CD  . ARG A 1 85  ? -0.566  13.405  4.156   1.00 21.74 ? 85  ARG A CD  1 
ATOM   418  N NE  . ARG A 1 85  ? -0.369  13.130  2.718   1.00 22.69 ? 85  ARG A NE  1 
ATOM   419  C CZ  . ARG A 1 85  ? 0.444   13.838  1.925   1.00 23.95 ? 85  ARG A CZ  1 
ATOM   420  N NH1 . ARG A 1 85  ? 1.139   14.860  2.412   1.00 24.54 ? 85  ARG A NH1 1 
ATOM   421  N NH2 . ARG A 1 85  ? 0.583   13.518  0.635   1.00 23.91 ? 85  ARG A NH2 1 
ATOM   422  N N   . MET A 1 86  ? 1.810   8.380   5.702   1.00 16.38 ? 86  MET A N   1 
ATOM   423  C CA  . MET A 1 86  ? 1.833   6.911   5.695   1.00 14.91 ? 86  MET A CA  1 
ATOM   424  C C   . MET A 1 86  ? 2.091   6.330   7.100   1.00 16.26 ? 86  MET A C   1 
ATOM   425  O O   . MET A 1 86  ? 1.560   5.287   7.445   1.00 15.57 ? 86  MET A O   1 
ATOM   426  C CB  . MET A 1 86  ? 2.867   6.395   4.673   1.00 13.17 ? 86  MET A CB  1 
ATOM   427  C CG  . MET A 1 86  ? 2.455   6.438   3.192   1.00 11.95 ? 86  MET A CG  1 
ATOM   428  S SD  . MET A 1 86  ? 3.800   6.037   2.042   1.00 9.62  ? 86  MET A SD  1 
ATOM   429  C CE  . MET A 1 86  ? 3.851   4.266   2.334   1.00 10.45 ? 86  MET A CE  1 
ATOM   430  N N   . GLU A 1 87  ? 2.908   6.995   7.908   1.00 19.09 ? 87  GLU A N   1 
ATOM   431  C CA  . GLU A 1 87  ? 3.128   6.571   9.305   1.00 21.83 ? 87  GLU A CA  1 
ATOM   432  C C   . GLU A 1 87  ? 1.850   6.719   10.145  1.00 19.99 ? 87  GLU A C   1 
ATOM   433  O O   . GLU A 1 87  ? 1.428   5.792   10.829  1.00 19.14 ? 87  GLU A O   1 
ATOM   434  C CB  . GLU A 1 87  ? 4.258   7.383   9.973   1.00 25.97 ? 87  GLU A CB  1 
ATOM   435  C CG  . GLU A 1 87  ? 5.652   7.241   9.370   1.00 31.13 ? 87  GLU A CG  1 
ATOM   436  C CD  . GLU A 1 87  ? 6.693   8.163   10.035  1.00 37.87 ? 87  GLU A CD  1 
ATOM   437  O OE1 . GLU A 1 87  ? 6.369   8.803   11.079  1.00 42.69 ? 87  GLU A OE1 1 
ATOM   438  O OE2 . GLU A 1 87  ? 7.840   8.249   9.514   1.00 40.87 ? 87  GLU A OE2 1 
ATOM   439  N N   . ALA A 1 88  ? 1.240   7.892   10.087  1.00 18.67 ? 88  ALA A N   1 
ATOM   440  C CA  . ALA A 1 88  ? -0.041  8.133   10.750  1.00 17.78 ? 88  ALA A CA  1 
ATOM   441  C C   . ALA A 1 88  ? -1.111  7.118   10.340  1.00 17.01 ? 88  ALA A C   1 
ATOM   442  O O   . ALA A 1 88  ? -1.844  6.595   11.185  1.00 17.89 ? 88  ALA A O   1 
ATOM   443  C CB  . ALA A 1 88  ? -0.518  9.548   10.449  1.00 17.67 ? 88  ALA A CB  1 
ATOM   444  N N   . LYS A 1 89  ? -1.205  6.838   9.047   1.00 15.40 ? 89  LYS A N   1 
ATOM   445  C CA  . LYS A 1 89  ? -2.201  5.879   8.570   1.00 14.60 ? 89  LYS A CA  1 
ATOM   446  C C   . LYS A 1 89  ? -1.948  4.462   9.060   1.00 13.94 ? 89  LYS A C   1 
ATOM   447  O O   . LYS A 1 89  ? -2.888  3.722   9.320   1.00 13.26 ? 89  LYS A O   1 
ATOM   448  C CB  . LYS A 1 89  ? -2.259  5.887   7.042   1.00 14.28 ? 89  LYS A CB  1 
ATOM   449  C CG  . LYS A 1 89  ? -3.329  4.974   6.468   1.00 14.26 ? 89  LYS A CG  1 
ATOM   450  C CD  . LYS A 1 89  ? -4.510  5.744   5.939   1.00 14.34 ? 89  LYS A CD  1 
ATOM   451  C CE  . LYS A 1 89  ? -5.469  6.190   6.998   1.00 14.37 ? 89  LYS A CE  1 
ATOM   452  N NZ  . LYS A 1 89  ? -5.937  7.561   6.684   1.00 14.21 ? 89  LYS A NZ  1 
ATOM   453  N N   . ALA A 1 90  ? -0.680  4.085   9.154   1.00 14.63 ? 90  ALA A N   1 
ATOM   454  C CA  . ALA A 1 90  ? -0.312  2.727   9.551   1.00 14.93 ? 90  ALA A CA  1 
ATOM   455  C C   . ALA A 1 90  ? -0.655  2.496   11.002  1.00 16.06 ? 90  ALA A C   1 
ATOM   456  O O   . ALA A 1 90  ? -1.051  1.397   11.369  1.00 16.32 ? 90  ALA A O   1 
ATOM   457  C CB  . ALA A 1 90  ? 1.156   2.489   9.314   1.00 15.12 ? 90  ALA A CB  1 
ATOM   458  N N   . ASN A 1 91  ? -0.541  3.546   11.821  1.00 17.38 ? 91  ASN A N   1 
ATOM   459  C CA  . ASN A 1 91  ? -0.990  3.488   13.206  1.00 17.99 ? 91  ASN A CA  1 
ATOM   460  C C   . ASN A 1 91  ? -2.469  3.264   13.350  1.00 16.39 ? 91  ASN A C   1 
ATOM   461  O O   . ASN A 1 91  ? -2.887  2.476   14.179  1.00 15.94 ? 91  ASN A O   1 
ATOM   462  C CB  . ASN A 1 91  ? -0.642  4.764   13.934  1.00 21.13 ? 91  ASN A CB  1 
ATOM   463  C CG  . ASN A 1 91  ? 0.705   4.686   14.576  1.00 25.20 ? 91  ASN A CG  1 
ATOM   464  O OD1 . ASN A 1 91  ? 1.735   4.570   13.897  1.00 27.73 ? 91  ASN A OD1 1 
ATOM   465  N ND2 . ASN A 1 91  ? 0.710   4.675   15.918  1.00 27.16 ? 91  ASN A ND2 1 
ATOM   466  N N   . GLN A 1 92  ? -3.264  3.959   12.543  1.00 15.04 ? 92  GLN A N   1 
ATOM   467  C CA  . GLN A 1 92  ? -4.698  3.778   12.595  1.00 14.07 ? 92  GLN A CA  1 
ATOM   468  C C   . GLN A 1 92  ? -5.041  2.340   12.291  1.00 13.35 ? 92  GLN A C   1 
ATOM   469  O O   . GLN A 1 92  ? -5.913  1.762   12.924  1.00 13.50 ? 92  GLN A O   1 
ATOM   470  C CB  . GLN A 1 92  ? -5.393  4.649   11.585  1.00 14.35 ? 92  GLN A CB  1 
ATOM   471  C CG  . GLN A 1 92  ? -5.090  6.113   11.735  1.00 15.16 ? 92  GLN A CG  1 
ATOM   472  C CD  . GLN A 1 92  ? -5.893  6.955   10.750  1.00 15.97 ? 92  GLN A CD  1 
ATOM   473  O OE1 . GLN A 1 92  ? -7.117  6.972   10.800  1.00 16.30 ? 92  GLN A OE1 1 
ATOM   474  N NE2 . GLN A 1 92  ? -5.207  7.685   9.884   1.00 16.52 ? 92  GLN A NE2 1 
ATOM   475  N N   . ILE A 1 93  ? -4.366  1.773   11.304  1.00 12.31 ? 93  ILE A N   1 
ATOM   476  C CA  . ILE A 1 93  ? -4.618  0.394   10.907  1.00 12.03 ? 93  ILE A CA  1 
ATOM   477  C C   . ILE A 1 93  ? -4.208  -0.574  12.001  1.00 11.40 ? 93  ILE A C   1 
ATOM   478  O O   . ILE A 1 93  ? -4.919  -1.492  12.295  1.00 10.58 ? 93  ILE A O   1 
ATOM   479  C CB  . ILE A 1 93  ? -3.868  0.033   9.583   1.00 12.01 ? 93  ILE A CB  1 
ATOM   480  C CG1 . ILE A 1 93  ? -4.434  0.825   8.402   1.00 11.89 ? 93  ILE A CG1 1 
ATOM   481  C CG2 . ILE A 1 93  ? -4.024  -1.438  9.263   1.00 11.96 ? 93  ILE A CG2 1 
ATOM   482  C CD1 . ILE A 1 93  ? -3.549  0.841   7.192   1.00 11.80 ? 93  ILE A CD1 1 
ATOM   483  N N   . THR A 1 94  ? -3.045  -0.348  12.586  1.00 11.99 ? 94  THR A N   1 
ATOM   484  C CA  . THR A 1 94  ? -2.516  -1.187  13.671  1.00 12.69 ? 94  THR A CA  1 
ATOM   485  C C   . THR A 1 94  ? -3.465  -1.194  14.878  1.00 13.18 ? 94  THR A C   1 
ATOM   486  O O   . THR A 1 94  ? -3.788  -2.250  15.421  1.00 13.56 ? 94  THR A O   1 
ATOM   487  C CB  . THR A 1 94  ? -1.125  -0.662  14.137  1.00 12.85 ? 94  THR A CB  1 
ATOM   488  O OG1 . THR A 1 94  ? -0.192  -0.695  13.058  1.00 12.69 ? 94  THR A OG1 1 
ATOM   489  C CG2 . THR A 1 94  ? -0.565  -1.497  15.260  1.00 13.20 ? 94  THR A CG2 1 
ATOM   490  N N   . LYS A 1 95  ? -3.917  -0.010  15.278  1.00 13.53 ? 95  LYS A N   1 
ATOM   491  C CA  . LYS A 1 95  ? -4.903  0.136   16.356  1.00 14.21 ? 95  LYS A CA  1 
ATOM   492  C C   . LYS A 1 95  ? -6.254  -0.542  16.132  1.00 14.46 ? 95  LYS A C   1 
ATOM   493  O O   . LYS A 1 95  ? -6.769  -1.203  17.018  1.00 14.45 ? 95  LYS A O   1 
ATOM   494  C CB  . LYS A 1 95  ? -5.137  1.616   16.595  1.00 14.41 ? 95  LYS A CB  1 
ATOM   495  C CG  . LYS A 1 95  ? -3.919  2.334   17.127  1.00 14.84 ? 95  LYS A CG  1 
ATOM   496  C CD  . LYS A 1 95  ? -4.267  3.800   17.189  1.00 16.10 ? 95  LYS A CD  1 
ATOM   497  C CE  . LYS A 1 95  ? -3.613  4.478   18.371  1.00 17.25 ? 95  LYS A CE  1 
ATOM   498  N NZ  . LYS A 1 95  ? -3.019  5.785   17.983  1.00 18.11 ? 95  LYS A NZ  1 
ATOM   499  N N   . VAL A 1 96  ? -6.822  -0.391  14.947  1.00 15.39 ? 96  VAL A N   1 
ATOM   500  C CA  . VAL A 1 96  ? -8.088  -1.054  14.621  1.00 16.90 ? 96  VAL A CA  1 
ATOM   501  C C   . VAL A 1 96  ? -7.959  -2.595  14.612  1.00 18.53 ? 96  VAL A C   1 
ATOM   502  O O   . VAL A 1 96  ? -8.904  -3.307  14.983  1.00 17.11 ? 96  VAL A O   1 
ATOM   503  C CB  . VAL A 1 96  ? -8.672  -0.534  13.282  1.00 17.21 ? 96  VAL A CB  1 
ATOM   504  C CG1 . VAL A 1 96  ? -9.949  -1.293  12.897  1.00 17.58 ? 96  VAL A CG1 1 
ATOM   505  C CG2 . VAL A 1 96  ? -9.001  0.951   13.383  1.00 16.88 ? 96  VAL A CG2 1 
ATOM   506  N N   . ARG A 1 97  ? -6.792  -3.101  14.207  1.00 21.52 ? 97  ARG A N   1 
ATOM   507  C CA  . ARG A 1 97  ? -6.503  -4.544  14.252  1.00 24.85 ? 97  ARG A CA  1 
ATOM   508  C C   . ARG A 1 97  ? -6.413  -5.059  15.673  1.00 25.79 ? 97  ARG A C   1 
ATOM   509  O O   . ARG A 1 97  ? -6.895  -6.155  15.963  1.00 26.33 ? 97  ARG A O   1 
ATOM   510  C CB  . ARG A 1 97  ? -5.151  -4.874  13.613  1.00 27.50 ? 97  ARG A CB  1 
ATOM   511  C CG  . ARG A 1 97  ? -4.931  -4.355  12.212  1.00 29.18 ? 97  ARG A CG  1 
ATOM   512  C CD  . ARG A 1 97  ? -5.347  -5.338  11.158  1.00 31.69 ? 97  ARG A CD  1 
ATOM   513  N NE  . ARG A 1 97  ? -4.503  -5.233  9.968   1.00 33.12 ? 97  ARG A NE  1 
ATOM   514  C CZ  . ARG A 1 97  ? -4.504  -6.121  8.982   1.00 36.11 ? 97  ARG A CZ  1 
ATOM   515  N NH1 . ARG A 1 97  ? -5.295  -7.192  9.024   1.00 37.87 ? 97  ARG A NH1 1 
ATOM   516  N NH2 . ARG A 1 97  ? -3.705  -5.944  7.941   1.00 40.16 ? 97  ARG A NH2 1 
ATOM   517  N N   . LYS A 1 98  ? -5.745  -4.286  16.539  1.00 27.93 ? 98  LYS A N   1 
ATOM   518  C CA  . LYS A 1 98  ? -5.637  -4.614  17.958  1.00 29.56 ? 98  LYS A CA  1 
ATOM   519  C C   . LYS A 1 98  ? -7.010  -4.662  18.609  1.00 27.45 ? 98  LYS A C   1 
ATOM   520  O O   . LYS A 1 98  ? -7.314  -5.564  19.381  1.00 26.04 ? 98  LYS A O   1 
ATOM   521  C CB  . LYS A 1 98  ? -4.778  -3.578  18.669  1.00 33.26 ? 98  LYS A CB  1 
ATOM   522  C CG  . LYS A 1 98  ? -3.325  -3.577  18.204  1.00 37.73 ? 98  LYS A CG  1 
ATOM   523  C CD  . LYS A 1 98  ? -2.393  -4.226  19.212  1.00 44.68 ? 98  LYS A CD  1 
ATOM   524  C CE  . LYS A 1 98  ? -0.979  -4.349  18.589  1.00 51.53 ? 98  LYS A CE  1 
ATOM   525  N NZ  . LYS A 1 98  ? -0.173  -3.093  18.631  1.00 55.03 ? 98  LYS A NZ  1 
ATOM   526  N N   . TYR A 1 99  ? -7.858  -3.696  18.287  1.00 25.99 ? 99  TYR A N   1 
ATOM   527  C CA  . TYR A 1 99  ? -9.198  -3.761  18.794  1.00 25.34 ? 99  TYR A CA  1 
ATOM   528  C C   . TYR A 1 99  ? -9.994  -4.950  18.257  1.00 26.85 ? 99  TYR A C   1 
ATOM   529  O O   . TYR A 1 99  ? -10.716 -5.558  19.008  1.00 28.06 ? 99  TYR A O   1 
ATOM   530  C CB  . TYR A 1 99  ? -9.923  -2.464  18.542  1.00 24.72 ? 99  TYR A CB  1 
ATOM   531  C CG  . TYR A 1 99  ? -11.265 -2.453  19.205  1.00 24.04 ? 99  TYR A CG  1 
ATOM   532  C CD1 . TYR A 1 99  ? -11.359 -2.504  20.589  1.00 23.73 ? 99  TYR A CD1 1 
ATOM   533  C CD2 . TYR A 1 99  ? -12.433 -2.425  18.471  1.00 23.54 ? 99  TYR A CD2 1 
ATOM   534  C CE1 . TYR A 1 99  ? -12.580 -2.522  21.228  1.00 23.42 ? 99  TYR A CE1 1 
ATOM   535  C CE2 . TYR A 1 99  ? -13.659 -2.427  19.103  1.00 24.01 ? 99  TYR A CE2 1 
ATOM   536  C CZ  . TYR A 1 99  ? -13.726 -2.486  20.476  1.00 23.50 ? 99  TYR A CZ  1 
ATOM   537  O OH  . TYR A 1 99  ? -14.948 -2.490  21.091  1.00 24.15 ? 99  TYR A OH  1 
ATOM   538  N N   . GLN A 1 100 ? -9.877  -5.287  16.972  1.00 29.82 ? 100 GLN A N   1 
ATOM   539  C CA  . GLN A 1 100 ? -10.516 -6.497  16.427  1.00 31.25 ? 100 GLN A CA  1 
ATOM   540  C C   . GLN A 1 100 ? -10.008 -7.751  17.123  1.00 33.13 ? 100 GLN A C   1 
ATOM   541  O O   . GLN A 1 100 ? -10.774 -8.687  17.359  1.00 34.97 ? 100 GLN A O   1 
ATOM   542  C CB  . GLN A 1 100 ? -10.202 -6.676  14.951  1.00 32.74 ? 100 GLN A CB  1 
ATOM   543  C CG  . GLN A 1 100 ? -11.151 -6.031  13.972  1.00 34.14 ? 100 GLN A CG  1 
ATOM   544  C CD  . GLN A 1 100 ? -10.753 -6.349  12.543  1.00 36.01 ? 100 GLN A CD  1 
ATOM   545  O OE1 . GLN A 1 100 ? -9.576  -6.602  12.260  1.00 37.06 ? 100 GLN A OE1 1 
ATOM   546  N NE2 . GLN A 1 100 ? -11.718 -6.319  11.630  1.00 37.99 ? 100 GLN A NE2 1 
ATOM   547  N N   . ALA A 1 101 ? -8.709  -7.776  17.410  1.00 32.48 ? 101 ALA A N   1 
ATOM   548  C CA  . ALA A 1 101 ? -8.103  -8.892  18.108  1.00 32.82 ? 101 ALA A CA  1 
ATOM   549  C C   . ALA A 1 101 ? -8.613  -8.979  19.549  1.00 35.07 ? 101 ALA A C   1 
ATOM   550  O O   . ALA A 1 101 ? -9.021  -10.043 19.979  1.00 38.42 ? 101 ALA A O   1 
ATOM   551  C CB  . ALA A 1 101 ? -6.591  -8.768  18.070  1.00 32.24 ? 101 ALA A CB  1 
ATOM   552  N N   . GLN A 1 102 ? -8.591  -7.872  20.292  1.00 37.64 ? 102 GLN A N   1 
ATOM   553  C CA  . GLN A 1 102 ? -9.249  -7.805  21.625  1.00 37.87 ? 102 GLN A CA  1 
ATOM   554  C C   . GLN A 1 102 ? -10.645 -8.412  21.622  1.00 38.57 ? 102 GLN A C   1 
ATOM   555  O O   . GLN A 1 102 ? -10.970 -9.209  22.483  1.00 39.49 ? 102 GLN A O   1 
ATOM   556  C CB  . GLN A 1 102 ? -9.416  -6.363  22.101  1.00 39.78 ? 102 GLN A CB  1 
ATOM   557  C CG  . GLN A 1 102 ? -8.207  -5.703  22.732  1.00 42.04 ? 102 GLN A CG  1 
ATOM   558  C CD  . GLN A 1 102 ? -8.391  -4.189  22.877  1.00 44.52 ? 102 GLN A CD  1 
ATOM   559  O OE1 . GLN A 1 102 ? -9.368  -3.754  23.482  1.00 46.68 ? 102 GLN A OE1 1 
ATOM   560  N NE2 . GLN A 1 102 ? -7.461  -3.381  22.326  1.00 42.47 ? 102 GLN A NE2 1 
ATOM   561  N N   . LEU A 1 103 ? -11.478 -8.010  20.665  1.00 40.85 ? 103 LEU A N   1 
ATOM   562  C CA  . LEU A 1 103 ? -12.884 -8.420  20.609  1.00 41.80 ? 103 LEU A CA  1 
ATOM   563  C C   . LEU A 1 103 ? -13.035 -9.905  20.345  1.00 47.28 ? 103 LEU A C   1 
ATOM   564  O O   . LEU A 1 103 ? -13.914 -10.546 20.899  1.00 47.92 ? 103 LEU A O   1 
ATOM   565  C CB  . LEU A 1 103 ? -13.609 -7.675  19.493  1.00 39.22 ? 103 LEU A CB  1 
ATOM   566  C CG  . LEU A 1 103 ? -14.053 -6.234  19.721  1.00 38.67 ? 103 LEU A CG  1 
ATOM   567  C CD1 . LEU A 1 103 ? -14.864 -5.775  18.515  1.00 38.58 ? 103 LEU A CD1 1 
ATOM   568  C CD2 . LEU A 1 103 ? -14.842 -6.059  21.011  1.00 37.47 ? 103 LEU A CD2 1 
ATOM   569  N N   . GLU A 1 104 ? -12.181 -10.444 19.482  1.00 58.01 ? 104 GLU A N   1 
ATOM   570  C CA  . GLU A 1 104 ? -12.227 -11.868 19.146  1.00 63.73 ? 104 GLU A CA  1 
ATOM   571  C C   . GLU A 1 104 ? -11.652 -12.704 20.291  1.00 63.10 ? 104 GLU A C   1 
ATOM   572  O O   . GLU A 1 104 ? -11.960 -13.886 20.411  1.00 68.08 ? 104 GLU A O   1 
ATOM   573  C CB  . GLU A 1 104 ? -11.445 -12.165 17.860  1.00 67.85 ? 104 GLU A CB  1 
ATOM   574  C CG  . GLU A 1 104 ? -12.049 -11.586 16.583  1.00 74.32 ? 104 GLU A CG  1 
ATOM   575  C CD  . GLU A 1 104 ? -11.022 -11.382 15.463  1.00 81.07 ? 104 GLU A CD  1 
ATOM   576  O OE1 . GLU A 1 104 ? -9.805  -11.255 15.749  1.00 84.02 ? 104 GLU A OE1 1 
ATOM   577  O OE2 . GLU A 1 104 ? -11.434 -11.339 14.282  1.00 84.62 ? 104 GLU A OE2 1 
ATOM   578  N N   . LYS A 1 105 ? -10.826 -12.092 21.131  1.00 59.27 ? 105 LYS A N   1 
ATOM   579  C CA  . LYS A 1 105 ? -10.291 -12.764 22.297  1.00 61.36 ? 105 LYS A CA  1 
ATOM   580  C C   . LYS A 1 105 ? -11.375 -12.837 23.386  1.00 66.33 ? 105 LYS A C   1 
ATOM   581  O O   . LYS A 1 105 ? -11.089 -12.660 24.573  1.00 65.75 ? 105 LYS A O   1 
ATOM   582  C CB  . LYS A 1 105 ? -9.049  -12.018 22.794  1.00 63.69 ? 105 LYS A CB  1 
ATOM   583  C CG  . LYS A 1 105 ? -8.185  -12.783 23.782  1.00 67.68 ? 105 LYS A CG  1 
ATOM   584  C CD  . LYS A 1 105 ? -7.114  -11.893 24.400  1.00 70.22 ? 105 LYS A CD  1 
ATOM   585  C CE  . LYS A 1 105 ? -6.484  -12.527 25.640  1.00 72.14 ? 105 LYS A CE  1 
ATOM   586  N NZ  . LYS A 1 105 ? -7.328  -12.393 26.863  1.00 72.53 ? 105 LYS A NZ  1 
ATOM   587  N N   . GLN A 1 106 ? -12.621 -13.084 22.965  1.00 69.29 ? 106 GLN A N   1 
ATOM   588  C CA  . GLN A 1 106 ? -13.753 -13.312 23.867  1.00 69.21 ? 106 GLN A CA  1 
ATOM   589  C C   . GLN A 1 106 ? -14.738 -14.291 23.226  1.00 63.28 ? 106 GLN A C   1 
ATOM   590  O O   . GLN A 1 106 ? -15.233 -14.056 22.126  1.00 54.91 ? 106 GLN A O   1 
ATOM   591  C CB  . GLN A 1 106 ? -14.463 -11.996 24.177  1.00 72.94 ? 106 GLN A CB  1 
ATOM   592  C CG  . GLN A 1 106 ? -13.591 -10.961 24.874  1.00 75.81 ? 106 GLN A CG  1 
ATOM   593  C CD  . GLN A 1 106 ? -14.247 -9.598  24.974  1.00 80.07 ? 106 GLN A CD  1 
ATOM   594  O OE1 . GLN A 1 106 ? -15.454 -9.451  24.755  1.00 83.57 ? 106 GLN A OE1 1 
ATOM   595  N NE2 . GLN A 1 106 ? -13.448 -8.583  25.299  1.00 80.68 ? 106 GLN A NE2 1 
ATOM   596  N N   . GLY B 1 33  ? -22.796 -3.464  -17.728 1.00 53.33 ? 33  GLY B N   1 
ATOM   597  C CA  . GLY B 1 33  ? -22.621 -4.940  -17.521 1.00 54.80 ? 33  GLY B CA  1 
ATOM   598  C C   . GLY B 1 33  ? -21.161 -5.363  -17.561 1.00 55.80 ? 33  GLY B C   1 
ATOM   599  O O   . GLY B 1 33  ? -20.690 -6.074  -16.676 1.00 53.10 ? 33  GLY B O   1 
ATOM   600  N N   . ILE B 1 34  ? -20.457 -4.909  -18.597 1.00 57.69 ? 34  ILE B N   1 
ATOM   601  C CA  . ILE B 1 34  ? -19.027 -5.154  -18.778 1.00 59.58 ? 34  ILE B CA  1 
ATOM   602  C C   . ILE B 1 34  ? -18.209 -4.118  -18.003 1.00 60.77 ? 34  ILE B C   1 
ATOM   603  O O   . ILE B 1 34  ? -17.154 -4.428  -17.453 1.00 60.08 ? 34  ILE B O   1 
ATOM   604  C CB  . ILE B 1 34  ? -18.637 -5.088  -20.275 1.00 60.00 ? 34  ILE B CB  1 
ATOM   605  C CG1 . ILE B 1 34  ? -19.586 -5.985  -21.123 1.00 65.78 ? 34  ILE B CG1 1 
ATOM   606  C CG2 . ILE B 1 34  ? -17.134 -5.360  -20.444 1.00 58.68 ? 34  ILE B CG2 1 
ATOM   607  C CD1 . ILE B 1 34  ? -20.658 -5.258  -21.943 1.00 66.37 ? 34  ILE B CD1 1 
ATOM   608  N N   . ASN B 1 35  ? -18.703 -2.887  -17.967 1.00 60.83 ? 35  ASN B N   1 
ATOM   609  C CA  . ASN B 1 35  ? -18.098 -1.847  -17.162 1.00 62.07 ? 35  ASN B CA  1 
ATOM   610  C C   . ASN B 1 35  ? -18.411 -2.018  -15.679 1.00 61.34 ? 35  ASN B C   1 
ATOM   611  O O   . ASN B 1 35  ? -17.555 -1.752  -14.840 1.00 62.63 ? 35  ASN B O   1 
ATOM   612  C CB  . ASN B 1 35  ? -18.521 -0.473  -17.679 1.00 67.18 ? 35  ASN B CB  1 
ATOM   613  C CG  . ASN B 1 35  ? -17.786 -0.097  -18.956 1.00 70.89 ? 35  ASN B CG  1 
ATOM   614  O OD1 . ASN B 1 35  ? -18.346 -0.171  -20.051 1.00 71.55 ? 35  ASN B OD1 1 
ATOM   615  N ND2 . ASN B 1 35  ? -16.507 0.268   -18.825 1.00 70.79 ? 35  ASN B ND2 1 
ATOM   616  N N   . GLU B 1 36  ? -19.626 -2.456  -15.355 1.00 61.63 ? 36  GLU B N   1 
ATOM   617  C CA  . GLU B 1 36  ? -19.973 -2.826  -13.968 1.00 64.29 ? 36  GLU B CA  1 
ATOM   618  C C   . GLU B 1 36  ? -18.983 -3.858  -13.428 1.00 59.69 ? 36  GLU B C   1 
ATOM   619  O O   . GLU B 1 36  ? -18.537 -3.774  -12.278 1.00 58.52 ? 36  GLU B O   1 
ATOM   620  C CB  . GLU B 1 36  ? -21.421 -3.392  -13.868 1.00 71.34 ? 36  GLU B CB  1 
ATOM   621  C CG  . GLU B 1 36  ? -22.487 -2.372  -13.438 1.00 75.77 ? 36  GLU B CG  1 
ATOM   622  C CD  . GLU B 1 36  ? -23.912 -2.680  -13.924 1.00 76.07 ? 36  GLU B CD  1 
ATOM   623  O OE1 . GLU B 1 36  ? -24.166 -3.770  -14.483 1.00 76.95 ? 36  GLU B OE1 1 
ATOM   624  O OE2 . GLU B 1 36  ? -24.797 -1.812  -13.742 1.00 76.71 ? 36  GLU B OE2 1 
ATOM   625  N N   . GLU B 1 37  ? -18.646 -4.826  -14.274 1.00 54.48 ? 37  GLU B N   1 
ATOM   626  C CA  . GLU B 1 37  ? -17.797 -5.936  -13.878 1.00 52.98 ? 37  GLU B CA  1 
ATOM   627  C C   . GLU B 1 37  ? -16.329 -5.555  -13.762 1.00 46.69 ? 37  GLU B C   1 
ATOM   628  O O   . GLU B 1 37  ? -15.621 -6.119  -12.939 1.00 46.34 ? 37  GLU B O   1 
ATOM   629  C CB  . GLU B 1 37  ? -17.950 -7.110  -14.857 1.00 57.52 ? 37  GLU B CB  1 
ATOM   630  C CG  . GLU B 1 37  ? -17.248 -8.379  -14.380 1.00 61.67 ? 37  GLU B CG  1 
ATOM   631  C CD  . GLU B 1 37  ? -17.839 -9.668  -14.917 1.00 65.97 ? 37  GLU B CD  1 
ATOM   632  O OE1 . GLU B 1 37  ? -17.075 -10.466 -15.498 1.00 69.45 ? 37  GLU B OE1 1 
ATOM   633  O OE2 . GLU B 1 37  ? -19.055 -9.894  -14.737 1.00 67.17 ? 37  GLU B OE2 1 
ATOM   634  N N   . LEU B 1 38  ? -15.871 -4.605  -14.574 1.00 41.11 ? 38  LEU B N   1 
ATOM   635  C CA  . LEU B 1 38  ? -14.478 -4.136  -14.490 1.00 36.72 ? 38  LEU B CA  1 
ATOM   636  C C   . LEU B 1 38  ? -14.204 -3.277  -13.263 1.00 35.29 ? 38  LEU B C   1 
ATOM   637  O O   . LEU B 1 38  ? -13.089 -3.199  -12.813 1.00 35.03 ? 38  LEU B O   1 
ATOM   638  C CB  . LEU B 1 38  ? -14.074 -3.365  -15.743 1.00 34.33 ? 38  LEU B CB  1 
ATOM   639  C CG  . LEU B 1 38  ? -13.794 -4.194  -16.996 1.00 33.23 ? 38  LEU B CG  1 
ATOM   640  C CD1 . LEU B 1 38  ? -13.449 -3.284  -18.160 1.00 33.92 ? 38  LEU B CD1 1 
ATOM   641  C CD2 . LEU B 1 38  ? -12.681 -5.193  -16.791 1.00 32.38 ? 38  LEU B CD2 1 
ATOM   642  N N   . SER B 1 39  ? -15.229 -2.639  -12.734 1.00 36.94 ? 39  SER B N   1 
ATOM   643  C CA  . SER B 1 39  ? -15.109 -1.879  -11.504 1.00 38.36 ? 39  SER B CA  1 
ATOM   644  C C   . SER B 1 39  ? -14.997 -2.779  -10.302 1.00 38.78 ? 39  SER B C   1 
ATOM   645  O O   . SER B 1 39  ? -14.298 -2.449  -9.349  1.00 40.37 ? 39  SER B O   1 
ATOM   646  C CB  . SER B 1 39  ? -16.320 -0.975  -11.345 1.00 38.94 ? 39  SER B CB  1 
ATOM   647  O OG  . SER B 1 39  ? -16.441 -0.169  -12.496 1.00 42.03 ? 39  SER B OG  1 
ATOM   648  N N   . GLU B 1 40  ? -15.727 -3.890  -10.319 1.00 39.83 ? 40  GLU B N   1 
ATOM   649  C CA  . GLU B 1 40  ? -15.587 -4.892  -9.277  1.00 41.56 ? 40  GLU B CA  1 
ATOM   650  C C   . GLU B 1 40  ? -14.162 -5.435  -9.242  1.00 36.56 ? 40  GLU B C   1 
ATOM   651  O O   . GLU B 1 40  ? -13.578 -5.591  -8.183  1.00 34.94 ? 40  GLU B O   1 
ATOM   652  C CB  . GLU B 1 40  ? -16.575 -6.033  -9.518  1.00 48.63 ? 40  GLU B CB  1 
ATOM   653  C CG  . GLU B 1 40  ? -17.932 -5.780  -8.849  1.00 54.98 ? 40  GLU B CG  1 
ATOM   654  C CD  . GLU B 1 40  ? -19.140 -5.971  -9.776  1.00 63.14 ? 40  GLU B CD  1 
ATOM   655  O OE1 . GLU B 1 40  ? -19.355 -7.095  -10.302 1.00 69.24 ? 40  GLU B OE1 1 
ATOM   656  O OE2 . GLU B 1 40  ? -19.899 -4.989  -9.966  1.00 63.89 ? 40  GLU B OE2 1 
ATOM   657  N N   . VAL B 1 41  ? -13.642 -5.738  -10.422 1.00 33.69 ? 41  VAL B N   1 
ATOM   658  C CA  . VAL B 1 41  ? -12.305 -6.280  -10.591 1.00 31.78 ? 41  VAL B CA  1 
ATOM   659  C C   . VAL B 1 41  ? -11.258 -5.322  -10.054 1.00 30.11 ? 41  VAL B C   1 
ATOM   660  O O   . VAL B 1 41  ? -10.375 -5.738  -9.320  1.00 29.48 ? 41  VAL B O   1 
ATOM   661  C CB  . VAL B 1 41  ? -12.024 -6.600  -12.075 1.00 32.34 ? 41  VAL B CB  1 
ATOM   662  C CG1 . VAL B 1 41  ? -10.545 -6.820  -12.335 1.00 32.78 ? 41  VAL B CG1 1 
ATOM   663  C CG2 . VAL B 1 41  ? -12.805 -7.826  -12.507 1.00 32.35 ? 41  VAL B CG2 1 
ATOM   664  N N   . LEU B 1 42  ? -11.366 -4.043  -10.403 1.00 28.46 ? 42  LEU B N   1 
ATOM   665  C CA  . LEU B 1 42  ? -10.447 -3.013  -9.894  1.00 27.98 ? 42  LEU B CA  1 
ATOM   666  C C   . LEU B 1 42  ? -10.528 -2.817  -8.383  1.00 28.70 ? 42  LEU B C   1 
ATOM   667  O O   . LEU B 1 42  ? -9.511  -2.775  -7.706  1.00 26.74 ? 42  LEU B O   1 
ATOM   668  C CB  . LEU B 1 42  ? -10.723 -1.691  -10.586 1.00 27.42 ? 42  LEU B CB  1 
ATOM   669  C CG  . LEU B 1 42  ? -9.653  -0.628  -10.424 1.00 27.03 ? 42  LEU B CG  1 
ATOM   670  C CD1 . LEU B 1 42  ? -8.369  -0.955  -11.168 1.00 26.83 ? 42  LEU B CD1 1 
ATOM   671  C CD2 . LEU B 1 42  ? -10.186 0.718   -10.877 1.00 26.23 ? 42  LEU B CD2 1 
ATOM   672  N N   . GLN B 1 43  ? -11.740 -2.681  -7.868  1.00 30.46 ? 43  GLN B N   1 
ATOM   673  C CA  . GLN B 1 43  ? -11.973 -2.627  -6.427  1.00 33.35 ? 43  GLN B CA  1 
ATOM   674  C C   . GLN B 1 43  ? -11.255 -3.774  -5.685  1.00 28.79 ? 43  GLN B C   1 
ATOM   675  O O   . GLN B 1 43  ? -10.561 -3.569  -4.676  1.00 26.39 ? 43  GLN B O   1 
ATOM   676  C CB  . GLN B 1 43  ? -13.506 -2.654  -6.165  1.00 41.89 ? 43  GLN B CB  1 
ATOM   677  C CG  . GLN B 1 43  ? -14.156 -1.271  -6.246  1.00 53.81 ? 43  GLN B CG  1 
ATOM   678  C CD  . GLN B 1 43  ? -15.650 -1.231  -5.858  1.00 65.46 ? 43  GLN B CD  1 
ATOM   679  O OE1 . GLN B 1 43  ? -16.332 -2.267  -5.796  1.00 70.94 ? 43  GLN B OE1 1 
ATOM   680  N NE2 . GLN B 1 43  ? -16.161 -0.016  -5.599  1.00 67.56 ? 43  GLN B NE2 1 
ATOM   681  N N   . THR B 1 44  ? -11.440 -4.982  -6.200  1.00 26.44 ? 44  THR B N   1 
ATOM   682  C CA  . THR B 1 44  ? -10.822 -6.187  -5.651  1.00 24.76 ? 44  THR B CA  1 
ATOM   683  C C   . THR B 1 44  ? -9.298  -6.123  -5.687  1.00 22.73 ? 44  THR B C   1 
ATOM   684  O O   . THR B 1 44  ? -8.640  -6.535  -4.742  1.00 23.01 ? 44  THR B O   1 
ATOM   685  C CB  . THR B 1 44  ? -11.285 -7.425  -6.451  1.00 25.83 ? 44  THR B CB  1 
ATOM   686  O OG1 . THR B 1 44  ? -12.701 -7.589  -6.285  1.00 27.06 ? 44  THR B OG1 1 
ATOM   687  C CG2 . THR B 1 44  ? -10.572 -8.693  -5.998  1.00 25.73 ? 44  THR B CG2 1 
ATOM   688  N N   . LEU B 1 45  ? -8.749  -5.657  -6.809  1.00 21.17 ? 45  LEU B N   1 
ATOM   689  C CA  . LEU B 1 45  ? -7.291  -5.546  -7.010  1.00 19.95 ? 45  LEU B CA  1 
ATOM   690  C C   . LEU B 1 45  ? -6.667  -4.544  -6.061  1.00 19.94 ? 45  LEU B C   1 
ATOM   691  O O   . LEU B 1 45  ? -5.608  -4.800  -5.502  1.00 21.01 ? 45  LEU B O   1 
ATOM   692  C CB  . LEU B 1 45  ? -6.946  -5.141  -8.454  1.00 18.35 ? 45  LEU B CB  1 
ATOM   693  C CG  . LEU B 1 45  ? -7.210  -6.199  -9.518  1.00 18.08 ? 45  LEU B CG  1 
ATOM   694  C CD1 . LEU B 1 45  ? -6.892  -5.671  -10.904 1.00 17.75 ? 45  LEU B CD1 1 
ATOM   695  C CD2 . LEU B 1 45  ? -6.396  -7.451  -9.277  1.00 18.03 ? 45  LEU B CD2 1 
ATOM   696  N N   . GLN B 1 46  ? -7.338  -3.419  -5.875  1.00 19.77 ? 46  GLN B N   1 
ATOM   697  C CA  . GLN B 1 46  ? -6.846  -2.372  -5.010  1.00 20.15 ? 46  GLN B CA  1 
ATOM   698  C C   . GLN B 1 46  ? -6.913  -2.723  -3.541  1.00 20.55 ? 46  GLN B C   1 
ATOM   699  O O   . GLN B 1 46  ? -6.108  -2.218  -2.780  1.00 20.68 ? 46  GLN B O   1 
ATOM   700  C CB  . GLN B 1 46  ? -7.596  -1.075  -5.276  1.00 20.71 ? 46  GLN B CB  1 
ATOM   701  C CG  . GLN B 1 46  ? -7.304  -0.492  -6.645  1.00 22.03 ? 46  GLN B CG  1 
ATOM   702  C CD  . GLN B 1 46  ? -8.131  0.784   -6.918  1.00 24.59 ? 46  GLN B CD  1 
ATOM   703  O OE1 . GLN B 1 46  ? -9.347  0.833   -6.674  1.00 25.37 ? 46  GLN B OE1 1 
ATOM   704  N NE2 . GLN B 1 46  ? -7.479  1.812   -7.457  1.00 26.73 ? 46  GLN B NE2 1 
ATOM   705  N N   . ASP B 1 47  ? -7.858  -3.570  -3.136  1.00 22.12 ? 47  ASP B N   1 
ATOM   706  C CA  . ASP B 1 47  ? -7.911  -4.077  -1.754  1.00 23.43 ? 47  ASP B CA  1 
ATOM   707  C C   . ASP B 1 47  ? -6.761  -5.050  -1.468  1.00 22.70 ? 47  ASP B C   1 
ATOM   708  O O   . ASP B 1 47  ? -6.254  -5.106  -0.345  1.00 23.99 ? 47  ASP B O   1 
ATOM   709  C CB  . ASP B 1 47  ? -9.232  -4.805  -1.469  1.00 26.67 ? 47  ASP B CB  1 
ATOM   710  C CG  . ASP B 1 47  ? -10.472 -3.911  -1.629  1.00 31.11 ? 47  ASP B CG  1 
ATOM   711  O OD1 . ASP B 1 47  ? -10.359 -2.658  -1.504  1.00 35.61 ? 47  ASP B OD1 1 
ATOM   712  O OD2 . ASP B 1 47  ? -11.571 -4.482  -1.886  1.00 32.62 ? 47  ASP B OD2 1 
ATOM   713  N N   . GLU B 1 48  ? -6.370  -5.844  -2.457  1.00 20.66 ? 48  GLU B N   1 
ATOM   714  C CA  . GLU B 1 48  ? -5.242  -6.770  -2.298  1.00 19.79 ? 48  GLU B CA  1 
ATOM   715  C C   . GLU B 1 48  ? -3.952  -5.972  -2.199  1.00 17.35 ? 48  GLU B C   1 
ATOM   716  O O   . GLU B 1 48  ? -3.084  -6.238  -1.355  1.00 15.90 ? 48  GLU B O   1 
ATOM   717  C CB  . GLU B 1 48  ? -5.184  -7.734  -3.468  1.00 21.88 ? 48  GLU B CB  1 
ATOM   718  C CG  . GLU B 1 48  ? -6.419  -8.621  -3.564  1.00 24.37 ? 48  GLU B CG  1 
ATOM   719  C CD  . GLU B 1 48  ? -6.528  -9.402  -4.864  1.00 27.50 ? 48  GLU B CD  1 
ATOM   720  O OE1 . GLU B 1 48  ? -7.011  -10.563 -4.827  1.00 32.25 ? 48  GLU B OE1 1 
ATOM   721  O OE2 . GLU B 1 48  ? -6.133  -8.878  -5.925  1.00 29.32 ? 48  GLU B OE2 1 
ATOM   722  N N   . PHE B 1 49  ? -3.857  -4.947  -3.041  1.00 15.18 ? 49  PHE B N   1 
ATOM   723  C CA  . PHE B 1 49  ? -2.709  -4.060  -3.017  1.00 13.74 ? 49  PHE B CA  1 
ATOM   724  C C   . PHE B 1 49  ? -2.568  -3.329  -1.689  1.00 13.24 ? 49  PHE B C   1 
ATOM   725  O O   . PHE B 1 49  ? -1.461  -3.161  -1.197  1.00 12.59 ? 49  PHE B O   1 
ATOM   726  C CB  . PHE B 1 49  ? -2.785  -3.052  -4.157  1.00 13.22 ? 49  PHE B CB  1 
ATOM   727  C CG  . PHE B 1 49  ? -1.496  -2.350  -4.394  1.00 12.87 ? 49  PHE B CG  1 
ATOM   728  C CD1 . PHE B 1 49  ? -0.482  -2.979  -5.104  1.00 12.54 ? 49  PHE B CD1 1 
ATOM   729  C CD2 . PHE B 1 49  ? -1.271  -1.078  -3.871  1.00 12.45 ? 49  PHE B CD2 1 
ATOM   730  C CE1 . PHE B 1 49  ? 0.740   -2.352  -5.307  1.00 12.45 ? 49  PHE B CE1 1 
ATOM   731  C CE2 . PHE B 1 49  ? -0.060  -0.448  -4.064  1.00 12.38 ? 49  PHE B CE2 1 
ATOM   732  C CZ  . PHE B 1 49  ? 0.950   -1.085  -4.792  1.00 12.53 ? 49  PHE B CZ  1 
ATOM   733  N N   . GLY B 1 50  ? -3.689  -2.884  -1.127  1.00 13.27 ? 50  GLY B N   1 
ATOM   734  C CA  . GLY B 1 50  ? -3.713  -2.224  0.183   1.00 12.92 ? 50  GLY B CA  1 
ATOM   735  C C   . GLY B 1 50  ? -3.241  -3.145  1.296   1.00 13.21 ? 50  GLY B C   1 
ATOM   736  O O   . GLY B 1 50  ? -2.511  -2.732  2.183   1.00 13.33 ? 50  GLY B O   1 
ATOM   737  N N   . GLN B 1 51  ? -3.639  -4.413  1.237   1.00 13.69 ? 51  GLN B N   1 
ATOM   738  C CA  . GLN B 1 51  ? -3.214  -5.425  2.209   1.00 14.43 ? 51  GLN B CA  1 
ATOM   739  C C   . GLN B 1 51  ? -1.714  -5.736  2.120   1.00 13.09 ? 51  GLN B C   1 
ATOM   740  O O   . GLN B 1 51  ? -1.024  -5.734  3.143   1.00 12.82 ? 51  GLN B O   1 
ATOM   741  C CB  . GLN B 1 51  ? -4.022  -6.711  2.007   1.00 16.54 ? 51  GLN B CB  1 
ATOM   742  C CG  . GLN B 1 51  ? -3.690  -7.816  3.013   1.00 19.18 ? 51  GLN B CG  1 
ATOM   743  C CD  . GLN B 1 51  ? -3.991  -7.433  4.450   1.00 21.13 ? 51  GLN B CD  1 
ATOM   744  O OE1 . GLN B 1 51  ? -3.087  -7.392  5.317   1.00 22.53 ? 51  GLN B OE1 1 
ATOM   745  N NE2 . GLN B 1 51  ? -5.257  -7.120  4.711   1.00 22.25 ? 51  GLN B NE2 1 
ATOM   746  N N   . MET B 1 52  ? -1.225  -6.019  0.902   1.00 11.65 ? 52  MET B N   1 
ATOM   747  C CA  . MET B 1 52  ? 0.208   -6.183  0.631   1.00 10.51 ? 52  MET B CA  1 
ATOM   748  C C   . MET B 1 52  ? 1.009   -4.989  1.108   1.00 19.99 ? 52  MET B C   1 
ATOM   749  O O   . MET B 1 52  ? 2.076   -5.169  1.677   1.00 19.90 ? 52  MET B O   1 
ATOM   750  C CB  . MET B 1 52  ? 0.479   -6.312  -0.873  1.00 10.57 ? 52  MET B CB  1 
ATOM   751  C CG  . MET B 1 52  ? 0.042   -7.610  -1.548  1.00 10.27 ? 52  MET B CG  1 
ATOM   752  S SD  . MET B 1 52  ? 0.288   -7.602  -3.347  1.00 19.46 ? 52  MET B SD  1 
ATOM   753  C CE  . MET B 1 52  ? -0.366  -9.189  -3.715  1.00 19.72 ? 52  MET B CE  1 
ATOM   754  N N   . SER B 1 53  ? 0.527   -3.776  0.840   1.00 19.58 ? 53  SER B N   1 
ATOM   755  C CA  . SER B 1 53  ? 1.230   -2.551  1.251   1.00 19.51 ? 53  SER B CA  1 
ATOM   756  C C   . SER B 1 53  ? 1.357   -2.457  2.744   1.00 19.57 ? 53  SER B C   1 
ATOM   757  O O   . SER B 1 53  ? 2.417   -2.071  3.243   1.00 19.45 ? 53  SER B O   1 
ATOM   758  C CB  . SER B 1 53  ? 0.523   -1.279  0.759   1.00 19.42 ? 53  SER B CB  1 
ATOM   759  O OG  . SER B 1 53  ? 0.649   -1.170  -0.644  1.00 19.68 ? 53  SER B OG  1 
ATOM   760  N N   . PHE B 1 54  ? 0.259   -2.739  3.456   1.00 19.67 ? 54  PHE B N   1 
ATOM   761  C CA  . PHE B 1 54  ? 0.273   -2.735  4.915   1.00 19.59 ? 54  PHE B CA  1 
ATOM   762  C C   . PHE B 1 54  ? 1.293   -3.737  5.447   1.00 10.24 ? 54  PHE B C   1 
ATOM   763  O O   . PHE B 1 54  ? 2.135   -3.382  6.261   1.00 10.18 ? 54  PHE B O   1 
ATOM   764  C CB  . PHE B 1 54  ? -1.073  -3.071  5.516   1.00 19.25 ? 54  PHE B CB  1 
ATOM   765  C CG  . PHE B 1 54  ? -1.049  -2.928  7.010   1.00 19.40 ? 54  PHE B CG  1 
ATOM   766  C CD1 . PHE B 1 54  ? -0.809  -1.680  7.571   1.00 19.44 ? 54  PHE B CD1 1 
ATOM   767  C CD2 . PHE B 1 54  ? -1.115  -4.042  7.863   1.00 19.56 ? 54  PHE B CD2 1 
ATOM   768  C CE1 . PHE B 1 54  ? -0.708  -1.514  8.948   1.00 19.63 ? 54  PHE B CE1 1 
ATOM   769  C CE2 . PHE B 1 54  ? -1.026  -3.890  9.244   1.00 19.57 ? 54  PHE B CE2 1 
ATOM   770  C CZ  . PHE B 1 54  ? -0.826  -2.619  9.791   1.00 19.70 ? 54  PHE B CZ  1 
ATOM   771  N N   . ASP B 1 55  ? 1.210   -4.982  4.977   1.00 11.13 ? 55  ASP B N   1 
ATOM   772  C CA  . ASP B 1 55  ? 2.177   -6.049  5.334   1.00 12.19 ? 55  ASP B CA  1 
ATOM   773  C C   . ASP B 1 55  ? 3.639   -5.691  5.028   1.00 12.27 ? 55  ASP B C   1 
ATOM   774  O O   . ASP B 1 55  ? 4.547   -6.043  5.769   1.00 12.30 ? 55  ASP B O   1 
ATOM   775  C CB  . ASP B 1 55  ? 1.849   -7.337  4.575   1.00 13.10 ? 55  ASP B CB  1 
ATOM   776  C CG  . ASP B 1 55  ? 0.472   -7.916  4.930   1.00 14.60 ? 55  ASP B CG  1 
ATOM   777  O OD1 . ASP B 1 55  ? -0.163  -7.465  5.916   1.00 16.37 ? 55  ASP B OD1 1 
ATOM   778  O OD2 . ASP B 1 55  ? 0.015   -8.834  4.208   1.00 15.73 ? 55  ASP B OD2 1 
ATOM   779  N N   . HIS B 1 56  ? 3.852   -4.986  3.932   1.00 12.50 ? 56  HIS B N   1 
ATOM   780  C CA  . HIS B 1 56  ? 5.153   -4.462  3.602   1.00 12.92 ? 56  HIS B CA  1 
ATOM   781  C C   . HIS B 1 56  ? 5.696   -3.530  4.685   1.00 13.67 ? 56  HIS B C   1 
ATOM   782  O O   . HIS B 1 56  ? 6.876   -3.625  5.036   1.00 13.98 ? 56  HIS B O   1 
ATOM   783  C CB  . HIS B 1 56  ? 5.086   -3.698  2.279   1.00 13.10 ? 56  HIS B CB  1 
ATOM   784  C CG  . HIS B 1 56  ? 6.411   -3.212  1.801   1.00 13.04 ? 56  HIS B CG  1 
ATOM   785  N ND1 . HIS B 1 56  ? 6.869   -1.942  2.062   1.00 13.23 ? 56  HIS B ND1 1 
ATOM   786  C CD2 . HIS B 1 56  ? 7.384   -3.828  1.092   1.00 13.18 ? 56  HIS B CD2 1 
ATOM   787  C CE1 . HIS B 1 56  ? 8.071   -1.796  1.532   1.00 13.12 ? 56  HIS B CE1 1 
ATOM   788  N NE2 . HIS B 1 56  ? 8.402   -2.924  0.933   1.00 13.03 ? 56  HIS B NE2 1 
ATOM   789  N N   . GLN B 1 57  ? 4.864   -2.628  5.209   1.00 14.33 ? 57  GLN B N   1 
ATOM   790  C CA  . GLN B 1 57  ? 5.347   -1.698  6.224   1.00 15.60 ? 57  GLN B CA  1 
ATOM   791  C C   . GLN B 1 57  ? 5.629   -2.382  7.578   1.00 15.76 ? 57  GLN B C   1 
ATOM   792  O O   . GLN B 1 57  ? 6.554   -1.993  8.272   1.00 14.37 ? 57  GLN B O   1 
ATOM   793  C CB  . GLN B 1 57  ? 4.471   -0.432  6.330   1.00 16.18 ? 57  GLN B CB  1 
ATOM   794  C CG  . GLN B 1 57  ? 3.355   -0.419  7.344   1.00 17.12 ? 57  GLN B CG  1 
ATOM   795  C CD  . GLN B 1 57  ? 3.765   -0.038  8.770   1.00 17.79 ? 57  GLN B CD  1 
ATOM   796  O OE1 . GLN B 1 57  ? 4.406   0.994   8.983   1.00 18.26 ? 57  GLN B OE1 1 
ATOM   797  N NE2 . GLN B 1 57  ? 3.358   -0.853  9.756   1.00 18.01 ? 57  GLN B NE2 1 
ATOM   798  N N   . GLN B 1 58  ? 4.857   -3.408  7.911   1.00 17.41 ? 58  GLN B N   1 
ATOM   799  C CA  . GLN B 1 58  ? 5.093   -4.198  9.120   1.00 19.24 ? 58  GLN B CA  1 
ATOM   800  C C   . GLN B 1 58  ? 6.399   -4.993  9.064   1.00 19.39 ? 58  GLN B C   1 
ATOM   801  O O   . GLN B 1 58  ? 7.156   -5.010  10.021  1.00 18.14 ? 58  GLN B O   1 
ATOM   802  C CB  . GLN B 1 58  ? 3.920   -5.144  9.368   1.00 20.87 ? 58  GLN B CB  1 
ATOM   803  C CG  . GLN B 1 58  ? 2.641   -4.382  9.627   1.00 23.24 ? 58  GLN B CG  1 
ATOM   804  C CD  . GLN B 1 58  ? 2.412   -4.080  11.105  1.00 26.10 ? 58  GLN B CD  1 
ATOM   805  O OE1 . GLN B 1 58  ? 2.641   -2.946  11.567  1.00 27.07 ? 58  GLN B OE1 1 
ATOM   806  N NE2 . GLN B 1 58  ? 1.942   -5.085  11.855  1.00 26.97 ? 58  GLN B NE2 1 
ATOM   807  N N   . LEU B 1 59  ? 6.637   -5.668  7.937   1.00 20.73 ? 59  LEU B N   1 
ATOM   808  C CA  . LEU B 1 59  ? 7.923   -6.338  7.659   1.00 20.62 ? 59  LEU B CA  1 
ATOM   809  C C   . LEU B 1 59  ? 9.106   -5.373  7.758   1.00 20.56 ? 59  LEU B C   1 
ATOM   810  O O   . LEU B 1 59  ? 10.127  -5.704  8.324   1.00 20.67 ? 59  LEU B O   1 
ATOM   811  C CB  . LEU B 1 59  ? 7.922   -6.918  6.246   1.00 21.42 ? 59  LEU B CB  1 
ATOM   812  C CG  . LEU B 1 59  ? 7.737   -8.409  6.017   1.00 21.90 ? 59  LEU B CG  1 
ATOM   813  C CD1 . LEU B 1 59  ? 7.485   -8.687  4.544   1.00 22.08 ? 59  LEU B CD1 1 
ATOM   814  C CD2 . LEU B 1 59  ? 8.974   -9.154  6.488   1.00 22.52 ? 59  LEU B CD2 1 
ATOM   815  N N   . ALA B 1 60  ? 8.961   -4.185  7.183   1.00 20.50 ? 60  ALA B N   1 
ATOM   816  C CA  . ALA B 1 60  ? 10.023  -3.206  7.190   1.00 20.87 ? 60  ALA B CA  1 
ATOM   817  C C   . ALA B 1 60  ? 10.374  -2.731  8.599   1.00 22.26 ? 60  ALA B C   1 
ATOM   818  O O   . ALA B 1 60  ? 11.549  -2.508  8.890   1.00 21.07 ? 60  ALA B O   1 
ATOM   819  C CB  . ALA B 1 60  ? 9.656   -2.025  6.308   1.00 20.41 ? 60  ALA B CB  1 
ATOM   820  N N   . LYS B 1 61  ? 9.366   -2.551  9.459   1.00 24.81 ? 61  LYS B N   1 
ATOM   821  C CA  . LYS B 1 61  ? 9.606   -2.186  10.865  1.00 27.26 ? 61  LYS B CA  1 
ATOM   822  C C   . LYS B 1 61  ? 10.252  -3.330  11.601  1.00 25.37 ? 61  LYS B C   1 
ATOM   823  O O   . LYS B 1 61  ? 11.210  -3.123  12.331  1.00 24.56 ? 61  LYS B O   1 
ATOM   824  C CB  . LYS B 1 61  ? 8.316   -1.762  11.599  1.00 31.43 ? 61  LYS B CB  1 
ATOM   825  C CG  . LYS B 1 61  ? 7.613   -0.523  11.044  1.00 36.89 ? 61  LYS B CG  1 
ATOM   826  C CD  . LYS B 1 61  ? 8.569   0.546   10.487  1.00 43.17 ? 61  LYS B CD  1 
ATOM   827  C CE  . LYS B 1 61  ? 7.953   1.370   9.347   1.00 49.96 ? 61  LYS B CE  1 
ATOM   828  N NZ  . LYS B 1 61  ? 6.947   2.387   9.803   1.00 53.26 ? 61  LYS B NZ  1 
ATOM   829  N N   . LEU B 1 62  ? 9.731   -4.537  11.405  1.00 25.02 ? 62  LEU B N   1 
ATOM   830  C CA  . LEU B 1 62  ? 10.304  -5.733  12.019  1.00 24.79 ? 62  LEU B CA  1 
ATOM   831  C C   . LEU B 1 62  ? 11.785  -5.847  11.706  1.00 25.20 ? 62  LEU B C   1 
ATOM   832  O O   . LEU B 1 62  ? 12.561  -6.194  12.559  1.00 24.38 ? 62  LEU B O   1 
ATOM   833  C CB  . LEU B 1 62  ? 9.618   -6.986  11.489  1.00 24.44 ? 62  LEU B CB  1 
ATOM   834  C CG  . LEU B 1 62  ? 9.101   -7.991  12.509  1.00 24.67 ? 62  LEU B CG  1 
ATOM   835  C CD1 . LEU B 1 62  ? 9.103   -9.404  11.918  1.00 24.73 ? 62  LEU B CD1 1 
ATOM   836  C CD2 . LEU B 1 62  ? 9.902   -7.961  13.808  1.00 24.82 ? 62  LEU B CD2 1 
ATOM   837  N N   . ILE B 1 63  ? 12.141  -5.576  10.451  1.00 27.34 ? 63  ILE B N   1 
ATOM   838  C CA  . ILE B 1 63  ? 13.518  -5.633  9.956   1.00 28.76 ? 63  ILE B CA  1 
ATOM   839  C C   . ILE B 1 63  ? 14.407  -4.604  10.647  1.00 31.22 ? 63  ILE B C   1 
ATOM   840  O O   . ILE B 1 63  ? 15.528  -4.923  11.018  1.00 31.91 ? 63  ILE B O   1 
ATOM   841  C CB  . ILE B 1 63  ? 13.576  -5.431  8.410   1.00 27.40 ? 63  ILE B CB  1 
ATOM   842  C CG1 . ILE B 1 63  ? 13.177  -6.711  7.692   1.00 26.52 ? 63  ILE B CG1 1 
ATOM   843  C CG2 . ILE B 1 63  ? 14.957  -5.012  7.932   1.00 26.61 ? 63  ILE B CG2 1 
ATOM   844  C CD1 . ILE B 1 63  ? 12.977  -6.524  6.204   1.00 26.65 ? 63  ILE B CD1 1 
ATOM   845  N N   . GLN B 1 64  ? 13.911  -3.386  10.831  1.00 36.15 ? 64  GLN B N   1 
ATOM   846  C CA  . GLN B 1 64  ? 14.707  -2.328  11.444  1.00 42.51 ? 64  GLN B CA  1 
ATOM   847  C C   . GLN B 1 64  ? 14.985  -2.656  12.914  1.00 46.38 ? 64  GLN B C   1 
ATOM   848  O O   . GLN B 1 64  ? 16.012  -2.249  13.449  1.00 52.43 ? 64  GLN B O   1 
ATOM   849  C CB  . GLN B 1 64  ? 14.029  -0.950  11.325  1.00 45.53 ? 64  GLN B CB  1 
ATOM   850  C CG  . GLN B 1 64  ? 14.191  -0.256  9.973   1.00 53.37 ? 64  GLN B CG  1 
ATOM   851  C CD  . GLN B 1 64  ? 15.637  -0.194  9.446   1.00 60.03 ? 64  GLN B CD  1 
ATOM   852  O OE1 . GLN B 1 64  ? 16.570  0.230   10.149  1.00 66.62 ? 64  GLN B OE1 1 
ATOM   853  N NE2 . GLN B 1 64  ? 15.821  -0.597  8.183   1.00 62.12 ? 64  GLN B NE2 1 
ATOM   854  N N   . GLU B 1 65  ? 14.100  -3.419  13.554  1.00 46.48 ? 65  GLU B N   1 
ATOM   855  C CA  . GLU B 1 65  ? 14.238  -3.703  14.985  1.00 47.42 ? 65  GLU B CA  1 
ATOM   856  C C   . GLU B 1 65  ? 14.609  -5.165  15.265  1.00 45.85 ? 65  GLU B C   1 
ATOM   857  O O   . GLU B 1 65  ? 14.538  -5.629  16.406  1.00 42.15 ? 65  GLU B O   1 
ATOM   858  C CB  . GLU B 1 65  ? 12.973  -3.213  15.709  1.00 50.59 ? 65  GLU B CB  1 
ATOM   859  C CG  . GLU B 1 65  ? 11.673  -3.917  15.355  1.00 54.33 ? 65  GLU B CG  1 
ATOM   860  C CD  . GLU B 1 65  ? 10.466  -3.013  15.579  1.00 59.65 ? 65  GLU B CD  1 
ATOM   861  O OE1 . GLU B 1 65  ? 10.664  -1.900  16.139  1.00 61.91 ? 65  GLU B OE1 1 
ATOM   862  O OE2 . GLU B 1 65  ? 9.330   -3.413  15.201  1.00 60.38 ? 65  GLU B OE2 1 
ATOM   863  N N   . SER B 1 66  ? 15.051  -5.867  14.215  1.00 47.07 ? 66  SER B N   1 
ATOM   864  C CA  . SER B 1 66  ? 15.587  -7.227  14.337  1.00 44.83 ? 66  SER B CA  1 
ATOM   865  C C   . SER B 1 66  ? 16.968  -7.167  14.971  1.00 42.54 ? 66  SER B C   1 
ATOM   866  O O   . SER B 1 66  ? 17.824  -6.379  14.532  1.00 40.38 ? 66  SER B O   1 
ATOM   867  C CB  . SER B 1 66  ? 15.687  -7.932  12.981  1.00 45.21 ? 66  SER B CB  1 
ATOM   868  O OG  . SER B 1 66  ? 14.503  -8.647  12.703  1.00 46.44 ? 66  SER B OG  1 
ATOM   869  N N   . PRO B 1 67  ? 17.188  -7.986  16.019  1.00 41.06 ? 67  PRO B N   1 
ATOM   870  C CA  . PRO B 1 67  ? 18.519  -8.050  16.640  1.00 39.09 ? 67  PRO B CA  1 
ATOM   871  C C   . PRO B 1 67  ? 19.515  -8.817  15.761  1.00 38.59 ? 67  PRO B C   1 
ATOM   872  O O   . PRO B 1 67  ? 20.532  -8.263  15.329  1.00 39.70 ? 67  PRO B O   1 
ATOM   873  C CB  . PRO B 1 67  ? 18.261  -8.766  17.964  1.00 38.34 ? 67  PRO B CB  1 
ATOM   874  C CG  . PRO B 1 67  ? 16.933  -9.436  17.843  1.00 38.60 ? 67  PRO B CG  1 
ATOM   875  C CD  . PRO B 1 67  ? 16.194  -8.851  16.688  1.00 38.53 ? 67  PRO B CD  1 
ATOM   876  N N   . THR B 1 68  ? 19.180  -10.069 15.467  1.00 36.97 ? 68  THR B N   1 
ATOM   877  C CA  . THR B 1 68  ? 20.062  -10.977 14.735  1.00 35.83 ? 68  THR B CA  1 
ATOM   878  C C   . THR B 1 68  ? 20.193  -10.658 13.242  1.00 35.89 ? 68  THR B C   1 
ATOM   879  O O   . THR B 1 68  ? 19.243  -10.204 12.637  1.00 35.44 ? 68  THR B O   1 
ATOM   880  C CB  . THR B 1 68  ? 19.556  -12.429 14.894  1.00 35.63 ? 68  THR B CB  1 
ATOM   881  O OG1 . THR B 1 68  ? 19.142  -12.634 16.250  1.00 38.97 ? 68  THR B OG1 1 
ATOM   882  C CG2 . THR B 1 68  ? 20.651  -13.390 14.597  1.00 37.84 ? 68  THR B CG2 1 
ATOM   883  N N   . VAL B 1 69  ? 21.362  -10.916 12.646  1.00 35.73 ? 69  VAL B N   1 
ATOM   884  C CA  . VAL B 1 69  ? 21.519  -10.844 11.187  1.00 36.36 ? 69  VAL B CA  1 
ATOM   885  C C   . VAL B 1 69  ? 20.891  -12.035 10.460  1.00 33.27 ? 69  VAL B C   1 
ATOM   886  O O   . VAL B 1 69  ? 20.480  -11.909 9.312   1.00 33.92 ? 69  VAL B O   1 
ATOM   887  C CB  . VAL B 1 69  ? 23.005  -10.725 10.746  1.00 39.71 ? 69  VAL B CB  1 
ATOM   888  C CG1 . VAL B 1 69  ? 23.735  -12.057 10.875  1.00 40.28 ? 69  VAL B CG1 1 
ATOM   889  C CG2 . VAL B 1 69  ? 23.106  -10.199 9.312   1.00 41.03 ? 69  VAL B CG2 1 
ATOM   890  N N   . GLU B 1 70  ? 20.833  -13.189 11.109  1.00 30.93 ? 70  GLU B N   1 
ATOM   891  C CA  . GLU B 1 70  ? 20.117  -14.345 10.558  1.00 31.06 ? 70  GLU B CA  1 
ATOM   892  C C   . GLU B 1 70  ? 18.663  -14.014 10.213  1.00 29.36 ? 70  GLU B C   1 
ATOM   893  O O   . GLU B 1 70  ? 18.173  -14.336 9.124   1.00 27.98 ? 70  GLU B O   1 
ATOM   894  C CB  . GLU B 1 70  ? 20.117  -15.515 11.562  1.00 31.74 ? 70  GLU B CB  1 
ATOM   895  C CG  . GLU B 1 70  ? 21.375  -16.403 11.605  1.00 32.84 ? 70  GLU B CG  1 
ATOM   896  C CD  . GLU B 1 70  ? 22.579  -15.811 12.345  1.00 33.07 ? 70  GLU B CD  1 
ATOM   897  O OE1 . GLU B 1 70  ? 22.517  -14.656 12.832  1.00 32.65 ? 70  GLU B OE1 1 
ATOM   898  O OE2 . GLU B 1 70  ? 23.609  -16.530 12.437  1.00 33.96 ? 70  GLU B OE2 1 
ATOM   899  N N   . LEU B 1 71  ? 17.981  -13.397 11.172  1.00 27.76 ? 71  LEU B N   1 
ATOM   900  C CA  . LEU B 1 71  ? 16.591  -13.040 11.029  1.00 27.56 ? 71  LEU B CA  1 
ATOM   901  C C   . LEU B 1 71  ? 16.390  -11.866 10.084  1.00 26.33 ? 71  LEU B C   1 
ATOM   902  O O   . LEU B 1 71  ? 15.466  -11.892 9.285   1.00 25.90 ? 71  LEU B O   1 
ATOM   903  C CB  . LEU B 1 71  ? 16.030  -12.693 12.400  1.00 28.35 ? 71  LEU B CB  1 
ATOM   904  C CG  . LEU B 1 71  ? 14.559  -12.290 12.482  1.00 28.92 ? 71  LEU B CG  1 
ATOM   905  C CD1 . LEU B 1 71  ? 13.603  -13.440 12.154  1.00 28.73 ? 71  LEU B CD1 1 
ATOM   906  C CD2 . LEU B 1 71  ? 14.300  -11.727 13.870  1.00 28.92 ? 71  LEU B CD2 1 
ATOM   907  N N   . LYS B 1 72  ? 17.225  -10.840 10.184  1.00 25.43 ? 72  LYS B N   1 
ATOM   908  C CA  . LYS B 1 72  ? 17.155  -9.733  9.238   1.00 26.57 ? 72  LYS B CA  1 
ATOM   909  C C   . LYS B 1 72  ? 17.211  -10.230 7.802   1.00 26.49 ? 72  LYS B C   1 
ATOM   910  O O   . LYS B 1 72  ? 16.444  -9.775  6.974   1.00 25.77 ? 72  LYS B O   1 
ATOM   911  C CB  . LYS B 1 72  ? 18.295  -8.744  9.419   1.00 28.30 ? 72  LYS B CB  1 
ATOM   912  C CG  . LYS B 1 72  ? 18.080  -7.703  10.495  1.00 30.46 ? 72  LYS B CG  1 
ATOM   913  C CD  . LYS B 1 72  ? 19.195  -6.675  10.417  1.00 32.85 ? 72  LYS B CD  1 
ATOM   914  C CE  . LYS B 1 72  ? 19.406  -5.884  11.728  1.00 33.67 ? 72  LYS B CE  1 
ATOM   915  N NZ  . LYS B 1 72  ? 18.298  -4.933  12.007  1.00 34.91 ? 72  LYS B NZ  1 
ATOM   916  N N   . ASP B 1 73  ? 18.109  -11.170 7.516   1.00 27.00 ? 73  ASP B N   1 
ATOM   917  C CA  . ASP B 1 73  ? 18.210  -11.738 6.172   1.00 28.23 ? 73  ASP B CA  1 
ATOM   918  C C   . ASP B 1 73  ? 16.968  -12.521 5.761   1.00 25.46 ? 73  ASP B C   1 
ATOM   919  O O   . ASP B 1 73  ? 16.515  -12.376 4.634   1.00 23.68 ? 73  ASP B O   1 
ATOM   920  C CB  . ASP B 1 73  ? 19.444  -12.635 6.032   1.00 31.87 ? 73  ASP B CB  1 
ATOM   921  C CG  . ASP B 1 73  ? 19.797  -12.950 4.555   1.00 38.43 ? 73  ASP B CG  1 
ATOM   922  O OD1 . ASP B 1 73  ? 19.184  -12.375 3.609   1.00 43.47 ? 73  ASP B OD1 1 
ATOM   923  O OD2 . ASP B 1 73  ? 20.712  -13.778 4.332   1.00 43.01 ? 73  ASP B OD2 1 
ATOM   924  N N   . LYS B 1 74  ? 16.433  -13.350 6.653   1.00 24.76 ? 74  LYS B N   1 
ATOM   925  C CA  . LYS B 1 74  ? 15.193  -14.083 6.364   1.00 25.61 ? 74  LYS B CA  1 
ATOM   926  C C   . LYS B 1 74  ? 14.031  -13.142 6.011   1.00 23.21 ? 74  LYS B C   1 
ATOM   927  O O   . LYS B 1 74  ? 13.233  -13.436 5.115   1.00 21.87 ? 74  LYS B O   1 
ATOM   928  C CB  . LYS B 1 74  ? 14.773  -14.954 7.550   1.00 29.07 ? 74  LYS B CB  1 
ATOM   929  C CG  . LYS B 1 74  ? 15.558  -16.248 7.707   1.00 32.89 ? 74  LYS B CG  1 
ATOM   930  C CD  . LYS B 1 74  ? 15.364  -16.797 9.124   1.00 38.04 ? 74  LYS B CD  1 
ATOM   931  C CE  . LYS B 1 74  ? 16.168  -18.059 9.489   1.00 41.63 ? 74  LYS B CE  1 
ATOM   932  N NZ  . LYS B 1 74  ? 15.640  -19.294 8.821   1.00 42.90 ? 74  LYS B NZ  1 
ATOM   933  N N   . LEU B 1 75  ? 13.943  -12.025 6.730   1.00 21.00 ? 75  LEU B N   1 
ATOM   934  C CA  . LEU B 1 75  ? 12.866  -11.044 6.539   1.00 19.70 ? 75  LEU B CA  1 
ATOM   935  C C   . LEU B 1 75  ? 13.057  -10.197 5.295   1.00 18.25 ? 75  LEU B C   1 
ATOM   936  O O   . LEU B 1 75  ? 12.092  -9.787  4.692   1.00 16.77 ? 75  LEU B O   1 
ATOM   937  C CB  . LEU B 1 75  ? 12.751  -10.126 7.771   1.00 19.02 ? 75  LEU B CB  1 
ATOM   938  C CG  . LEU B 1 75  ? 12.304  -10.757 9.095   1.00 18.35 ? 75  LEU B CG  1 
ATOM   939  C CD1 . LEU B 1 75  ? 12.290  -9.714  10.201  1.00 17.99 ? 75  LEU B CD1 1 
ATOM   940  C CD2 . LEU B 1 75  ? 10.940  -11.413 8.964   1.00 18.07 ? 75  LEU B CD2 1 
ATOM   941  N N   . GLU B 1 76  ? 14.307  -9.918  4.941   1.00 18.80 ? 76  GLU B N   1 
ATOM   942  C CA  . GLU B 1 76  ? 14.633  -9.165  3.728   1.00 19.71 ? 76  GLU B CA  1 
ATOM   943  C C   . GLU B 1 76  ? 14.363  -9.976  2.459   1.00 18.09 ? 76  GLU B C   1 
ATOM   944  O O   . GLU B 1 76  ? 13.981  -9.427  1.430   1.00 17.54 ? 76  GLU B O   1 
ATOM   945  C CB  . GLU B 1 76  ? 16.080  -8.659  3.773   1.00 22.29 ? 76  GLU B CB  1 
ATOM   946  C CG  . GLU B 1 76  ? 16.236  -7.439  4.689   1.00 27.06 ? 76  GLU B CG  1 
ATOM   947  C CD  . GLU B 1 76  ? 17.678  -7.059  5.031   1.00 31.89 ? 76  GLU B CD  1 
ATOM   948  O OE1 . GLU B 1 76  ? 18.597  -7.908  4.896   1.00 38.09 ? 76  GLU B OE1 1 
ATOM   949  O OE2 . GLU B 1 76  ? 17.890  -5.905  5.474   1.00 35.82 ? 76  GLU B OE2 1 
ATOM   950  N N   . CYS B 1 77  ? 14.560  -11.283 2.549   1.00 16.91 ? 77  CYS B N   1 
ATOM   951  C CA  . CYS B 1 77  ? 14.191  -12.186 1.469   1.00 16.54 ? 77  CYS B CA  1 
ATOM   952  C C   . CYS B 1 77  ? 12.686  -12.142 1.216   1.00 15.69 ? 77  CYS B C   1 
ATOM   953  O O   . CYS B 1 77  ? 12.244  -12.030 0.060   1.00 15.10 ? 77  CYS B O   1 
ATOM   954  C CB  . CYS B 1 77  ? 14.681  -13.612 1.752   1.00 16.91 ? 77  CYS B CB  1 
ATOM   955  S SG  . CYS B 1 77  ? 16.483  -13.716 1.659   1.00 18.39 ? 77  CYS B SG  1 
ATOM   956  N N   . GLU B 1 78  ? 11.910  -12.195 2.301   1.00 14.86 ? 78  GLU B N   1 
ATOM   957  C CA  . GLU B 1 78  ? 10.448  -12.128 2.229   1.00 14.75 ? 78  GLU B CA  1 
ATOM   958  C C   . GLU B 1 78  ? 9.928   -10.766 1.760   1.00 14.35 ? 78  GLU B C   1 
ATOM   959  O O   . GLU B 1 78  ? 8.985   -10.707 0.980   1.00 14.20 ? 78  GLU B O   1 
ATOM   960  C CB  . GLU B 1 78  ? 9.854   -12.463 3.583   1.00 15.63 ? 78  GLU B CB  1 
ATOM   961  C CG  . GLU B 1 78  ? 8.342   -12.277 3.644   1.00 16.92 ? 78  GLU B CG  1 
ATOM   962  C CD  . GLU B 1 78  ? 7.726   -12.841 4.923   1.00 17.83 ? 78  GLU B CD  1 
ATOM   963  O OE1 . GLU B 1 78  ? 8.511   -13.310 5.795   1.00 18.82 ? 78  GLU B OE1 1 
ATOM   964  O OE2 . GLU B 1 78  ? 6.464   -12.810 5.056   1.00 17.99 ? 78  GLU B OE2 1 
ATOM   965  N N   . LEU B 1 79  ? 10.548  -9.685  2.226   1.00 13.94 ? 79  LEU B N   1 
ATOM   966  C CA  . LEU B 1 79  ? 10.243  -8.346  1.751   1.00 14.02 ? 79  LEU B CA  1 
ATOM   967  C C   . LEU B 1 79  ? 10.447  -8.247  0.243   1.00 14.50 ? 79  LEU B C   1 
ATOM   968  O O   . LEU B 1 79  ? 9.640   -7.638  -0.454  1.00 14.41 ? 79  LEU B O   1 
ATOM   969  C CB  . LEU B 1 79  ? 11.108  -7.298  2.486   1.00 14.11 ? 79  LEU B CB  1 
ATOM   970  C CG  . LEU B 1 79  ? 10.728  -5.803  2.414   1.00 14.31 ? 79  LEU B CG  1 
ATOM   971  C CD1 . LEU B 1 79  ? 9.439   -5.530  3.164   1.00 14.73 ? 79  LEU B CD1 1 
ATOM   972  C CD2 . LEU B 1 79  ? 11.802  -4.895  2.977   1.00 14.20 ? 79  LEU B CD2 1 
ATOM   973  N N   . GLU B 1 80  ? 11.525  -8.830  -0.274  1.00 15.52 ? 80  GLU B N   1 
ATOM   974  C CA  . GLU B 1 80  ? 11.791  -8.748  -1.718  1.00 16.52 ? 80  GLU B CA  1 
ATOM   975  C C   . GLU B 1 80  ? 10.756  -9.531  -2.513  1.00 14.82 ? 80  GLU B C   1 
ATOM   976  O O   . GLU B 1 80  ? 10.384  -9.121  -3.598  1.00 14.94 ? 80  GLU B O   1 
ATOM   977  C CB  . GLU B 1 80  ? 13.203  -9.219  -2.074  1.00 18.69 ? 80  GLU B CB  1 
ATOM   978  C CG  . GLU B 1 80  ? 13.648  -8.770  -3.469  1.00 21.21 ? 80  GLU B CG  1 
ATOM   979  C CD  . GLU B 1 80  ? 13.960  -7.261  -3.626  1.00 24.88 ? 80  GLU B CD  1 
ATOM   980  O OE1 . GLU B 1 80  ? 14.969  -6.755  -3.054  1.00 27.16 ? 80  GLU B OE1 1 
ATOM   981  O OE2 . GLU B 1 80  ? 13.241  -6.569  -4.408  1.00 28.88 ? 80  GLU B OE2 1 
ATOM   982  N N   . ALA B 1 81  ? 10.303  -10.659 -1.991  1.00 13.30 ? 81  ALA B N   1 
ATOM   983  C CA  . ALA B 1 81  ? 9.246   -11.412 -2.651  1.00 12.61 ? 81  ALA B CA  1 
ATOM   984  C C   . ALA B 1 81  ? 7.934   -10.613 -2.662  1.00 12.74 ? 81  ALA B C   1 
ATOM   985  O O   . ALA B 1 81  ? 7.265   -10.490 -3.693  1.00 12.76 ? 81  ALA B O   1 
ATOM   986  C CB  . ALA B 1 81  ? 9.044   -12.743 -1.960  1.00 12.38 ? 81  ALA B CB  1 
ATOM   987  N N   . LEU B 1 82  ? 7.581   -10.047 -1.514  1.00 12.22 ? 82  LEU B N   1 
ATOM   988  C CA  . LEU B 1 82  ? 6.397   -9.232  -1.408  1.00 12.03 ? 82  LEU B CA  1 
ATOM   989  C C   . LEU B 1 82  ? 6.413   -8.059  -2.374  1.00 11.95 ? 82  LEU B C   1 
ATOM   990  O O   . LEU B 1 82  ? 5.400   -7.750  -2.992  1.00 12.15 ? 82  LEU B O   1 
ATOM   991  C CB  . LEU B 1 82  ? 6.267   -8.711  0.023   1.00 12.47 ? 82  LEU B CB  1 
ATOM   992  C CG  . LEU B 1 82  ? 5.031   -7.885  0.315   1.00 12.83 ? 82  LEU B CG  1 
ATOM   993  C CD1 . LEU B 1 82  ? 3.756   -8.588  -0.149  1.00 12.72 ? 82  LEU B CD1 1 
ATOM   994  C CD2 . LEU B 1 82  ? 4.997   -7.611  1.821   1.00 13.51 ? 82  LEU B CD2 1 
ATOM   995  N N   . VAL B 1 83  ? 7.557   -7.399  -2.503  1.00 11.63 ? 83  VAL B N   1 
ATOM   996  C CA  . VAL B 1 83  ? 7.713   -6.305  -3.471  1.00 11.72 ? 83  VAL B CA  1 
ATOM   997  C C   . VAL B 1 83  ? 7.459   -6.792  -4.911  1.00 11.56 ? 83  VAL B C   1 
ATOM   998  O O   . VAL B 1 83  ? 6.968   -6.035  -5.732  1.00 11.44 ? 83  VAL B O   1 
ATOM   999  C CB  . VAL B 1 83  ? 9.128   -5.669  -3.356  1.00 12.12 ? 83  VAL B CB  1 
ATOM   1000 C CG1 . VAL B 1 83  ? 9.449   -4.764  -4.536  1.00 12.36 ? 83  VAL B CG1 1 
ATOM   1001 C CG2 . VAL B 1 83  ? 9.243   -4.889  -2.063  1.00 12.39 ? 83  VAL B CG2 1 
ATOM   1002 N N   . GLY B 1 84  ? 7.820   -8.039  -5.221  1.00 11.37 ? 84  GLY B N   1 
ATOM   1003 C CA  . GLY B 1 84  ? 7.619   -8.595  -6.563  1.00 11.11 ? 84  GLY B CA  1 
ATOM   1004 C C   . GLY B 1 84  ? 6.139   -8.774  -6.823  1.00 11.21 ? 84  GLY B C   1 
ATOM   1005 O O   . GLY B 1 84  ? 5.644   -8.462  -7.899  1.00 10.93 ? 84  GLY B O   1 
ATOM   1006 N N   . ARG B 1 85  ? 5.434   -9.256  -5.813  1.00 11.57 ? 85  ARG B N   1 
ATOM   1007 C CA  . ARG B 1 85  ? 3.991   -9.439  -5.885  1.00 12.03 ? 85  ARG B CA  1 
ATOM   1008 C C   . ARG B 1 85  ? 3.278   -8.095  -5.939  1.00 11.95 ? 85  ARG B C   1 
ATOM   1009 O O   . ARG B 1 85  ? 2.303   -7.946  -6.670  1.00 12.78 ? 85  ARG B O   1 
ATOM   1010 C CB  . ARG B 1 85  ? 3.512   -10.278 -4.704  1.00 12.87 ? 85  ARG B CB  1 
ATOM   1011 C CG  . ARG B 1 85  ? 4.245   -11.625 -4.608  1.00 13.73 ? 85  ARG B CG  1 
ATOM   1012 C CD  . ARG B 1 85  ? 3.723   -12.512 -3.491  1.00 15.00 ? 85  ARG B CD  1 
ATOM   1013 N NE  . ARG B 1 85  ? 2.289   -12.373 -3.307  1.00 16.09 ? 85  ARG B NE  1 
ATOM   1014 C CZ  . ARG B 1 85  ? 1.650   -12.394 -2.132  1.00 17.50 ? 85  ARG B CZ  1 
ATOM   1015 N NH1 . ARG B 1 85  ? 2.307   -12.516 -0.992  1.00 17.88 ? 85  ARG B NH1 1 
ATOM   1016 N NH2 . ARG B 1 85  ? 0.329   -12.261 -2.097  1.00 18.77 ? 85  ARG B NH2 1 
ATOM   1017 N N   . MET B 1 86  ? 3.783   -7.095  -5.219  1.00 11.20 ? 86  MET B N   1 
ATOM   1018 C CA  . MET B 1 86  ? 3.238   -5.742  -5.317  1.00 10.70 ? 86  MET B CA  1 
ATOM   1019 C C   . MET B 1 86  ? 3.449   -5.095  -6.714  1.00 12.40 ? 86  MET B C   1 
ATOM   1020 O O   . MET B 1 86  ? 2.603   -4.328  -7.183  1.00 12.58 ? 86  MET B O   1 
ATOM   1021 C CB  . MET B 1 86  ? 3.839   -4.862  -4.223  1.00 19.12 ? 86  MET B CB  1 
ATOM   1022 C CG  . MET B 1 86  ? 3.266   -5.039  -2.800  1.00 17.85 ? 86  MET B CG  1 
ATOM   1023 S SD  . MET B 1 86  ? 4.212   -4.109  -1.572  1.00 16.00 ? 86  MET B SD  1 
ATOM   1024 C CE  . MET B 1 86  ? 3.613   -2.479  -1.963  1.00 16.47 ? 86  MET B CE  1 
ATOM   1025 N N   . GLU B 1 87  ? 4.565   -5.378  -7.382  1.00 14.93 ? 87  GLU B N   1 
ATOM   1026 C CA  . GLU B 1 87  ? 4.793   -4.895  -8.771  1.00 17.05 ? 87  GLU B CA  1 
ATOM   1027 C C   . GLU B 1 87  ? 3.820   -5.563  -9.744  1.00 16.09 ? 87  GLU B C   1 
ATOM   1028 O O   . GLU B 1 87  ? 3.175   -4.893  -10.528 1.00 16.48 ? 87  GLU B O   1 
ATOM   1029 C CB  . GLU B 1 87  ? 6.221   -5.172  -9.235  1.00 19.94 ? 87  GLU B CB  1 
ATOM   1030 C CG  . GLU B 1 87  ? 7.285   -4.461  -8.391  1.00 24.87 ? 87  GLU B CG  1 
ATOM   1031 C CD  . GLU B 1 87  ? 7.605   -3.018  -8.795  1.00 30.05 ? 87  GLU B CD  1 
ATOM   1032 O OE1 . GLU B 1 87  ? 7.008   -2.499  -9.785  1.00 36.04 ? 87  GLU B OE1 1 
ATOM   1033 O OE2 . GLU B 1 87  ? 8.477   -2.391  -8.103  1.00 34.73 ? 87  GLU B OE2 1 
ATOM   1034 N N   . ALA B 1 88  ? 3.718   -6.887  -9.681  1.00 15.47 ? 88  ALA B N   1 
ATOM   1035 C CA  . ALA B 1 88  ? 2.762   -7.646  -10.477 1.00 15.11 ? 88  ALA B CA  1 
ATOM   1036 C C   . ALA B 1 88  ? 1.339   -7.142  -10.261 1.00 15.55 ? 88  ALA B C   1 
ATOM   1037 O O   . ALA B 1 88  ? 0.605   -6.937  -11.217 1.00 16.04 ? 88  ALA B O   1 
ATOM   1038 C CB  . ALA B 1 88  ? 2.840   -9.121  -10.141 1.00 15.13 ? 88  ALA B CB  1 
ATOM   1039 N N   . LYS B 1 89  ? 0.955   -6.919  -9.009  1.00 15.16 ? 89  LYS B N   1 
ATOM   1040 C CA  . LYS B 1 89  ? -0.380  -6.415  -8.725  1.00 14.90 ? 89  LYS B CA  1 
ATOM   1041 C C   . LYS B 1 89  ? -0.629  -5.026  -9.297  1.00 15.17 ? 89  LYS B C   1 
ATOM   1042 O O   . LYS B 1 89  ? -1.741  -4.734  -9.739  1.00 15.51 ? 89  LYS B O   1 
ATOM   1043 C CB  . LYS B 1 89  ? -0.646  -6.397  -7.221  1.00 14.90 ? 89  LYS B CB  1 
ATOM   1044 C CG  . LYS B 1 89  ? -2.050  -5.976  -6.845  1.00 14.64 ? 89  LYS B CG  1 
ATOM   1045 C CD  . LYS B 1 89  ? -2.879  -7.148  -6.397  1.00 14.95 ? 89  LYS B CD  1 
ATOM   1046 C CE  . LYS B 1 89  ? -3.405  -7.982  -7.528  1.00 14.90 ? 89  LYS B CE  1 
ATOM   1047 N NZ  . LYS B 1 89  ? -3.327  -9.411  -7.147  1.00 14.89 ? 89  LYS B NZ  1 
ATOM   1048 N N   . ALA B 1 90  ? 0.378   -4.163  -9.263  1.00 15.55 ? 90  ALA B N   1 
ATOM   1049 C CA  . ALA B 1 90  ? 0.222   -2.800  -9.741  1.00 16.56 ? 90  ALA B CA  1 
ATOM   1050 C C   . ALA B 1 90  ? 0.037   -2.783  -11.257 1.00 18.54 ? 90  ALA B C   1 
ATOM   1051 O O   . ALA B 1 90  ? -0.670  -1.942  -11.792 1.00 19.47 ? 90  ALA B O   1 
ATOM   1052 C CB  . ALA B 1 90  ? 1.415   -1.965  -9.337  1.00 16.60 ? 90  ALA B CB  1 
ATOM   1053 N N   . ASN B 1 91  ? 0.688   -3.710  -11.949 1.00 20.71 ? 91  ASN B N   1 
ATOM   1054 C CA  . ASN B 1 91  ? 0.509   -3.883  -13.385 1.00 21.93 ? 91  ASN B CA  1 
ATOM   1055 C C   . ASN B 1 91  ? -0.895  -4.316  -13.747 1.00 22.75 ? 91  ASN B C   1 
ATOM   1056 O O   . ASN B 1 91  ? -1.463  -3.828  -14.716 1.00 21.78 ? 91  ASN B O   1 
ATOM   1057 C CB  . ASN B 1 91  ? 1.506   -4.898  -13.906 1.00 23.27 ? 91  ASN B CB  1 
ATOM   1058 C CG  . ASN B 1 91  ? 2.932   -4.352  -13.922 1.00 25.29 ? 91  ASN B CG  1 
ATOM   1059 O OD1 . ASN B 1 91  ? 3.159   -3.141  -13.764 1.00 26.07 ? 91  ASN B OD1 1 
ATOM   1060 N ND2 . ASN B 1 91  ? 3.909   -5.252  -14.065 1.00 26.97 ? 91  ASN B ND2 1 
ATOM   1061 N N   . GLN B 1 92  ? -1.458  -5.227  -12.956 1.00 23.44 ? 92  GLN B N   1 
ATOM   1062 C CA  . GLN B 1 92  ? -2.824  -5.671  -13.187 1.00 23.49 ? 92  GLN B CA  1 
ATOM   1063 C C   . GLN B 1 92  ? -3.741  -4.496  -13.068 1.00 24.38 ? 92  GLN B C   1 
ATOM   1064 O O   . GLN B 1 92  ? -4.652  -4.367  -13.860 1.00 25.28 ? 92  GLN B O   1 
ATOM   1065 C CB  . GLN B 1 92  ? -3.260  -6.731  -12.190 1.00 23.57 ? 92  GLN B CB  1 
ATOM   1066 C CG  . GLN B 1 92  ? -2.367  -7.947  -12.217 1.00 24.84 ? 92  GLN B CG  1 
ATOM   1067 C CD  . GLN B 1 92  ? -2.744  -9.033  -11.254 1.00 26.00 ? 92  GLN B CD  1 
ATOM   1068 O OE1 . GLN B 1 92  ? -2.013  -10.012 -11.126 1.00 31.50 ? 92  GLN B OE1 1 
ATOM   1069 N NE2 . GLN B 1 92  ? -3.835  -8.867  -10.543 1.00 25.73 ? 92  GLN B NE2 1 
ATOM   1070 N N   . ILE B 1 93  ? -3.515  -3.652  -12.059 1.00 24.92 ? 93  ILE B N   1 
ATOM   1071 C CA  . ILE B 1 93  ? -4.353  -2.488  -11.829 1.00 24.30 ? 93  ILE B CA  1 
ATOM   1072 C C   . ILE B 1 93  ? -4.199  -1.516  -12.997 1.00 26.23 ? 93  ILE B C   1 
ATOM   1073 O O   . ILE B 1 93  ? -5.175  -0.982  -13.485 1.00 26.10 ? 93  ILE B O   1 
ATOM   1074 C CB  . ILE B 1 93  ? -4.026  -1.792  -10.495 1.00 23.97 ? 93  ILE B CB  1 
ATOM   1075 C CG1 . ILE B 1 93  ? -4.416  -2.679  -9.304  1.00 23.60 ? 93  ILE B CG1 1 
ATOM   1076 C CG2 . ILE B 1 93  ? -4.789  -0.488  -10.366 1.00 24.66 ? 93  ILE B CG2 1 
ATOM   1077 C CD1 . ILE B 1 93  ? -3.805  -2.270  -7.978  1.00 23.31 ? 93  ILE B CD1 1 
ATOM   1078 N N   . THR B 1 94  ? -2.971  -1.288  -13.442 1.00 28.17 ? 94  THR B N   1 
ATOM   1079 C CA  . THR B 1 94  ? -2.694  -0.368  -14.552 1.00 29.83 ? 94  THR B CA  1 
ATOM   1080 C C   . THR B 1 94  ? -3.390  -0.839  -15.841 1.00 31.43 ? 94  THR B C   1 
ATOM   1081 O O   . THR B 1 94  ? -3.998  -0.046  -16.553 1.00 30.83 ? 94  THR B O   1 
ATOM   1082 C CB  . THR B 1 94  ? -1.162  -0.262  -14.787 1.00 29.62 ? 94  THR B CB  1 
ATOM   1083 O OG1 . THR B 1 94  ? -0.533  0.254   -13.608 1.00 29.41 ? 94  THR B OG1 1 
ATOM   1084 C CG2 . THR B 1 94  ? -0.823  0.649   -15.950 1.00 29.95 ? 94  THR B CG2 1 
ATOM   1085 N N   . LYS B 1 95  ? -3.253  -2.123  -16.145 1.00 32.86 ? 95  LYS B N   1 
ATOM   1086 C CA  . LYS B 1 95  ? -3.878  -2.720  -17.327 1.00 35.16 ? 95  LYS B CA  1 
ATOM   1087 C C   . LYS B 1 95  ? -5.415  -2.666  -17.298 1.00 34.44 ? 95  LYS B C   1 
ATOM   1088 O O   . LYS B 1 95  ? -6.032  -2.385  -18.303 1.00 35.91 ? 95  LYS B O   1 
ATOM   1089 C CB  . LYS B 1 95  ? -3.355  -4.140  -17.555 1.00 38.34 ? 95  LYS B CB  1 
ATOM   1090 C CG  . LYS B 1 95  ? -4.350  -5.273  -17.336 1.00 42.56 ? 95  LYS B CG  1 
ATOM   1091 C CD  . LYS B 1 95  ? -3.659  -6.645  -17.294 1.00 46.47 ? 95  LYS B CD  1 
ATOM   1092 C CE  . LYS B 1 95  ? -3.767  -7.405  -18.608 1.00 49.38 ? 95  LYS B CE  1 
ATOM   1093 N NZ  . LYS B 1 95  ? -2.420  -7.687  -19.172 1.00 52.82 ? 95  LYS B NZ  1 
ATOM   1094 N N   . VAL B 1 96  ? -6.035  -2.919  -16.155 1.00 33.67 ? 96  VAL B N   1 
ATOM   1095 C CA  . VAL B 1 96  ? -7.494  -2.835  -16.048 1.00 32.93 ? 96  VAL B CA  1 
ATOM   1096 C C   . VAL B 1 96  ? -7.994  -1.385  -16.218 1.00 34.83 ? 96  VAL B C   1 
ATOM   1097 O O   . VAL B 1 96  ? -9.064  -1.161  -16.767 1.00 34.37 ? 96  VAL B O   1 
ATOM   1098 C CB  . VAL B 1 96  ? -7.989  -3.468  -14.731 1.00 31.72 ? 96  VAL B CB  1 
ATOM   1099 C CG1 . VAL B 1 96  ? -9.480  -3.280  -14.550 1.00 31.62 ? 96  VAL B CG1 1 
ATOM   1100 C CG2 . VAL B 1 96  ? -7.670  -4.957  -14.727 1.00 32.32 ? 96  VAL B CG2 1 
ATOM   1101 N N   . ARG B 1 97  ? -7.208  -0.410  -15.778 1.00 37.52 ? 97  ARG B N   1 
ATOM   1102 C CA  . ARG B 1 97  ? -7.518  1.011   -15.997 1.00 39.73 ? 97  ARG B CA  1 
ATOM   1103 C C   . ARG B 1 97  ? -7.440  1.378   -17.480 1.00 41.14 ? 97  ARG B C   1 
ATOM   1104 O O   . ARG B 1 97  ? -8.252  2.162   -17.952 1.00 40.12 ? 97  ARG B O   1 
ATOM   1105 C CB  . ARG B 1 97  ? -6.540  1.910   -15.252 1.00 42.09 ? 97  ARG B CB  1 
ATOM   1106 C CG  . ARG B 1 97  ? -6.342  1.621   -13.773 1.00 44.72 ? 97  ARG B CG  1 
ATOM   1107 C CD  . ARG B 1 97  ? -7.240  2.436   -12.884 1.00 48.08 ? 97  ARG B CD  1 
ATOM   1108 N NE  . ARG B 1 97  ? -6.588  2.742   -11.600 1.00 53.91 ? 97  ARG B NE  1 
ATOM   1109 C CZ  . ARG B 1 97  ? -7.076  3.577   -10.684 1.00 57.92 ? 97  ARG B CZ  1 
ATOM   1110 N NH1 . ARG B 1 97  ? -8.233  4.209   -10.890 1.00 60.32 ? 97  ARG B NH1 1 
ATOM   1111 N NH2 . ARG B 1 97  ? -6.409  3.786   -9.555  1.00 58.81 ? 97  ARG B NH2 1 
ATOM   1112 N N   . LYS B 1 98  ? -6.444  0.845   -18.196 1.00 45.87 ? 98  LYS B N   1 
ATOM   1113 C CA  . LYS B 1 98  ? -6.336  1.037   -19.663 1.00 51.87 ? 98  LYS B CA  1 
ATOM   1114 C C   . LYS B 1 98  ? -7.512  0.374   -20.397 1.00 51.94 ? 98  LYS B C   1 
ATOM   1115 O O   . LYS B 1 98  ? -8.060  0.967   -21.304 1.00 57.45 ? 98  LYS B O   1 
ATOM   1116 C CB  . LYS B 1 98  ? -4.989  0.570   -20.278 1.00 55.55 ? 98  LYS B CB  1 
ATOM   1117 C CG  . LYS B 1 98  ? -4.750  -0.934  -20.371 1.00 61.09 ? 98  LYS B CG  1 
ATOM   1118 C CD  . LYS B 1 98  ? -4.154  -1.435  -21.702 1.00 64.71 ? 98  LYS B CD  1 
ATOM   1119 C CE  . LYS B 1 98  ? -4.357  -2.931  -21.917 1.00 63.16 ? 98  LYS B CE  1 
ATOM   1120 N NZ  . LYS B 1 98  ? -3.383  -3.636  -22.795 1.00 62.35 ? 98  LYS B NZ  1 
ATOM   1121 N N   . TYR B 1 99  ? -7.887  -0.839  -19.996 1.00 50.24 ? 99  TYR B N   1 
ATOM   1122 C CA  . TYR B 1 99  ? -9.096  -1.526  -20.498 1.00 48.84 ? 99  TYR B CA  1 
ATOM   1123 C C   . TYR B 1 99  ? -10.314 -0.633  -20.344 1.00 48.77 ? 99  TYR B C   1 
ATOM   1124 O O   . TYR B 1 99  ? -11.104 -0.506  -21.256 1.00 49.91 ? 99  TYR B O   1 
ATOM   1125 C CB  . TYR B 1 99  ? -9.393  -2.807  -19.695 1.00 48.68 ? 99  TYR B CB  1 
ATOM   1126 C CG  . TYR B 1 99  ? -8.544  -4.025  -19.990 1.00 50.83 ? 99  TYR B CG  1 
ATOM   1127 C CD1 . TYR B 1 99  ? -7.404  -3.969  -20.796 1.00 52.71 ? 99  TYR B CD1 1 
ATOM   1128 C CD2 . TYR B 1 99  ? -8.873  -5.244  -19.412 1.00 51.08 ? 99  TYR B CD2 1 
ATOM   1129 C CE1 . TYR B 1 99  ? -6.651  -5.113  -21.033 1.00 55.43 ? 99  TYR B CE1 1 
ATOM   1130 C CE2 . TYR B 1 99  ? -8.129  -6.383  -19.641 1.00 52.11 ? 99  TYR B CE2 1 
ATOM   1131 C CZ  . TYR B 1 99  ? -7.019  -6.313  -20.452 1.00 54.98 ? 99  TYR B CZ  1 
ATOM   1132 O OH  . TYR B 1 99  ? -6.266  -7.443  -20.686 1.00 59.53 ? 99  TYR B OH  1 
ATOM   1133 N N   . GLN B 1 100 ? -10.466 -0.038  -19.165 1.00 49.17 ? 100 GLN B N   1 
ATOM   1134 C CA  . GLN B 1 100 ? -11.584 0.859   -18.889 1.00 48.09 ? 100 GLN B CA  1 
ATOM   1135 C C   . GLN B 1 100 ? -11.524 2.130   -19.719 1.00 50.44 ? 100 GLN B C   1 
ATOM   1136 O O   . GLN B 1 100 ? -12.545 2.583   -20.214 1.00 52.35 ? 100 GLN B O   1 
ATOM   1137 C CB  . GLN B 1 100 ? -11.601 1.268   -17.419 1.00 47.30 ? 100 GLN B CB  1 
ATOM   1138 C CG  . GLN B 1 100 ? -12.291 0.299   -16.483 1.00 47.04 ? 100 GLN B CG  1 
ATOM   1139 C CD  . GLN B 1 100 ? -12.266 0.796   -15.050 1.00 45.72 ? 100 GLN B CD  1 
ATOM   1140 O OE1 . GLN B 1 100 ? -11.388 1.565   -14.664 1.00 45.27 ? 100 GLN B OE1 1 
ATOM   1141 N NE2 . GLN B 1 100 ? -13.246 0.386   -14.265 1.00 47.08 ? 100 GLN B NE2 1 
ATOM   1142 N N   . ALA B 1 101 ? -10.336 2.722   -19.825 1.00 52.84 ? 101 ALA B N   1 
ATOM   1143 C CA  . ALA B 1 101 ? -10.139 3.976   -20.552 1.00 56.26 ? 101 ALA B CA  1 
ATOM   1144 C C   . ALA B 1 101 ? -10.295 3.805   -22.060 1.00 60.86 ? 101 ALA B C   1 
ATOM   1145 O O   . ALA B 1 101 ? -11.064 4.530   -22.682 1.00 64.38 ? 101 ALA B O   1 
ATOM   1146 C CB  . ALA B 1 101 ? -8.772  4.550   -20.242 1.00 57.63 ? 101 ALA B CB  1 
ATOM   1147 N N   . GLN B 1 102 ? -9.581  2.841   -22.639 1.00 65.89 ? 102 GLN B N   1 
ATOM   1148 C CA  . GLN B 1 102 ? -9.649  2.566   -24.062 1.00 73.30 ? 102 GLN B CA  1 
ATOM   1149 C C   . GLN B 1 102 ? -10.892 1.696   -24.281 1.00 76.06 ? 102 GLN B C   1 
ATOM   1150 O O   . GLN B 1 102 ? -10.790 0.543   -24.716 1.00 82.23 ? 102 GLN B O   1 
ATOM   1151 C CB  . GLN B 1 102 ? -8.376  1.833   -24.574 1.00 82.84 ? 102 GLN B CB  1 
ATOM   1152 C CG  . GLN B 1 102 ? -7.006  2.207   -23.951 1.00 91.09 ? 102 GLN B CG  1 
ATOM   1153 C CD  . GLN B 1 102 ? -6.623  3.689   -23.988 1.00 97.35 ? 102 GLN B CD  1 
ATOM   1154 O OE1 . GLN B 1 102 ? -5.730  4.139   -23.244 1.00 97.69 ? 102 GLN B OE1 1 
ATOM   1155 N NE2 . GLN B 1 102 ? -7.276  4.446   -24.857 1.00 99.93 ? 102 GLN B NE2 1 
ATOM   1156 N N   . LEU B 1 103 ? -12.058 2.265   -23.973 1.00 75.32 ? 103 LEU B N   1 
ATOM   1157 C CA  . LEU B 1 103 ? -13.348 1.539   -23.977 1.00 77.64 ? 103 LEU B CA  1 
ATOM   1158 C C   . LEU B 1 103 ? -14.500 2.527   -23.800 1.00 82.22 ? 103 LEU B C   1 
ATOM   1159 O O   . LEU B 1 103 ? -15.383 2.623   -24.660 1.00 85.85 ? 103 LEU B O   1 
ATOM   1160 C CB  . LEU B 1 103 ? -13.398 0.428   -22.910 1.00 75.73 ? 103 LEU B CB  1 
ATOM   1161 C CG  . LEU B 1 103 ? -14.651 -0.458  -22.807 1.00 74.72 ? 103 LEU B CG  1 
ATOM   1162 C CD1 . LEU B 1 103 ? -14.785 -1.324  -24.051 1.00 77.18 ? 103 LEU B CD1 1 
ATOM   1163 C CD2 . LEU B 1 103 ? -14.612 -1.329  -21.557 1.00 73.73 ? 103 LEU B CD2 1 
ATOM   1164 N N   . GLU B 1 104 ? -14.490 3.245   -22.679 1.00 85.43 ? 104 GLU B N   1 
ATOM   1165 C CA  . GLU B 1 104 ? -15.219 4.506   -22.559 1.00 90.34 ? 104 GLU B CA  1 
ATOM   1166 C C   . GLU B 1 104 ? -14.340 5.542   -23.266 1.00 91.05 ? 104 GLU B C   1 
ATOM   1167 O O   . GLU B 1 104 ? -13.647 6.334   -22.624 1.00 87.04 ? 104 GLU B O   1 
ATOM   1168 C CB  . GLU B 1 104 ? -15.489 4.863   -21.086 1.00 94.08 ? 104 GLU B CB  1 
ATOM   1169 C CG  . GLU B 1 104 ? -16.460 3.910   -20.385 1.00 99.28 ? 104 GLU B CG  1 
ATOM   1170 C CD  . GLU B 1 104 ? -16.279 3.838   -18.867 1.00 93.56 ? 104 GLU B CD  1 
ATOM   1171 O OE1 . GLU B 1 104 ? -15.166 4.123   -18.359 1.00 94.71 ? 104 GLU B OE1 1 
ATOM   1172 O OE2 . GLU B 1 104 ? -17.259 3.473   -18.173 1.00 93.13 ? 104 GLU B OE2 1 
ATOM   1173 N N   . LYS B 1 105 ? -14.374 5.493   -24.602 1.00 93.76 ? 105 LYS B N   1 
ATOM   1174 C CA  . LYS B 1 105 ? -13.497 6.270   -25.485 1.00 93.02 ? 105 LYS B CA  1 
ATOM   1175 C C   . LYS B 1 105 ? -14.326 7.105   -26.470 1.00 98.86 ? 105 LYS B C   1 
ATOM   1176 O O   . LYS B 1 105 ? -14.556 8.302   -26.274 1.00 93.90 ? 105 LYS B O   1 
ATOM   1177 C CB  . LYS B 1 105 ? -12.589 5.319   -26.271 1.00 89.21 ? 105 LYS B CB  1 
ATOM   1178 C CG  . LYS B 1 105 ? -13.314 4.558   -27.375 1.00 88.33 ? 105 LYS B CG  1 
ATOM   1179 C CD  . LYS B 1 105 ? -12.727 3.174   -27.616 1.00 89.06 ? 105 LYS B CD  1 
ATOM   1180 C CE  . LYS B 1 105 ? -13.603 2.350   -28.554 1.00 88.01 ? 105 LYS B CE  1 
ATOM   1181 N NZ  . LYS B 1 105 ? -15.018 2.247   -28.091 1.00 87.36 ? 105 LYS B NZ  1 
HETATM 1182 O O   . HOH C 2 .   ? -7.602  -7.862  13.256  1.00 34.64 ? 201 HOH A O   1 
HETATM 1183 O O   . HOH C 2 .   ? -4.663  -3.350  22.426  1.00 30.78 ? 202 HOH A O   1 
HETATM 1184 O O   . HOH C 2 .   ? -2.532  7.923   13.564  1.00 23.56 ? 203 HOH A O   1 
HETATM 1185 O O   . HOH C 2 .   ? -2.003  -4.686  15.187  1.00 32.59 ? 204 HOH A O   1 
HETATM 1186 O O   . HOH C 2 .   ? -7.327  1.783   -2.879  1.00 29.30 ? 205 HOH A O   1 
HETATM 1187 O O   . HOH C 2 .   ? -16.280 1.951   6.649   1.00 39.41 ? 206 HOH A O   1 
HETATM 1188 O O   . HOH C 2 .   ? 11.443  17.668  -11.933 1.00 30.97 ? 207 HOH A O   1 
HETATM 1189 O O   . HOH C 2 .   ? 3.068   14.828  6.759   1.00 31.52 ? 208 HOH A O   1 
HETATM 1190 O O   . HOH C 2 .   ? -3.745  9.572   9.497   1.00 12.82 ? 209 HOH A O   1 
HETATM 1191 O O   . HOH C 2 .   ? -1.421  11.412  -0.170  1.00 29.09 ? 210 HOH A O   1 
HETATM 1192 O O   . HOH C 2 .   ? 1.492   13.840  9.230   1.00 29.72 ? 211 HOH A O   1 
HETATM 1193 O O   . HOH C 2 .   ? 14.435  17.149  1.794   1.00 51.67 ? 212 HOH A O   1 
HETATM 1194 O O   . HOH C 2 .   ? -11.225 -7.827  9.271   1.00 33.48 ? 213 HOH A O   1 
HETATM 1195 O O   . HOH C 2 .   ? -16.661 -10.912 20.489  1.00 33.26 ? 214 HOH A O   1 
HETATM 1196 O O   . HOH C 2 .   ? 0.973   16.191  5.167   1.00 33.65 ? 215 HOH A O   1 
HETATM 1197 O O   . HOH C 2 .   ? -15.237 -0.142  2.498   1.00 35.57 ? 216 HOH A O   1 
HETATM 1198 O O   . HOH C 2 .   ? 8.251   18.268  4.542   1.00 48.58 ? 217 HOH A O   1 
HETATM 1199 O O   . HOH C 2 .   ? -12.262 4.303   -3.789  1.00 39.10 ? 218 HOH A O   1 
HETATM 1200 O O   . HOH C 2 .   ? -9.108  8.633   8.696   1.00 22.92 ? 219 HOH A O   1 
HETATM 1201 O O   . HOH C 2 .   ? -6.905  10.215  7.118   1.00 31.39 ? 220 HOH A O   1 
HETATM 1202 O O   . HOH C 2 .   ? -5.070  10.621  5.148   1.00 28.24 ? 221 HOH A O   1 
HETATM 1203 O O   . HOH C 2 .   ? 5.234   4.439   12.952  1.00 47.47 ? 222 HOH A O   1 
HETATM 1204 O O   . HOH C 2 .   ? -17.302 -2.738  19.967  1.00 42.58 ? 223 HOH A O   1 
HETATM 1205 O O   . HOH C 2 .   ? -21.332 -9.927  14.287  1.00 43.58 ? 224 HOH A O   1 
HETATM 1206 O O   . HOH C 2 .   ? -8.558  -8.558  10.470  1.00 39.75 ? 225 HOH A O   1 
HETATM 1207 O O   . HOH C 2 .   ? 16.153  8.181   -7.853  1.00 46.42 ? 226 HOH A O   1 
HETATM 1208 O O   . HOH C 2 .   ? -6.990  9.260   3.259   1.00 35.01 ? 227 HOH A O   1 
HETATM 1209 O O   . HOH C 2 .   ? 7.578   10.125  -15.608 1.00 46.02 ? 228 HOH A O   1 
HETATM 1210 O O   . HOH C 2 .   ? -0.384  -6.688  20.156  1.00 37.81 ? 229 HOH A O   1 
HETATM 1211 O O   . HOH C 2 .   ? -8.058  4.290   -5.366  1.00 48.44 ? 230 HOH A O   1 
HETATM 1212 O O   . HOH C 2 .   ? 8.358   12.255  7.562   1.00 56.33 ? 231 HOH A O   1 
HETATM 1213 O O   . HOH D 2 .   ? 14.808  -6.884  0.814   1.00 17.00 ? 201 HOH B O   1 
HETATM 1214 O O   . HOH D 2 .   ? 4.223   0.128   2.102   1.00 17.89 ? 202 HOH B O   1 
HETATM 1215 O O   . HOH D 2 .   ? 0.669   -9.736  1.997   1.00 17.79 ? 203 HOH B O   1 
HETATM 1216 O O   . HOH D 2 .   ? 23.873  -11.587 14.558  1.00 24.79 ? 204 HOH B O   1 
HETATM 1217 O O   . HOH D 2 .   ? -4.883  0.449   -2.751  1.00 26.31 ? 205 HOH B O   1 
HETATM 1218 O O   . HOH D 2 .   ? 2.227   0.244   -12.275 1.00 42.16 ? 206 HOH B O   1 
HETATM 1219 O O   . HOH D 2 .   ? 10.673  -14.860 6.392   1.00 20.84 ? 207 HOH B O   1 
HETATM 1220 O O   . HOH D 2 .   ? 18.886  -2.166  11.038  1.00 36.16 ? 208 HOH B O   1 
HETATM 1221 O O   . HOH D 2 .   ? -8.724  4.671   -16.517 1.00 35.26 ? 209 HOH B O   1 
HETATM 1222 O O   . HOH D 2 .   ? 13.489  -5.559  -0.703  1.00 23.22 ? 210 HOH B O   1 
HETATM 1223 O O   . HOH D 2 .   ? 6.115   -4.720  12.827  1.00 26.20 ? 211 HOH B O   1 
HETATM 1224 O O   . HOH D 2 .   ? -7.601  -3.850  1.872   1.00 22.23 ? 212 HOH B O   1 
HETATM 1225 O O   . HOH D 2 .   ? 10.817  0.842   17.830  1.00 54.04 ? 213 HOH B O   1 
HETATM 1226 O O   . HOH D 2 .   ? -5.686  7.135   -11.384 1.00 44.90 ? 214 HOH B O   1 
HETATM 1227 O O   . HOH D 2 .   ? -5.837  7.509   -8.591  1.00 43.24 ? 215 HOH B O   1 
HETATM 1228 O O   . HOH D 2 .   ? -0.926  -7.729  -15.435 1.00 43.86 ? 216 HOH B O   1 
HETATM 1229 O O   . HOH D 2 .   ? -14.395 8.468   -29.602 1.00 46.57 ? 217 HOH B O   1 
HETATM 1230 O O   . HOH D 2 .   ? 18.919  -3.984  16.266  1.00 28.93 ? 218 HOH B O   1 
HETATM 1231 O O   . HOH D 2 .   ? -15.674 0.160   -15.593 1.00 33.64 ? 219 HOH B O   1 
HETATM 1232 O O   . HOH D 2 .   ? -3.776  4.631   -26.474 1.00 55.14 ? 220 HOH B O   1 
HETATM 1233 O O   . HOH D 2 .   ? 1.097   -8.332  -13.799 1.00 37.02 ? 221 HOH B O   1 
HETATM 1234 O O   . HOH D 2 .   ? -14.328 -9.110  -16.718 1.00 43.18 ? 222 HOH B O   1 
HETATM 1235 O O   . HOH D 2 .   ? -4.017  1.759   -6.119  1.00 21.99 ? 223 HOH B O   1 
HETATM 1236 O O   . HOH D 2 .   ? -3.358  2.798   -16.497 1.00 33.82 ? 224 HOH B O   1 
HETATM 1237 O O   . HOH D 2 .   ? -2.499  -10.910 4.703   1.00 45.04 ? 225 HOH B O   1 
HETATM 1238 O O   . HOH D 2 .   ? -3.852  5.053   -9.489  1.00 31.37 ? 226 HOH B O   1 
HETATM 1239 O O   . HOH D 2 .   ? -11.342 7.682   -21.229 1.00 47.11 ? 227 HOH B O   1 
HETATM 1240 O O   . HOH D 2 .   ? -11.381 5.824   -16.687 1.00 41.31 ? 228 HOH B O   1 
# 
